data_1SF9
# 
_entry.id   1SF9 
# 
_audit_conform.dict_name       mmcif_pdbx.dic 
_audit_conform.dict_version    5.386 
_audit_conform.dict_location   http://mmcif.pdb.org/dictionaries/ascii/mmcif_pdbx.dic 
# 
loop_
_database_2.database_id 
_database_2.database_code 
_database_2.pdbx_database_accession 
_database_2.pdbx_DOI 
PDB   1SF9         pdb_00001sf9 10.2210/pdb1sf9/pdb 
RCSB  RCSB021659   ?            ?                   
WWPDB D_1000021659 ?            ?                   
# 
loop_
_pdbx_audit_revision_history.ordinal 
_pdbx_audit_revision_history.data_content_type 
_pdbx_audit_revision_history.major_revision 
_pdbx_audit_revision_history.minor_revision 
_pdbx_audit_revision_history.revision_date 
1 'Structure model' 1 0 2004-02-24 
2 'Structure model' 1 1 2008-04-29 
3 'Structure model' 1 2 2011-07-13 
4 'Structure model' 1 3 2024-02-14 
# 
_pdbx_audit_revision_details.ordinal             1 
_pdbx_audit_revision_details.revision_ordinal    1 
_pdbx_audit_revision_details.data_content_type   'Structure model' 
_pdbx_audit_revision_details.provider            repository 
_pdbx_audit_revision_details.type                'Initial release' 
_pdbx_audit_revision_details.description         ? 
_pdbx_audit_revision_details.details             ? 
# 
loop_
_pdbx_audit_revision_group.ordinal 
_pdbx_audit_revision_group.revision_ordinal 
_pdbx_audit_revision_group.data_content_type 
_pdbx_audit_revision_group.group 
1 2 'Structure model' 'Version format compliance' 
2 3 'Structure model' 'Version format compliance' 
3 4 'Structure model' 'Data collection'           
4 4 'Structure model' 'Database references'       
5 4 'Structure model' 'Derived calculations'      
# 
loop_
_pdbx_audit_revision_category.ordinal 
_pdbx_audit_revision_category.revision_ordinal 
_pdbx_audit_revision_category.data_content_type 
_pdbx_audit_revision_category.category 
1 4 'Structure model' chem_comp_atom     
2 4 'Structure model' chem_comp_bond     
3 4 'Structure model' database_2         
4 4 'Structure model' struct_conn        
5 4 'Structure model' struct_ref_seq_dif 
6 4 'Structure model' struct_site        
# 
loop_
_pdbx_audit_revision_item.ordinal 
_pdbx_audit_revision_item.revision_ordinal 
_pdbx_audit_revision_item.data_content_type 
_pdbx_audit_revision_item.item 
1  4 'Structure model' '_database_2.pdbx_DOI'                
2  4 'Structure model' '_database_2.pdbx_database_accession' 
3  4 'Structure model' '_struct_conn.ptnr1_auth_comp_id'     
4  4 'Structure model' '_struct_conn.ptnr1_auth_seq_id'      
5  4 'Structure model' '_struct_conn.ptnr1_label_asym_id'    
6  4 'Structure model' '_struct_conn.ptnr1_label_atom_id'    
7  4 'Structure model' '_struct_conn.ptnr1_label_comp_id'    
8  4 'Structure model' '_struct_conn.ptnr1_label_seq_id'     
9  4 'Structure model' '_struct_conn.ptnr2_auth_comp_id'     
10 4 'Structure model' '_struct_conn.ptnr2_auth_seq_id'      
11 4 'Structure model' '_struct_conn.ptnr2_label_asym_id'    
12 4 'Structure model' '_struct_conn.ptnr2_label_atom_id'    
13 4 'Structure model' '_struct_conn.ptnr2_label_comp_id'    
14 4 'Structure model' '_struct_conn.ptnr2_label_seq_id'     
15 4 'Structure model' '_struct_ref_seq_dif.details'         
16 4 'Structure model' '_struct_site.pdbx_auth_asym_id'      
17 4 'Structure model' '_struct_site.pdbx_auth_comp_id'      
18 4 'Structure model' '_struct_site.pdbx_auth_seq_id'       
# 
_pdbx_database_status.status_code                     REL 
_pdbx_database_status.entry_id                        1SF9 
_pdbx_database_status.recvd_initial_deposition_date   2004-02-19 
_pdbx_database_status.deposit_site                    RCSB 
_pdbx_database_status.process_site                    RCSB 
_pdbx_database_status.SG_entry                        Y 
_pdbx_database_status.status_code_sf                  REL 
_pdbx_database_status.pdb_format_compatible           Y 
_pdbx_database_status.status_code_mr                  ? 
_pdbx_database_status.status_code_cs                  ? 
_pdbx_database_status.status_code_nmr_data            ? 
_pdbx_database_status.methods_development_category    ? 
# 
_pdbx_database_related.db_name        TargetDB 
_pdbx_database_related.db_id          APC1145 
_pdbx_database_related.details        . 
_pdbx_database_related.content_type   unspecified 
# 
loop_
_audit_author.name 
_audit_author.pdbx_ordinal 
'Minasov, G.'                                   1 
'Shuvalova, L.'                                 2 
'Brunzelle, J.S.'                               3 
'Kim, D.E.'                                     4 
'Collart, F.R.'                                 5 
'Anderson, W.F.'                                6 
'Midwest Center for Structural Genomics (MCSG)' 7 
# 
_citation.id                        primary 
_citation.title                     'Crystal Structure of Bacillus Subtilis YfhH hypothetical protein' 
_citation.journal_abbrev            'To be Published' 
_citation.journal_volume            ? 
_citation.page_first                ? 
_citation.page_last                 ? 
_citation.year                      ? 
_citation.journal_id_ASTM           ? 
_citation.country                   ? 
_citation.journal_id_ISSN           ? 
_citation.journal_id_CSD            0353 
_citation.book_publisher            ? 
_citation.pdbx_database_id_PubMed   ? 
_citation.pdbx_database_id_DOI      ? 
# 
loop_
_citation_author.citation_id 
_citation_author.name 
_citation_author.ordinal 
_citation_author.identifier_ORCID 
primary 'Minasov, G.'     1 ? 
primary 'Shuvalova, L.'   2 ? 
primary 'Brunzelle, J.S.' 3 ? 
primary 'Kim, D.E.'       4 ? 
primary 'Collart, F.R.'   5 ? 
primary 'Anderson, W.F.'  6 ? 
# 
loop_
_entity.id 
_entity.type 
_entity.src_method 
_entity.pdbx_description 
_entity.formula_weight 
_entity.pdbx_number_of_molecules 
_entity.pdbx_ec 
_entity.pdbx_mutation 
_entity.pdbx_fragment 
_entity.details 
1 polymer     man 'yfhH hypothetical protein' 14766.347 1   ? ? ? ? 
2 non-polymer syn 'PLATINUM (II) ION'         195.078   1   ? ? ? ? 
3 non-polymer syn 'CHLORIDE ION'              35.453    1   ? ? ? ? 
4 water       nat water                       18.015    175 ? ? ? ? 
# 
_entity_poly.entity_id                      1 
_entity_poly.type                           'polypeptide(L)' 
_entity_poly.nstd_linkage                   no 
_entity_poly.nstd_monomer                   no 
_entity_poly.pdbx_seq_one_letter_code       
;MHHHHHHSSGVDLGTENLYFQSNAMEKRYSQMTPHELNTEIALLSEKARKAEQHGIINELAVLERKITMAKAYLLNPEDY
SPGETYRVENTEDEFTISYLNGVFAWGYRTSSPQQEEALPISVLQEKE
;
_entity_poly.pdbx_seq_one_letter_code_can   
;MHHHHHHSSGVDLGTENLYFQSNAMEKRYSQMTPHELNTEIALLSEKARKAEQHGIINELAVLERKITMAKAYLLNPEDY
SPGETYRVENTEDEFTISYLNGVFAWGYRTSSPQQEEALPISVLQEKE
;
_entity_poly.pdbx_strand_id                 A 
_entity_poly.pdbx_target_identifier         APC1145 
# 
loop_
_pdbx_entity_nonpoly.entity_id 
_pdbx_entity_nonpoly.name 
_pdbx_entity_nonpoly.comp_id 
2 'PLATINUM (II) ION' PT  
3 'CHLORIDE ION'      CL  
4 water               HOH 
# 
loop_
_entity_poly_seq.entity_id 
_entity_poly_seq.num 
_entity_poly_seq.mon_id 
_entity_poly_seq.hetero 
1 1   MET n 
1 2   HIS n 
1 3   HIS n 
1 4   HIS n 
1 5   HIS n 
1 6   HIS n 
1 7   HIS n 
1 8   SER n 
1 9   SER n 
1 10  GLY n 
1 11  VAL n 
1 12  ASP n 
1 13  LEU n 
1 14  GLY n 
1 15  THR n 
1 16  GLU n 
1 17  ASN n 
1 18  LEU n 
1 19  TYR n 
1 20  PHE n 
1 21  GLN n 
1 22  SER n 
1 23  ASN n 
1 24  ALA n 
1 25  MET n 
1 26  GLU n 
1 27  LYS n 
1 28  ARG n 
1 29  TYR n 
1 30  SER n 
1 31  GLN n 
1 32  MET n 
1 33  THR n 
1 34  PRO n 
1 35  HIS n 
1 36  GLU n 
1 37  LEU n 
1 38  ASN n 
1 39  THR n 
1 40  GLU n 
1 41  ILE n 
1 42  ALA n 
1 43  LEU n 
1 44  LEU n 
1 45  SER n 
1 46  GLU n 
1 47  LYS n 
1 48  ALA n 
1 49  ARG n 
1 50  LYS n 
1 51  ALA n 
1 52  GLU n 
1 53  GLN n 
1 54  HIS n 
1 55  GLY n 
1 56  ILE n 
1 57  ILE n 
1 58  ASN n 
1 59  GLU n 
1 60  LEU n 
1 61  ALA n 
1 62  VAL n 
1 63  LEU n 
1 64  GLU n 
1 65  ARG n 
1 66  LYS n 
1 67  ILE n 
1 68  THR n 
1 69  MET n 
1 70  ALA n 
1 71  LYS n 
1 72  ALA n 
1 73  TYR n 
1 74  LEU n 
1 75  LEU n 
1 76  ASN n 
1 77  PRO n 
1 78  GLU n 
1 79  ASP n 
1 80  TYR n 
1 81  SER n 
1 82  PRO n 
1 83  GLY n 
1 84  GLU n 
1 85  THR n 
1 86  TYR n 
1 87  ARG n 
1 88  VAL n 
1 89  GLU n 
1 90  ASN n 
1 91  THR n 
1 92  GLU n 
1 93  ASP n 
1 94  GLU n 
1 95  PHE n 
1 96  THR n 
1 97  ILE n 
1 98  SER n 
1 99  TYR n 
1 100 LEU n 
1 101 ASN n 
1 102 GLY n 
1 103 VAL n 
1 104 PHE n 
1 105 ALA n 
1 106 TRP n 
1 107 GLY n 
1 108 TYR n 
1 109 ARG n 
1 110 THR n 
1 111 SER n 
1 112 SER n 
1 113 PRO n 
1 114 GLN n 
1 115 GLN n 
1 116 GLU n 
1 117 GLU n 
1 118 ALA n 
1 119 LEU n 
1 120 PRO n 
1 121 ILE n 
1 122 SER n 
1 123 VAL n 
1 124 LEU n 
1 125 GLN n 
1 126 GLU n 
1 127 LYS n 
1 128 GLU n 
# 
_entity_src_gen.entity_id                          1 
_entity_src_gen.pdbx_src_id                        1 
_entity_src_gen.pdbx_alt_source_flag               sample 
_entity_src_gen.pdbx_seq_type                      ? 
_entity_src_gen.pdbx_beg_seq_num                   ? 
_entity_src_gen.pdbx_end_seq_num                   ? 
_entity_src_gen.gene_src_common_name               ? 
_entity_src_gen.gene_src_genus                     Bacillus 
_entity_src_gen.pdbx_gene_src_gene                 yfhH 
_entity_src_gen.gene_src_species                   ? 
_entity_src_gen.gene_src_strain                    ? 
_entity_src_gen.gene_src_tissue                    ? 
_entity_src_gen.gene_src_tissue_fraction           ? 
_entity_src_gen.gene_src_details                   ? 
_entity_src_gen.pdbx_gene_src_fragment             ? 
_entity_src_gen.pdbx_gene_src_scientific_name      'Bacillus subtilis' 
_entity_src_gen.pdbx_gene_src_ncbi_taxonomy_id     1423 
_entity_src_gen.pdbx_gene_src_variant              ? 
_entity_src_gen.pdbx_gene_src_cell_line            ? 
_entity_src_gen.pdbx_gene_src_atcc                 ? 
_entity_src_gen.pdbx_gene_src_organ                ? 
_entity_src_gen.pdbx_gene_src_organelle            ? 
_entity_src_gen.pdbx_gene_src_cell                 ? 
_entity_src_gen.pdbx_gene_src_cellular_location    ? 
_entity_src_gen.host_org_common_name               ? 
_entity_src_gen.pdbx_host_org_scientific_name      'Escherichia coli BL21(DE3)' 
_entity_src_gen.pdbx_host_org_ncbi_taxonomy_id     469008 
_entity_src_gen.host_org_genus                     Escherichia 
_entity_src_gen.pdbx_host_org_gene                 ? 
_entity_src_gen.pdbx_host_org_organ                ? 
_entity_src_gen.host_org_species                   'Escherichia coli' 
_entity_src_gen.pdbx_host_org_tissue               ? 
_entity_src_gen.pdbx_host_org_tissue_fraction      ? 
_entity_src_gen.pdbx_host_org_strain               BL21-DE3 
_entity_src_gen.pdbx_host_org_variant              ? 
_entity_src_gen.pdbx_host_org_cell_line            ? 
_entity_src_gen.pdbx_host_org_atcc                 ? 
_entity_src_gen.pdbx_host_org_culture_collection   ? 
_entity_src_gen.pdbx_host_org_cell                 ? 
_entity_src_gen.pdbx_host_org_organelle            ? 
_entity_src_gen.pdbx_host_org_cellular_location    ? 
_entity_src_gen.pdbx_host_org_vector_type          Plasmid 
_entity_src_gen.pdbx_host_org_vector               ? 
_entity_src_gen.host_org_details                   ? 
_entity_src_gen.expression_system_id               ? 
_entity_src_gen.plasmid_name                       pMCSG7 
_entity_src_gen.plasmid_details                    ? 
_entity_src_gen.pdbx_description                   ? 
# 
loop_
_chem_comp.id 
_chem_comp.type 
_chem_comp.mon_nstd_flag 
_chem_comp.name 
_chem_comp.pdbx_synonyms 
_chem_comp.formula 
_chem_comp.formula_weight 
ALA 'L-peptide linking' y ALANINE             ? 'C3 H7 N O2'     89.093  
ARG 'L-peptide linking' y ARGININE            ? 'C6 H15 N4 O2 1' 175.209 
ASN 'L-peptide linking' y ASPARAGINE          ? 'C4 H8 N2 O3'    132.118 
ASP 'L-peptide linking' y 'ASPARTIC ACID'     ? 'C4 H7 N O4'     133.103 
CL  non-polymer         . 'CHLORIDE ION'      ? 'Cl -1'          35.453  
GLN 'L-peptide linking' y GLUTAMINE           ? 'C5 H10 N2 O3'   146.144 
GLU 'L-peptide linking' y 'GLUTAMIC ACID'     ? 'C5 H9 N O4'     147.129 
GLY 'peptide linking'   y GLYCINE             ? 'C2 H5 N O2'     75.067  
HIS 'L-peptide linking' y HISTIDINE           ? 'C6 H10 N3 O2 1' 156.162 
HOH non-polymer         . WATER               ? 'H2 O'           18.015  
ILE 'L-peptide linking' y ISOLEUCINE          ? 'C6 H13 N O2'    131.173 
LEU 'L-peptide linking' y LEUCINE             ? 'C6 H13 N O2'    131.173 
LYS 'L-peptide linking' y LYSINE              ? 'C6 H15 N2 O2 1' 147.195 
MET 'L-peptide linking' y METHIONINE          ? 'C5 H11 N O2 S'  149.211 
PHE 'L-peptide linking' y PHENYLALANINE       ? 'C9 H11 N O2'    165.189 
PRO 'L-peptide linking' y PROLINE             ? 'C5 H9 N O2'     115.130 
PT  non-polymer         . 'PLATINUM (II) ION' ? 'Pt 2'           195.078 
SER 'L-peptide linking' y SERINE              ? 'C3 H7 N O3'     105.093 
THR 'L-peptide linking' y THREONINE           ? 'C4 H9 N O3'     119.119 
TRP 'L-peptide linking' y TRYPTOPHAN          ? 'C11 H12 N2 O2'  204.225 
TYR 'L-peptide linking' y TYROSINE            ? 'C9 H11 N O3'    181.189 
VAL 'L-peptide linking' y VALINE              ? 'C5 H11 N O2'    117.146 
# 
loop_
_pdbx_poly_seq_scheme.asym_id 
_pdbx_poly_seq_scheme.entity_id 
_pdbx_poly_seq_scheme.seq_id 
_pdbx_poly_seq_scheme.mon_id 
_pdbx_poly_seq_scheme.ndb_seq_num 
_pdbx_poly_seq_scheme.pdb_seq_num 
_pdbx_poly_seq_scheme.auth_seq_num 
_pdbx_poly_seq_scheme.pdb_mon_id 
_pdbx_poly_seq_scheme.auth_mon_id 
_pdbx_poly_seq_scheme.pdb_strand_id 
_pdbx_poly_seq_scheme.pdb_ins_code 
_pdbx_poly_seq_scheme.hetero 
A 1 1   MET 1   1   ?   ?   ?   A . n 
A 1 2   HIS 2   2   ?   ?   ?   A . n 
A 1 3   HIS 3   3   ?   ?   ?   A . n 
A 1 4   HIS 4   4   ?   ?   ?   A . n 
A 1 5   HIS 5   5   ?   ?   ?   A . n 
A 1 6   HIS 6   6   ?   ?   ?   A . n 
A 1 7   HIS 7   7   ?   ?   ?   A . n 
A 1 8   SER 8   8   ?   ?   ?   A . n 
A 1 9   SER 9   9   ?   ?   ?   A . n 
A 1 10  GLY 10  10  ?   ?   ?   A . n 
A 1 11  VAL 11  11  11  VAL VAL A . n 
A 1 12  ASP 12  12  12  ASP ASP A . n 
A 1 13  LEU 13  13  13  LEU LEU A . n 
A 1 14  GLY 14  14  14  GLY GLY A . n 
A 1 15  THR 15  15  15  THR THR A . n 
A 1 16  GLU 16  16  16  GLU GLU A . n 
A 1 17  ASN 17  17  17  ASN ASN A . n 
A 1 18  LEU 18  18  18  LEU LEU A . n 
A 1 19  TYR 19  19  19  TYR TYR A . n 
A 1 20  PHE 20  20  20  PHE PHE A . n 
A 1 21  GLN 21  21  21  GLN GLN A . n 
A 1 22  SER 22  22  22  SER SER A . n 
A 1 23  ASN 23  23  23  ASN ASN A . n 
A 1 24  ALA 24  24  24  ALA ALA A . n 
A 1 25  MET 25  25  25  MET MET A . n 
A 1 26  GLU 26  26  26  GLU GLU A . n 
A 1 27  LYS 27  27  27  LYS LYS A . n 
A 1 28  ARG 28  28  28  ARG ARG A . n 
A 1 29  TYR 29  29  29  TYR TYR A . n 
A 1 30  SER 30  30  30  SER SER A . n 
A 1 31  GLN 31  31  31  GLN GLN A . n 
A 1 32  MET 32  32  32  MET MET A . n 
A 1 33  THR 33  33  33  THR THR A . n 
A 1 34  PRO 34  34  34  PRO PRO A . n 
A 1 35  HIS 35  35  35  HIS HIS A . n 
A 1 36  GLU 36  36  36  GLU GLU A . n 
A 1 37  LEU 37  37  37  LEU LEU A . n 
A 1 38  ASN 38  38  38  ASN ASN A . n 
A 1 39  THR 39  39  39  THR THR A . n 
A 1 40  GLU 40  40  40  GLU GLU A . n 
A 1 41  ILE 41  41  41  ILE ILE A . n 
A 1 42  ALA 42  42  42  ALA ALA A . n 
A 1 43  LEU 43  43  43  LEU LEU A . n 
A 1 44  LEU 44  44  44  LEU LEU A . n 
A 1 45  SER 45  45  45  SER SER A . n 
A 1 46  GLU 46  46  46  GLU GLU A . n 
A 1 47  LYS 47  47  47  LYS LYS A . n 
A 1 48  ALA 48  48  48  ALA ALA A . n 
A 1 49  ARG 49  49  49  ARG ARG A . n 
A 1 50  LYS 50  50  50  LYS LYS A . n 
A 1 51  ALA 51  51  51  ALA ALA A . n 
A 1 52  GLU 52  52  52  GLU GLU A . n 
A 1 53  GLN 53  53  53  GLN GLN A . n 
A 1 54  HIS 54  54  54  HIS HIS A . n 
A 1 55  GLY 55  55  55  GLY GLY A . n 
A 1 56  ILE 56  56  56  ILE ILE A . n 
A 1 57  ILE 57  57  57  ILE ILE A . n 
A 1 58  ASN 58  58  58  ASN ASN A . n 
A 1 59  GLU 59  59  59  GLU GLU A . n 
A 1 60  LEU 60  60  60  LEU LEU A . n 
A 1 61  ALA 61  61  61  ALA ALA A . n 
A 1 62  VAL 62  62  62  VAL VAL A . n 
A 1 63  LEU 63  63  63  LEU LEU A . n 
A 1 64  GLU 64  64  64  GLU GLU A . n 
A 1 65  ARG 65  65  65  ARG ARG A . n 
A 1 66  LYS 66  66  66  LYS LYS A . n 
A 1 67  ILE 67  67  67  ILE ILE A . n 
A 1 68  THR 68  68  68  THR THR A . n 
A 1 69  MET 69  69  69  MET MET A . n 
A 1 70  ALA 70  70  70  ALA ALA A . n 
A 1 71  LYS 71  71  71  LYS LYS A . n 
A 1 72  ALA 72  72  72  ALA ALA A . n 
A 1 73  TYR 73  73  73  TYR TYR A . n 
A 1 74  LEU 74  74  74  LEU LEU A . n 
A 1 75  LEU 75  75  75  LEU LEU A . n 
A 1 76  ASN 76  76  76  ASN ASN A . n 
A 1 77  PRO 77  77  77  PRO PRO A . n 
A 1 78  GLU 78  78  78  GLU GLU A . n 
A 1 79  ASP 79  79  79  ASP ASP A . n 
A 1 80  TYR 80  80  80  TYR TYR A . n 
A 1 81  SER 81  81  81  SER SER A . n 
A 1 82  PRO 82  82  82  PRO PRO A . n 
A 1 83  GLY 83  83  83  GLY GLY A . n 
A 1 84  GLU 84  84  84  GLU GLU A . n 
A 1 85  THR 85  85  85  THR THR A . n 
A 1 86  TYR 86  86  86  TYR TYR A . n 
A 1 87  ARG 87  87  87  ARG ARG A . n 
A 1 88  VAL 88  88  88  VAL VAL A . n 
A 1 89  GLU 89  89  89  GLU GLU A . n 
A 1 90  ASN 90  90  90  ASN ASN A . n 
A 1 91  THR 91  91  91  THR THR A . n 
A 1 92  GLU 92  92  92  GLU GLU A . n 
A 1 93  ASP 93  93  93  ASP ASP A . n 
A 1 94  GLU 94  94  94  GLU GLU A . n 
A 1 95  PHE 95  95  95  PHE PHE A . n 
A 1 96  THR 96  96  96  THR THR A . n 
A 1 97  ILE 97  97  97  ILE ILE A . n 
A 1 98  SER 98  98  98  SER SER A . n 
A 1 99  TYR 99  99  99  TYR TYR A . n 
A 1 100 LEU 100 100 100 LEU LEU A . n 
A 1 101 ASN 101 101 101 ASN ASN A . n 
A 1 102 GLY 102 102 102 GLY GLY A . n 
A 1 103 VAL 103 103 103 VAL VAL A . n 
A 1 104 PHE 104 104 104 PHE PHE A . n 
A 1 105 ALA 105 105 105 ALA ALA A . n 
A 1 106 TRP 106 106 106 TRP TRP A . n 
A 1 107 GLY 107 107 107 GLY GLY A . n 
A 1 108 TYR 108 108 108 TYR TYR A . n 
A 1 109 ARG 109 109 109 ARG ARG A . n 
A 1 110 THR 110 110 110 THR THR A . n 
A 1 111 SER 111 111 111 SER SER A . n 
A 1 112 SER 112 112 112 SER SER A . n 
A 1 113 PRO 113 113 113 PRO PRO A . n 
A 1 114 GLN 114 114 114 GLN GLN A . n 
A 1 115 GLN 115 115 115 GLN GLN A . n 
A 1 116 GLU 116 116 116 GLU GLU A . n 
A 1 117 GLU 117 117 117 GLU GLU A . n 
A 1 118 ALA 118 118 118 ALA ALA A . n 
A 1 119 LEU 119 119 119 LEU LEU A . n 
A 1 120 PRO 120 120 120 PRO PRO A . n 
A 1 121 ILE 121 121 121 ILE ILE A . n 
A 1 122 SER 122 122 122 SER SER A . n 
A 1 123 VAL 123 123 123 VAL VAL A . n 
A 1 124 LEU 124 124 124 LEU LEU A . n 
A 1 125 GLN 125 125 125 GLN GLN A . n 
A 1 126 GLU 126 126 126 GLU GLU A . n 
A 1 127 LYS 127 127 127 LYS LYS A . n 
A 1 128 GLU 128 128 128 GLU GLU A . n 
# 
loop_
_pdbx_nonpoly_scheme.asym_id 
_pdbx_nonpoly_scheme.entity_id 
_pdbx_nonpoly_scheme.mon_id 
_pdbx_nonpoly_scheme.ndb_seq_num 
_pdbx_nonpoly_scheme.pdb_seq_num 
_pdbx_nonpoly_scheme.auth_seq_num 
_pdbx_nonpoly_scheme.pdb_mon_id 
_pdbx_nonpoly_scheme.auth_mon_id 
_pdbx_nonpoly_scheme.pdb_strand_id 
_pdbx_nonpoly_scheme.pdb_ins_code 
B 2 PT  1   129 1   PT  PT  A . 
C 3 CL  1   130 2   CL  CL  A . 
D 4 HOH 1   131 3   HOH HOH A . 
D 4 HOH 2   132 4   HOH HOH A . 
D 4 HOH 3   133 5   HOH HOH A . 
D 4 HOH 4   134 6   HOH HOH A . 
D 4 HOH 5   135 7   HOH HOH A . 
D 4 HOH 6   136 8   HOH HOH A . 
D 4 HOH 7   137 9   HOH HOH A . 
D 4 HOH 8   138 10  HOH HOH A . 
D 4 HOH 9   139 11  HOH HOH A . 
D 4 HOH 10  140 12  HOH HOH A . 
D 4 HOH 11  141 13  HOH HOH A . 
D 4 HOH 12  142 14  HOH HOH A . 
D 4 HOH 13  143 15  HOH HOH A . 
D 4 HOH 14  144 16  HOH HOH A . 
D 4 HOH 15  145 17  HOH HOH A . 
D 4 HOH 16  146 18  HOH HOH A . 
D 4 HOH 17  147 19  HOH HOH A . 
D 4 HOH 18  148 20  HOH HOH A . 
D 4 HOH 19  149 21  HOH HOH A . 
D 4 HOH 20  150 22  HOH HOH A . 
D 4 HOH 21  151 23  HOH HOH A . 
D 4 HOH 22  152 24  HOH HOH A . 
D 4 HOH 23  153 25  HOH HOH A . 
D 4 HOH 24  154 26  HOH HOH A . 
D 4 HOH 25  155 27  HOH HOH A . 
D 4 HOH 26  156 28  HOH HOH A . 
D 4 HOH 27  157 29  HOH HOH A . 
D 4 HOH 28  158 30  HOH HOH A . 
D 4 HOH 29  159 31  HOH HOH A . 
D 4 HOH 30  160 32  HOH HOH A . 
D 4 HOH 31  161 33  HOH HOH A . 
D 4 HOH 32  162 34  HOH HOH A . 
D 4 HOH 33  163 35  HOH HOH A . 
D 4 HOH 34  164 36  HOH HOH A . 
D 4 HOH 35  165 37  HOH HOH A . 
D 4 HOH 36  166 38  HOH HOH A . 
D 4 HOH 37  167 39  HOH HOH A . 
D 4 HOH 38  168 40  HOH HOH A . 
D 4 HOH 39  169 41  HOH HOH A . 
D 4 HOH 40  170 42  HOH HOH A . 
D 4 HOH 41  171 43  HOH HOH A . 
D 4 HOH 42  172 44  HOH HOH A . 
D 4 HOH 43  173 45  HOH HOH A . 
D 4 HOH 44  174 46  HOH HOH A . 
D 4 HOH 45  175 47  HOH HOH A . 
D 4 HOH 46  176 48  HOH HOH A . 
D 4 HOH 47  177 49  HOH HOH A . 
D 4 HOH 48  178 50  HOH HOH A . 
D 4 HOH 49  179 51  HOH HOH A . 
D 4 HOH 50  180 52  HOH HOH A . 
D 4 HOH 51  181 53  HOH HOH A . 
D 4 HOH 52  182 54  HOH HOH A . 
D 4 HOH 53  183 55  HOH HOH A . 
D 4 HOH 54  184 56  HOH HOH A . 
D 4 HOH 55  185 57  HOH HOH A . 
D 4 HOH 56  186 58  HOH HOH A . 
D 4 HOH 57  187 59  HOH HOH A . 
D 4 HOH 58  188 60  HOH HOH A . 
D 4 HOH 59  189 61  HOH HOH A . 
D 4 HOH 60  190 62  HOH HOH A . 
D 4 HOH 61  191 63  HOH HOH A . 
D 4 HOH 62  192 64  HOH HOH A . 
D 4 HOH 63  193 65  HOH HOH A . 
D 4 HOH 64  194 66  HOH HOH A . 
D 4 HOH 65  195 67  HOH HOH A . 
D 4 HOH 66  196 68  HOH HOH A . 
D 4 HOH 67  197 69  HOH HOH A . 
D 4 HOH 68  198 70  HOH HOH A . 
D 4 HOH 69  199 71  HOH HOH A . 
D 4 HOH 70  200 72  HOH HOH A . 
D 4 HOH 71  201 73  HOH HOH A . 
D 4 HOH 72  202 74  HOH HOH A . 
D 4 HOH 73  203 75  HOH HOH A . 
D 4 HOH 74  204 76  HOH HOH A . 
D 4 HOH 75  205 77  HOH HOH A . 
D 4 HOH 76  206 78  HOH HOH A . 
D 4 HOH 77  207 79  HOH HOH A . 
D 4 HOH 78  208 80  HOH HOH A . 
D 4 HOH 79  209 81  HOH HOH A . 
D 4 HOH 80  210 82  HOH HOH A . 
D 4 HOH 81  211 83  HOH HOH A . 
D 4 HOH 82  212 84  HOH HOH A . 
D 4 HOH 83  213 85  HOH HOH A . 
D 4 HOH 84  214 86  HOH HOH A . 
D 4 HOH 85  215 87  HOH HOH A . 
D 4 HOH 86  216 88  HOH HOH A . 
D 4 HOH 87  217 89  HOH HOH A . 
D 4 HOH 88  218 90  HOH HOH A . 
D 4 HOH 89  219 91  HOH HOH A . 
D 4 HOH 90  220 92  HOH HOH A . 
D 4 HOH 91  221 93  HOH HOH A . 
D 4 HOH 92  222 94  HOH HOH A . 
D 4 HOH 93  223 95  HOH HOH A . 
D 4 HOH 94  224 96  HOH HOH A . 
D 4 HOH 95  225 97  HOH HOH A . 
D 4 HOH 96  226 98  HOH HOH A . 
D 4 HOH 97  227 99  HOH HOH A . 
D 4 HOH 98  228 100 HOH HOH A . 
D 4 HOH 99  229 101 HOH HOH A . 
D 4 HOH 100 230 102 HOH HOH A . 
D 4 HOH 101 231 103 HOH HOH A . 
D 4 HOH 102 232 104 HOH HOH A . 
D 4 HOH 103 233 105 HOH HOH A . 
D 4 HOH 104 234 106 HOH HOH A . 
D 4 HOH 105 235 107 HOH HOH A . 
D 4 HOH 106 236 607 HOH HOH A . 
D 4 HOH 107 237 108 HOH HOH A . 
D 4 HOH 108 238 109 HOH HOH A . 
D 4 HOH 109 239 110 HOH HOH A . 
D 4 HOH 110 240 111 HOH HOH A . 
D 4 HOH 111 241 112 HOH HOH A . 
D 4 HOH 112 242 113 HOH HOH A . 
D 4 HOH 113 243 114 HOH HOH A . 
D 4 HOH 114 244 115 HOH HOH A . 
D 4 HOH 115 245 116 HOH HOH A . 
D 4 HOH 116 246 117 HOH HOH A . 
D 4 HOH 117 247 118 HOH HOH A . 
D 4 HOH 118 248 119 HOH HOH A . 
D 4 HOH 119 249 120 HOH HOH A . 
D 4 HOH 120 250 121 HOH HOH A . 
D 4 HOH 121 251 122 HOH HOH A . 
D 4 HOH 122 252 123 HOH HOH A . 
D 4 HOH 123 253 124 HOH HOH A . 
D 4 HOH 124 254 125 HOH HOH A . 
D 4 HOH 125 255 126 HOH HOH A . 
D 4 HOH 126 256 127 HOH HOH A . 
D 4 HOH 127 257 128 HOH HOH A . 
D 4 HOH 128 258 129 HOH HOH A . 
D 4 HOH 129 259 130 HOH HOH A . 
D 4 HOH 130 260 131 HOH HOH A . 
D 4 HOH 131 261 132 HOH HOH A . 
D 4 HOH 132 262 133 HOH HOH A . 
D 4 HOH 133 263 134 HOH HOH A . 
D 4 HOH 134 264 135 HOH HOH A . 
D 4 HOH 135 265 136 HOH HOH A . 
D 4 HOH 136 266 137 HOH HOH A . 
D 4 HOH 137 267 138 HOH HOH A . 
D 4 HOH 138 268 139 HOH HOH A . 
D 4 HOH 139 269 140 HOH HOH A . 
D 4 HOH 140 270 141 HOH HOH A . 
D 4 HOH 141 271 142 HOH HOH A . 
D 4 HOH 142 272 143 HOH HOH A . 
D 4 HOH 143 273 144 HOH HOH A . 
D 4 HOH 144 274 145 HOH HOH A . 
D 4 HOH 145 275 146 HOH HOH A . 
D 4 HOH 146 276 147 HOH HOH A . 
D 4 HOH 147 277 148 HOH HOH A . 
D 4 HOH 148 278 149 HOH HOH A . 
D 4 HOH 149 279 150 HOH HOH A . 
D 4 HOH 150 280 151 HOH HOH A . 
D 4 HOH 151 281 152 HOH HOH A . 
D 4 HOH 152 282 153 HOH HOH A . 
D 4 HOH 153 283 154 HOH HOH A . 
D 4 HOH 154 284 155 HOH HOH A . 
D 4 HOH 155 285 156 HOH HOH A . 
D 4 HOH 156 286 157 HOH HOH A . 
D 4 HOH 157 287 158 HOH HOH A . 
D 4 HOH 158 288 159 HOH HOH A . 
D 4 HOH 159 289 160 HOH HOH A . 
D 4 HOH 160 290 161 HOH HOH A . 
D 4 HOH 161 291 162 HOH HOH A . 
D 4 HOH 162 292 163 HOH HOH A . 
D 4 HOH 163 293 164 HOH HOH A . 
D 4 HOH 164 294 165 HOH HOH A . 
D 4 HOH 165 295 166 HOH HOH A . 
D 4 HOH 166 296 167 HOH HOH A . 
D 4 HOH 167 297 168 HOH HOH A . 
D 4 HOH 168 298 169 HOH HOH A . 
D 4 HOH 169 299 170 HOH HOH A . 
D 4 HOH 170 300 171 HOH HOH A . 
D 4 HOH 171 301 172 HOH HOH A . 
D 4 HOH 172 302 173 HOH HOH A . 
D 4 HOH 173 303 174 HOH HOH A . 
D 4 HOH 174 304 175 HOH HOH A . 
D 4 HOH 175 305 176 HOH HOH A . 
# 
loop_
_software.name 
_software.classification 
_software.version 
_software.citation_id 
_software.pdbx_ordinal 
DENZO     'data reduction' .   ? 1 
SCALEPACK 'data scaling'   .   ? 2 
SOLVE     phasing          .   ? 3 
CNS       refinement       1.0 ? 4 
# 
_cell.entry_id           1SF9 
_cell.length_a           56.142 
_cell.length_b           46.486 
_cell.length_c           50.511 
_cell.angle_alpha        90.00 
_cell.angle_beta         114.98 
_cell.angle_gamma        90.00 
_cell.Z_PDB              4 
_cell.pdbx_unique_axis   ? 
# 
_symmetry.entry_id                         1SF9 
_symmetry.space_group_name_H-M             'C 1 2 1' 
_symmetry.pdbx_full_space_group_name_H-M   ? 
_symmetry.cell_setting                     ? 
_symmetry.Int_Tables_number                5 
# 
_exptl.entry_id          1SF9 
_exptl.method            'X-RAY DIFFRACTION' 
_exptl.crystals_number   1 
# 
_exptl_crystal.id                    1 
_exptl_crystal.density_meas          ? 
_exptl_crystal.density_percent_sol   38 
_exptl_crystal.description           ? 
_exptl_crystal.density_Matthews      2.0 
# 
_exptl_crystal_grow.crystal_id      1 
_exptl_crystal_grow.method          'VAPOR DIFFUSION, HANGING DROP' 
_exptl_crystal_grow.temp            295 
_exptl_crystal_grow.temp_details    ? 
_exptl_crystal_grow.pH              4.6 
_exptl_crystal_grow.pdbx_details    
;1.8M Hexanediol, 0.2M Calcium Chloride, 0.5M Sodium Chloride, 0.1M Sodium Acetate, pH 4.6, VAPOR DIFFUSION, HANGING DROP, temperature 295K
;
_exptl_crystal_grow.pdbx_pH_range   . 
# 
_diffrn.id                     1 
_diffrn.ambient_temp           100 
_diffrn.ambient_temp_details   ? 
_diffrn.crystal_id             1 
# 
_diffrn_detector.diffrn_id              1 
_diffrn_detector.detector               CCD 
_diffrn_detector.type                   MARRESEARCH 
_diffrn_detector.pdbx_collection_date   2003-11-17 
_diffrn_detector.details                ? 
# 
_diffrn_radiation.diffrn_id                        1 
_diffrn_radiation.wavelength_id                    1 
_diffrn_radiation.pdbx_monochromatic_or_laue_m_l   M 
_diffrn_radiation.monochromator                    'Si 111 Channel' 
_diffrn_radiation.pdbx_diffrn_protocol             'SINGLE WAVELENGTH' 
_diffrn_radiation.pdbx_scattering_type             x-ray 
# 
_diffrn_radiation_wavelength.id           1 
_diffrn_radiation_wavelength.wavelength   1.0000 
_diffrn_radiation_wavelength.wt           1.0 
# 
_diffrn_source.diffrn_id                   1 
_diffrn_source.source                      SYNCHROTRON 
_diffrn_source.type                        'APS BEAMLINE 5ID-B' 
_diffrn_source.pdbx_synchrotron_site       APS 
_diffrn_source.pdbx_synchrotron_beamline   5ID-B 
_diffrn_source.pdbx_wavelength             ? 
_diffrn_source.pdbx_wavelength_list        1.0000 
# 
_reflns.entry_id                     1SF9 
_reflns.observed_criterion_sigma_F   0 
_reflns.observed_criterion_sigma_I   -3 
_reflns.d_resolution_high            1.71 
_reflns.d_resolution_low             25.0 
_reflns.number_all                   12888 
_reflns.number_obs                   12888 
_reflns.percent_possible_obs         99.9 
_reflns.pdbx_Rmerge_I_obs            0.044 
_reflns.pdbx_Rsym_value              ? 
_reflns.pdbx_netI_over_sigmaI        39.0 
_reflns.B_iso_Wilson_estimate        23.5 
_reflns.pdbx_redundancy              7.4 
_reflns.R_free_details               ? 
_reflns.limit_h_max                  ? 
_reflns.limit_h_min                  ? 
_reflns.limit_k_max                  ? 
_reflns.limit_k_min                  ? 
_reflns.limit_l_max                  ? 
_reflns.limit_l_min                  ? 
_reflns.observed_criterion_F_max     ? 
_reflns.observed_criterion_F_min     ? 
_reflns.pdbx_diffrn_id               1 
_reflns.pdbx_ordinal                 1 
# 
_reflns_shell.d_res_high             1.71 
_reflns_shell.d_res_low              1.77 
_reflns_shell.percent_possible_all   99.6 
_reflns_shell.Rmerge_I_obs           0.092 
_reflns_shell.pdbx_Rsym_value        ? 
_reflns_shell.meanI_over_sigI_obs    21.6 
_reflns_shell.pdbx_redundancy        6.7 
_reflns_shell.percent_possible_obs   ? 
_reflns_shell.number_unique_all      1260 
_reflns_shell.pdbx_diffrn_id         ? 
_reflns_shell.pdbx_ordinal           1 
# 
_refine.entry_id                                 1SF9 
_refine.ls_d_res_high                            1.71 
_refine.ls_d_res_low                             25.0 
_refine.pdbx_ls_sigma_F                          0 
_refine.pdbx_ls_sigma_I                          0 
_refine.ls_number_reflns_all                     12840 
_refine.ls_number_reflns_obs                     12840 
_refine.ls_number_reflns_R_free                  664 
_refine.ls_percent_reflns_obs                    98.0 
_refine.ls_R_factor_all                          ? 
_refine.ls_R_factor_obs                          ? 
_refine.ls_R_factor_R_work                       0.1715 
_refine.ls_R_factor_R_free                       0.2038 
_refine.ls_redundancy_reflns_obs                 ? 
_refine.pdbx_data_cutoff_high_absF               ? 
_refine.pdbx_data_cutoff_low_absF                ? 
_refine.ls_number_parameters                     ? 
_refine.ls_number_restraints                     ? 
_refine.ls_percent_reflns_R_free                 5.1 
_refine.ls_R_factor_R_free_error                 ? 
_refine.ls_R_factor_R_free_error_details         ? 
_refine.pdbx_method_to_determine_struct          SIRAS 
_refine.pdbx_starting_model                      ? 
_refine.pdbx_ls_cross_valid_method               THROUGHOUT 
_refine.pdbx_R_Free_selection_details            Random 
_refine.pdbx_stereochem_target_val_spec_case     ? 
_refine.pdbx_stereochemistry_target_values       'Engh & Huber' 
_refine.solvent_model_details                    ? 
_refine.solvent_model_param_bsol                 ? 
_refine.solvent_model_param_ksol                 ? 
_refine.occupancy_max                            ? 
_refine.occupancy_min                            ? 
_refine.pdbx_isotropic_thermal_model             Isotropic 
_refine.B_iso_mean                               17.0 
_refine.aniso_B[1][1]                            2.761 
_refine.aniso_B[1][2]                            0.000 
_refine.aniso_B[1][3]                            1.201 
_refine.aniso_B[2][2]                            0.530 
_refine.aniso_B[2][3]                            0.000 
_refine.aniso_B[3][3]                            -3.291 
_refine.details                                  
'Crystallographic conjugate gradient refinement using maximum likelihood target for amplitudes' 
_refine.B_iso_min                                ? 
_refine.B_iso_max                                ? 
_refine.correlation_coeff_Fo_to_Fc               ? 
_refine.correlation_coeff_Fo_to_Fc_free          ? 
_refine.pdbx_solvent_vdw_probe_radii             ? 
_refine.pdbx_solvent_ion_probe_radii             ? 
_refine.pdbx_solvent_shrinkage_radii             ? 
_refine.overall_SU_R_Cruickshank_DPI             ? 
_refine.overall_SU_R_free                        ? 
_refine.overall_SU_B                             ? 
_refine.overall_SU_ML                            ? 
_refine.pdbx_overall_ESU_R                       ? 
_refine.pdbx_overall_ESU_R_Free                  ? 
_refine.pdbx_data_cutoff_high_rms_absF           ? 
_refine.pdbx_refine_id                           'X-RAY DIFFRACTION' 
_refine.pdbx_diffrn_id                           1 
_refine.pdbx_TLS_residual_ADP_flag               ? 
_refine.pdbx_overall_phase_error                 ? 
_refine.pdbx_overall_SU_R_free_Cruickshank_DPI   ? 
_refine.pdbx_overall_SU_R_Blow_DPI               ? 
_refine.pdbx_overall_SU_R_free_Blow_DPI          ? 
# 
_refine_analyze.entry_id                        1SF9 
_refine_analyze.Luzzati_coordinate_error_obs    0.16 
_refine_analyze.Luzzati_sigma_a_obs             0.05 
_refine_analyze.Luzzati_d_res_low_obs           5.0 
_refine_analyze.Luzzati_coordinate_error_free   0.07 
_refine_analyze.Luzzati_sigma_a_free            0.20 
_refine_analyze.Luzzati_d_res_low_free          ? 
_refine_analyze.number_disordered_residues      ? 
_refine_analyze.occupancy_sum_non_hydrogen      ? 
_refine_analyze.occupancy_sum_hydrogen          ? 
_refine_analyze.pdbx_Luzzati_d_res_high_obs     ? 
_refine_analyze.pdbx_refine_id                  'X-RAY DIFFRACTION' 
# 
_refine_hist.pdbx_refine_id                   'X-RAY DIFFRACTION' 
_refine_hist.cycle_id                         LAST 
_refine_hist.pdbx_number_atoms_protein        1078 
_refine_hist.pdbx_number_atoms_nucleic_acid   0 
_refine_hist.pdbx_number_atoms_ligand         2 
_refine_hist.number_atoms_solvent             188 
_refine_hist.number_atoms_total               1268 
_refine_hist.d_res_high                       1.71 
_refine_hist.d_res_low                        25.0 
# 
loop_
_refine_ls_restr.type 
_refine_ls_restr.dev_ideal 
_refine_ls_restr.dev_ideal_target 
_refine_ls_restr.weight 
_refine_ls_restr.number 
_refine_ls_restr.pdbx_refine_id 
_refine_ls_restr.pdbx_restraint_function 
c_bond_d           0.010 ?   ? ? 'X-RAY DIFFRACTION' ? 
c_angle_deg        1.41  ?   ? ? 'X-RAY DIFFRACTION' ? 
c_dihedral_angle_d 22.3  ?   ? ? 'X-RAY DIFFRACTION' ? 
c_improper_angle_d 1.0   ?   ? ? 'X-RAY DIFFRACTION' ? 
c_mcbond_it        1.594 1.5 ? ? 'X-RAY DIFFRACTION' ? 
c_scbond_it        2.839 2   ? ? 'X-RAY DIFFRACTION' ? 
c_mcangle_it       2.319 2   ? ? 'X-RAY DIFFRACTION' ? 
c_scangle_it       4.209 2.5 ? ? 'X-RAY DIFFRACTION' ? 
# 
_refine_ls_shell.pdbx_total_number_of_bins_used   10 
_refine_ls_shell.d_res_high                       1.71 
_refine_ls_shell.d_res_low                        1.76 
_refine_ls_shell.number_reflns_R_work             1035 
_refine_ls_shell.R_factor_R_work                  0.2059 
_refine_ls_shell.percent_reflns_obs               83.78 
_refine_ls_shell.R_factor_R_free                  0.2556 
_refine_ls_shell.R_factor_R_free_error            ? 
_refine_ls_shell.percent_reflns_R_free            4.59 
_refine_ls_shell.number_reflns_R_free             60 
_refine_ls_shell.number_reflns_obs                1035 
_refine_ls_shell.redundancy_reflns_obs            ? 
_refine_ls_shell.number_reflns_all                ? 
_refine_ls_shell.pdbx_refine_id                   'X-RAY DIFFRACTION' 
_refine_ls_shell.R_factor_all                     ? 
# 
_struct.entry_id                  1SF9 
_struct.title                     'Crystal Structure of Bacillus subtilis YfhH Protein : Putative Transcriptional Regulator' 
_struct.pdbx_model_details        ? 
_struct.pdbx_CASP_flag            ? 
_struct.pdbx_model_type_details   ? 
# 
_struct_keywords.entry_id        1SF9 
_struct_keywords.pdbx_keywords   'Structural Genomics, unknown function' 
_struct_keywords.text            
'Structural Genomics, unknown function, PSI, Protein Structure Initiative, Midwest Center for Structural Genomics, MCSG' 
# 
loop_
_struct_asym.id 
_struct_asym.pdbx_blank_PDB_chainid_flag 
_struct_asym.pdbx_modified 
_struct_asym.entity_id 
_struct_asym.details 
A N N 1 ? 
B N N 2 ? 
C N N 3 ? 
D N N 4 ? 
# 
_struct_ref.id                         1 
_struct_ref.db_name                    UNP 
_struct_ref.db_code                    O31576_BACSU 
_struct_ref.pdbx_db_accession          O31576 
_struct_ref.entity_id                  1 
_struct_ref.pdbx_seq_one_letter_code   
;MEKRYSQMTPHELNTEIALLSEKARKAEQHGIINELAVLERKITMAKAYLLNPEDYSPGETYRVENTEDEFTISYLNGVF
AWGYRTSSPQQEEALPISVLQEKE
;
_struct_ref.pdbx_align_begin           1 
_struct_ref.pdbx_db_isoform            ? 
# 
_struct_ref_seq.align_id                      1 
_struct_ref_seq.ref_id                        1 
_struct_ref_seq.pdbx_PDB_id_code              1SF9 
_struct_ref_seq.pdbx_strand_id                A 
_struct_ref_seq.seq_align_beg                 25 
_struct_ref_seq.pdbx_seq_align_beg_ins_code   ? 
_struct_ref_seq.seq_align_end                 128 
_struct_ref_seq.pdbx_seq_align_end_ins_code   ? 
_struct_ref_seq.pdbx_db_accession             O31576 
_struct_ref_seq.db_align_beg                  1 
_struct_ref_seq.pdbx_db_align_beg_ins_code    ? 
_struct_ref_seq.db_align_end                  104 
_struct_ref_seq.pdbx_db_align_end_ins_code    ? 
_struct_ref_seq.pdbx_auth_seq_align_beg       25 
_struct_ref_seq.pdbx_auth_seq_align_end       128 
# 
loop_
_struct_ref_seq_dif.align_id 
_struct_ref_seq_dif.pdbx_pdb_id_code 
_struct_ref_seq_dif.mon_id 
_struct_ref_seq_dif.pdbx_pdb_strand_id 
_struct_ref_seq_dif.seq_num 
_struct_ref_seq_dif.pdbx_pdb_ins_code 
_struct_ref_seq_dif.pdbx_seq_db_name 
_struct_ref_seq_dif.pdbx_seq_db_accession_code 
_struct_ref_seq_dif.db_mon_id 
_struct_ref_seq_dif.pdbx_seq_db_seq_num 
_struct_ref_seq_dif.details 
_struct_ref_seq_dif.pdbx_auth_seq_num 
_struct_ref_seq_dif.pdbx_ordinal 
1 1SF9 MET A 1  ? UNP O31576 ? ? 'expression tag' 1  1  
1 1SF9 HIS A 2  ? UNP O31576 ? ? 'expression tag' 2  2  
1 1SF9 HIS A 3  ? UNP O31576 ? ? 'expression tag' 3  3  
1 1SF9 HIS A 4  ? UNP O31576 ? ? 'expression tag' 4  4  
1 1SF9 HIS A 5  ? UNP O31576 ? ? 'expression tag' 5  5  
1 1SF9 HIS A 6  ? UNP O31576 ? ? 'expression tag' 6  6  
1 1SF9 HIS A 7  ? UNP O31576 ? ? 'expression tag' 7  7  
1 1SF9 SER A 8  ? UNP O31576 ? ? 'expression tag' 8  8  
1 1SF9 SER A 9  ? UNP O31576 ? ? 'expression tag' 9  9  
1 1SF9 GLY A 10 ? UNP O31576 ? ? 'expression tag' 10 10 
1 1SF9 VAL A 11 ? UNP O31576 ? ? 'expression tag' 11 11 
1 1SF9 ASP A 12 ? UNP O31576 ? ? 'expression tag' 12 12 
1 1SF9 LEU A 13 ? UNP O31576 ? ? 'expression tag' 13 13 
1 1SF9 GLY A 14 ? UNP O31576 ? ? 'expression tag' 14 14 
1 1SF9 THR A 15 ? UNP O31576 ? ? 'expression tag' 15 15 
1 1SF9 GLU A 16 ? UNP O31576 ? ? 'expression tag' 16 16 
1 1SF9 ASN A 17 ? UNP O31576 ? ? 'expression tag' 17 17 
1 1SF9 LEU A 18 ? UNP O31576 ? ? 'expression tag' 18 18 
1 1SF9 TYR A 19 ? UNP O31576 ? ? 'expression tag' 19 19 
1 1SF9 PHE A 20 ? UNP O31576 ? ? 'expression tag' 20 20 
1 1SF9 GLN A 21 ? UNP O31576 ? ? 'expression tag' 21 21 
1 1SF9 SER A 22 ? UNP O31576 ? ? 'expression tag' 22 22 
1 1SF9 ASN A 23 ? UNP O31576 ? ? 'expression tag' 23 23 
1 1SF9 ALA A 24 ? UNP O31576 ? ? 'expression tag' 24 24 
# 
_pdbx_struct_assembly.id                   1 
_pdbx_struct_assembly.details              author_defined_assembly 
_pdbx_struct_assembly.method_details       ? 
_pdbx_struct_assembly.oligomeric_details   monomeric 
_pdbx_struct_assembly.oligomeric_count     1 
# 
_pdbx_struct_assembly_gen.assembly_id       1 
_pdbx_struct_assembly_gen.oper_expression   1 
_pdbx_struct_assembly_gen.asym_id_list      A,B,C,D 
# 
_pdbx_struct_oper_list.id                   1 
_pdbx_struct_oper_list.type                 'identity operation' 
_pdbx_struct_oper_list.name                 1_555 
_pdbx_struct_oper_list.symmetry_operation   x,y,z 
_pdbx_struct_oper_list.matrix[1][1]         1.0000000000 
_pdbx_struct_oper_list.matrix[1][2]         0.0000000000 
_pdbx_struct_oper_list.matrix[1][3]         0.0000000000 
_pdbx_struct_oper_list.vector[1]            0.0000000000 
_pdbx_struct_oper_list.matrix[2][1]         0.0000000000 
_pdbx_struct_oper_list.matrix[2][2]         1.0000000000 
_pdbx_struct_oper_list.matrix[2][3]         0.0000000000 
_pdbx_struct_oper_list.vector[2]            0.0000000000 
_pdbx_struct_oper_list.matrix[3][1]         0.0000000000 
_pdbx_struct_oper_list.matrix[3][2]         0.0000000000 
_pdbx_struct_oper_list.matrix[3][3]         1.0000000000 
_pdbx_struct_oper_list.vector[3]            0.0000000000 
# 
_struct_biol.id                    1 
_struct_biol.pdbx_parent_biol_id   ? 
_struct_biol.details               ? 
# 
loop_
_struct_conf.conf_type_id 
_struct_conf.id 
_struct_conf.pdbx_PDB_helix_id 
_struct_conf.beg_label_comp_id 
_struct_conf.beg_label_asym_id 
_struct_conf.beg_label_seq_id 
_struct_conf.pdbx_beg_PDB_ins_code 
_struct_conf.end_label_comp_id 
_struct_conf.end_label_asym_id 
_struct_conf.end_label_seq_id 
_struct_conf.pdbx_end_PDB_ins_code 
_struct_conf.beg_auth_comp_id 
_struct_conf.beg_auth_asym_id 
_struct_conf.beg_auth_seq_id 
_struct_conf.end_auth_comp_id 
_struct_conf.end_auth_asym_id 
_struct_conf.end_auth_seq_id 
_struct_conf.pdbx_PDB_helix_class 
_struct_conf.details 
_struct_conf.pdbx_PDB_helix_length 
HELX_P HELX_P1 1 ASP A 12 ? THR A 15 ? ASP A 12 THR A 15 5 ? 4  
HELX_P HELX_P2 2 GLU A 16 ? GLN A 31 ? GLU A 16 GLN A 31 1 ? 16 
HELX_P HELX_P3 3 THR A 33 ? HIS A 54 ? THR A 33 HIS A 54 1 ? 22 
HELX_P HELX_P4 4 ILE A 56 ? LEU A 75 ? ILE A 56 LEU A 75 1 ? 20 
HELX_P HELX_P5 5 ASN A 76 ? TYR A 80 ? ASN A 76 TYR A 80 5 ? 5  
# 
_struct_conf_type.id          HELX_P 
_struct_conf_type.criteria    ? 
_struct_conf_type.reference   ? 
# 
loop_
_struct_conn.id 
_struct_conn.conn_type_id 
_struct_conn.pdbx_leaving_atom_flag 
_struct_conn.pdbx_PDB_id 
_struct_conn.ptnr1_label_asym_id 
_struct_conn.ptnr1_label_comp_id 
_struct_conn.ptnr1_label_seq_id 
_struct_conn.ptnr1_label_atom_id 
_struct_conn.pdbx_ptnr1_label_alt_id 
_struct_conn.pdbx_ptnr1_PDB_ins_code 
_struct_conn.pdbx_ptnr1_standard_comp_id 
_struct_conn.ptnr1_symmetry 
_struct_conn.ptnr2_label_asym_id 
_struct_conn.ptnr2_label_comp_id 
_struct_conn.ptnr2_label_seq_id 
_struct_conn.ptnr2_label_atom_id 
_struct_conn.pdbx_ptnr2_label_alt_id 
_struct_conn.pdbx_ptnr2_PDB_ins_code 
_struct_conn.ptnr1_auth_asym_id 
_struct_conn.ptnr1_auth_comp_id 
_struct_conn.ptnr1_auth_seq_id 
_struct_conn.ptnr2_auth_asym_id 
_struct_conn.ptnr2_auth_comp_id 
_struct_conn.ptnr2_auth_seq_id 
_struct_conn.ptnr2_symmetry 
_struct_conn.pdbx_ptnr3_label_atom_id 
_struct_conn.pdbx_ptnr3_label_seq_id 
_struct_conn.pdbx_ptnr3_label_comp_id 
_struct_conn.pdbx_ptnr3_label_asym_id 
_struct_conn.pdbx_ptnr3_label_alt_id 
_struct_conn.pdbx_ptnr3_PDB_ins_code 
_struct_conn.details 
_struct_conn.pdbx_dist_value 
_struct_conn.pdbx_value_order 
_struct_conn.pdbx_role 
metalc1 metalc ? ? A MET 25 SD B ? ? 1_555 B PT  . PT B ? A MET 25  A PT  129 1_555 ? ? ? ? ? ? ? 2.438 ? ? 
metalc2 metalc ? ? B PT  .  PT B ? ? 1_555 C CL  . CL B ? A PT  129 A CL  130 1_555 ? ? ? ? ? ? ? 2.364 ? ? 
metalc3 metalc ? ? B PT  .  PT B ? ? 1_555 D HOH . O  B ? A PT  129 A HOH 131 1_555 ? ? ? ? ? ? ? 2.249 ? ? 
metalc4 metalc ? ? B PT  .  PT B ? ? 1_555 D HOH . O  B ? A PT  129 A HOH 132 1_555 ? ? ? ? ? ? ? 2.301 ? ? 
# 
_struct_conn_type.id          metalc 
_struct_conn_type.criteria    ? 
_struct_conn_type.reference   ? 
# 
loop_
_pdbx_struct_conn_angle.id 
_pdbx_struct_conn_angle.ptnr1_label_atom_id 
_pdbx_struct_conn_angle.ptnr1_label_alt_id 
_pdbx_struct_conn_angle.ptnr1_label_asym_id 
_pdbx_struct_conn_angle.ptnr1_label_comp_id 
_pdbx_struct_conn_angle.ptnr1_label_seq_id 
_pdbx_struct_conn_angle.ptnr1_auth_atom_id 
_pdbx_struct_conn_angle.ptnr1_auth_asym_id 
_pdbx_struct_conn_angle.ptnr1_auth_comp_id 
_pdbx_struct_conn_angle.ptnr1_auth_seq_id 
_pdbx_struct_conn_angle.ptnr1_PDB_ins_code 
_pdbx_struct_conn_angle.ptnr1_symmetry 
_pdbx_struct_conn_angle.ptnr2_label_atom_id 
_pdbx_struct_conn_angle.ptnr2_label_alt_id 
_pdbx_struct_conn_angle.ptnr2_label_asym_id 
_pdbx_struct_conn_angle.ptnr2_label_comp_id 
_pdbx_struct_conn_angle.ptnr2_label_seq_id 
_pdbx_struct_conn_angle.ptnr2_auth_atom_id 
_pdbx_struct_conn_angle.ptnr2_auth_asym_id 
_pdbx_struct_conn_angle.ptnr2_auth_comp_id 
_pdbx_struct_conn_angle.ptnr2_auth_seq_id 
_pdbx_struct_conn_angle.ptnr2_PDB_ins_code 
_pdbx_struct_conn_angle.ptnr2_symmetry 
_pdbx_struct_conn_angle.ptnr3_label_atom_id 
_pdbx_struct_conn_angle.ptnr3_label_alt_id 
_pdbx_struct_conn_angle.ptnr3_label_asym_id 
_pdbx_struct_conn_angle.ptnr3_label_comp_id 
_pdbx_struct_conn_angle.ptnr3_label_seq_id 
_pdbx_struct_conn_angle.ptnr3_auth_atom_id 
_pdbx_struct_conn_angle.ptnr3_auth_asym_id 
_pdbx_struct_conn_angle.ptnr3_auth_comp_id 
_pdbx_struct_conn_angle.ptnr3_auth_seq_id 
_pdbx_struct_conn_angle.ptnr3_PDB_ins_code 
_pdbx_struct_conn_angle.ptnr3_symmetry 
_pdbx_struct_conn_angle.value 
_pdbx_struct_conn_angle.value_esd 
1 SD B A MET 25 ? A MET 25  ? 1_555 PT B B PT . ? A PT 129 ? 1_555 CL B C CL  . ? A CL  130 ? 1_555 105.7 ? 
2 SD B A MET 25 ? A MET 25  ? 1_555 PT B B PT . ? A PT 129 ? 1_555 O  B D HOH . ? A HOH 131 ? 1_555 79.7  ? 
3 CL B C CL  .  ? A CL  130 ? 1_555 PT B B PT . ? A PT 129 ? 1_555 O  B D HOH . ? A HOH 131 ? 1_555 174.5 ? 
4 SD B A MET 25 ? A MET 25  ? 1_555 PT B B PT . ? A PT 129 ? 1_555 O  B D HOH . ? A HOH 132 ? 1_555 156.5 ? 
5 CL B C CL  .  ? A CL  130 ? 1_555 PT B B PT . ? A PT 129 ? 1_555 O  B D HOH . ? A HOH 132 ? 1_555 97.8  ? 
6 O  B D HOH .  ? A HOH 131 ? 1_555 PT B B PT . ? A PT 129 ? 1_555 O  B D HOH . ? A HOH 132 ? 1_555 76.8  ? 
# 
_struct_sheet.id               A 
_struct_sheet.type             ? 
_struct_sheet.number_strands   5 
_struct_sheet.details          ? 
# 
loop_
_struct_sheet_order.sheet_id 
_struct_sheet_order.range_id_1 
_struct_sheet_order.range_id_2 
_struct_sheet_order.offset 
_struct_sheet_order.sense 
A 1 2 ? anti-parallel 
A 2 3 ? anti-parallel 
A 3 4 ? anti-parallel 
A 4 5 ? anti-parallel 
# 
loop_
_struct_sheet_range.sheet_id 
_struct_sheet_range.id 
_struct_sheet_range.beg_label_comp_id 
_struct_sheet_range.beg_label_asym_id 
_struct_sheet_range.beg_label_seq_id 
_struct_sheet_range.pdbx_beg_PDB_ins_code 
_struct_sheet_range.end_label_comp_id 
_struct_sheet_range.end_label_asym_id 
_struct_sheet_range.end_label_seq_id 
_struct_sheet_range.pdbx_end_PDB_ins_code 
_struct_sheet_range.beg_auth_comp_id 
_struct_sheet_range.beg_auth_asym_id 
_struct_sheet_range.beg_auth_seq_id 
_struct_sheet_range.end_auth_comp_id 
_struct_sheet_range.end_auth_asym_id 
_struct_sheet_range.end_auth_seq_id 
A 1 SER A 112 ? PRO A 120 ? SER A 112 PRO A 120 
A 2 PHE A 104 ? ARG A 109 ? PHE A 104 ARG A 109 
A 3 GLU A 94  ? ASN A 101 ? GLU A 94  ASN A 101 
A 4 THR A 85  ? VAL A 88  ? THR A 85  VAL A 88  
A 5 LEU A 124 ? GLU A 126 ? LEU A 124 GLU A 126 
# 
loop_
_pdbx_struct_sheet_hbond.sheet_id 
_pdbx_struct_sheet_hbond.range_id_1 
_pdbx_struct_sheet_hbond.range_id_2 
_pdbx_struct_sheet_hbond.range_1_label_atom_id 
_pdbx_struct_sheet_hbond.range_1_label_comp_id 
_pdbx_struct_sheet_hbond.range_1_label_asym_id 
_pdbx_struct_sheet_hbond.range_1_label_seq_id 
_pdbx_struct_sheet_hbond.range_1_PDB_ins_code 
_pdbx_struct_sheet_hbond.range_1_auth_atom_id 
_pdbx_struct_sheet_hbond.range_1_auth_comp_id 
_pdbx_struct_sheet_hbond.range_1_auth_asym_id 
_pdbx_struct_sheet_hbond.range_1_auth_seq_id 
_pdbx_struct_sheet_hbond.range_2_label_atom_id 
_pdbx_struct_sheet_hbond.range_2_label_comp_id 
_pdbx_struct_sheet_hbond.range_2_label_asym_id 
_pdbx_struct_sheet_hbond.range_2_label_seq_id 
_pdbx_struct_sheet_hbond.range_2_PDB_ins_code 
_pdbx_struct_sheet_hbond.range_2_auth_atom_id 
_pdbx_struct_sheet_hbond.range_2_auth_comp_id 
_pdbx_struct_sheet_hbond.range_2_auth_asym_id 
_pdbx_struct_sheet_hbond.range_2_auth_seq_id 
A 1 2 O LEU A 119 ? O LEU A 119 N ALA A 105 ? N ALA A 105 
A 2 3 O TRP A 106 ? O TRP A 106 N SER A 98  ? N SER A 98  
A 3 4 O PHE A 95  ? O PHE A 95  N TYR A 86  ? N TYR A 86  
A 4 5 N ARG A 87  ? N ARG A 87  O GLN A 125 ? O GLN A 125 
# 
loop_
_struct_site.id 
_struct_site.pdbx_evidence_code 
_struct_site.pdbx_auth_asym_id 
_struct_site.pdbx_auth_comp_id 
_struct_site.pdbx_auth_seq_id 
_struct_site.pdbx_auth_ins_code 
_struct_site.pdbx_num_residues 
_struct_site.details 
AC1 Software A PT 129 ? 5 'BINDING SITE FOR RESIDUE PT A 129' 
AC2 Software A CL 130 ? 5 'BINDING SITE FOR RESIDUE CL A 130' 
# 
loop_
_struct_site_gen.id 
_struct_site_gen.site_id 
_struct_site_gen.pdbx_num_res 
_struct_site_gen.label_comp_id 
_struct_site_gen.label_asym_id 
_struct_site_gen.label_seq_id 
_struct_site_gen.pdbx_auth_ins_code 
_struct_site_gen.auth_comp_id 
_struct_site_gen.auth_asym_id 
_struct_site_gen.auth_seq_id 
_struct_site_gen.label_atom_id 
_struct_site_gen.label_alt_id 
_struct_site_gen.symmetry 
_struct_site_gen.details 
1  AC1 5 MET A 25 ? MET A 25  . ? 1_555 ? 
2  AC1 5 MET A 69 ? MET A 69  . ? 1_555 ? 
3  AC1 5 CL  C .  ? CL  A 130 . ? 1_555 ? 
4  AC1 5 HOH D .  ? HOH A 131 . ? 1_555 ? 
5  AC1 5 HOH D .  ? HOH A 132 . ? 1_555 ? 
6  AC2 5 MET A 25 ? MET A 25  . ? 1_555 ? 
7  AC2 5 TYR A 29 ? TYR A 29  . ? 1_555 ? 
8  AC2 5 MET A 69 ? MET A 69  . ? 1_555 ? 
9  AC2 5 TYR A 73 ? TYR A 73  . ? 1_555 ? 
10 AC2 5 PT  B .  ? PT  A 129 . ? 1_555 ? 
# 
_pdbx_validate_rmsd_angle.id                         1 
_pdbx_validate_rmsd_angle.PDB_model_num              1 
_pdbx_validate_rmsd_angle.auth_atom_id_1             CG 
_pdbx_validate_rmsd_angle.auth_asym_id_1             A 
_pdbx_validate_rmsd_angle.auth_comp_id_1             MET 
_pdbx_validate_rmsd_angle.auth_seq_id_1              25 
_pdbx_validate_rmsd_angle.PDB_ins_code_1             ? 
_pdbx_validate_rmsd_angle.label_alt_id_1             A 
_pdbx_validate_rmsd_angle.auth_atom_id_2             SD 
_pdbx_validate_rmsd_angle.auth_asym_id_2             A 
_pdbx_validate_rmsd_angle.auth_comp_id_2             MET 
_pdbx_validate_rmsd_angle.auth_seq_id_2              25 
_pdbx_validate_rmsd_angle.PDB_ins_code_2             ? 
_pdbx_validate_rmsd_angle.label_alt_id_2             A 
_pdbx_validate_rmsd_angle.auth_atom_id_3             CE 
_pdbx_validate_rmsd_angle.auth_asym_id_3             A 
_pdbx_validate_rmsd_angle.auth_comp_id_3             MET 
_pdbx_validate_rmsd_angle.auth_seq_id_3              25 
_pdbx_validate_rmsd_angle.PDB_ins_code_3             ? 
_pdbx_validate_rmsd_angle.label_alt_id_3             A 
_pdbx_validate_rmsd_angle.angle_value                109.81 
_pdbx_validate_rmsd_angle.angle_target_value         100.20 
_pdbx_validate_rmsd_angle.angle_deviation            9.61 
_pdbx_validate_rmsd_angle.angle_standard_deviation   1.60 
_pdbx_validate_rmsd_angle.linker_flag                N 
# 
_pdbx_SG_project.id                    1 
_pdbx_SG_project.project_name          'PSI, Protein Structure Initiative' 
_pdbx_SG_project.full_name_of_center   'Midwest Center for Structural Genomics' 
_pdbx_SG_project.initial_of_center     MCSG 
# 
_pdbx_struct_special_symmetry.id              1 
_pdbx_struct_special_symmetry.PDB_model_num   1 
_pdbx_struct_special_symmetry.auth_asym_id    A 
_pdbx_struct_special_symmetry.auth_comp_id    HOH 
_pdbx_struct_special_symmetry.auth_seq_id     266 
_pdbx_struct_special_symmetry.PDB_ins_code    ? 
_pdbx_struct_special_symmetry.label_asym_id   D 
_pdbx_struct_special_symmetry.label_comp_id   HOH 
_pdbx_struct_special_symmetry.label_seq_id    . 
# 
loop_
_pdbx_unobs_or_zero_occ_residues.id 
_pdbx_unobs_or_zero_occ_residues.PDB_model_num 
_pdbx_unobs_or_zero_occ_residues.polymer_flag 
_pdbx_unobs_or_zero_occ_residues.occupancy_flag 
_pdbx_unobs_or_zero_occ_residues.auth_asym_id 
_pdbx_unobs_or_zero_occ_residues.auth_comp_id 
_pdbx_unobs_or_zero_occ_residues.auth_seq_id 
_pdbx_unobs_or_zero_occ_residues.PDB_ins_code 
_pdbx_unobs_or_zero_occ_residues.label_asym_id 
_pdbx_unobs_or_zero_occ_residues.label_comp_id 
_pdbx_unobs_or_zero_occ_residues.label_seq_id 
1  1 Y 1 A MET 1  ? A MET 1  
2  1 Y 1 A HIS 2  ? A HIS 2  
3  1 Y 1 A HIS 3  ? A HIS 3  
4  1 Y 1 A HIS 4  ? A HIS 4  
5  1 Y 1 A HIS 5  ? A HIS 5  
6  1 Y 1 A HIS 6  ? A HIS 6  
7  1 Y 1 A HIS 7  ? A HIS 7  
8  1 Y 1 A SER 8  ? A SER 8  
9  1 Y 1 A SER 9  ? A SER 9  
10 1 Y 1 A GLY 10 ? A GLY 10 
# 
loop_
_chem_comp_atom.comp_id 
_chem_comp_atom.atom_id 
_chem_comp_atom.type_symbol 
_chem_comp_atom.pdbx_aromatic_flag 
_chem_comp_atom.pdbx_stereo_config 
_chem_comp_atom.pdbx_ordinal 
ALA N    N  N N 1   
ALA CA   C  N S 2   
ALA C    C  N N 3   
ALA O    O  N N 4   
ALA CB   C  N N 5   
ALA OXT  O  N N 6   
ALA H    H  N N 7   
ALA H2   H  N N 8   
ALA HA   H  N N 9   
ALA HB1  H  N N 10  
ALA HB2  H  N N 11  
ALA HB3  H  N N 12  
ALA HXT  H  N N 13  
ARG N    N  N N 14  
ARG CA   C  N S 15  
ARG C    C  N N 16  
ARG O    O  N N 17  
ARG CB   C  N N 18  
ARG CG   C  N N 19  
ARG CD   C  N N 20  
ARG NE   N  N N 21  
ARG CZ   C  N N 22  
ARG NH1  N  N N 23  
ARG NH2  N  N N 24  
ARG OXT  O  N N 25  
ARG H    H  N N 26  
ARG H2   H  N N 27  
ARG HA   H  N N 28  
ARG HB2  H  N N 29  
ARG HB3  H  N N 30  
ARG HG2  H  N N 31  
ARG HG3  H  N N 32  
ARG HD2  H  N N 33  
ARG HD3  H  N N 34  
ARG HE   H  N N 35  
ARG HH11 H  N N 36  
ARG HH12 H  N N 37  
ARG HH21 H  N N 38  
ARG HH22 H  N N 39  
ARG HXT  H  N N 40  
ASN N    N  N N 41  
ASN CA   C  N S 42  
ASN C    C  N N 43  
ASN O    O  N N 44  
ASN CB   C  N N 45  
ASN CG   C  N N 46  
ASN OD1  O  N N 47  
ASN ND2  N  N N 48  
ASN OXT  O  N N 49  
ASN H    H  N N 50  
ASN H2   H  N N 51  
ASN HA   H  N N 52  
ASN HB2  H  N N 53  
ASN HB3  H  N N 54  
ASN HD21 H  N N 55  
ASN HD22 H  N N 56  
ASN HXT  H  N N 57  
ASP N    N  N N 58  
ASP CA   C  N S 59  
ASP C    C  N N 60  
ASP O    O  N N 61  
ASP CB   C  N N 62  
ASP CG   C  N N 63  
ASP OD1  O  N N 64  
ASP OD2  O  N N 65  
ASP OXT  O  N N 66  
ASP H    H  N N 67  
ASP H2   H  N N 68  
ASP HA   H  N N 69  
ASP HB2  H  N N 70  
ASP HB3  H  N N 71  
ASP HD2  H  N N 72  
ASP HXT  H  N N 73  
CL  CL   CL N N 74  
GLN N    N  N N 75  
GLN CA   C  N S 76  
GLN C    C  N N 77  
GLN O    O  N N 78  
GLN CB   C  N N 79  
GLN CG   C  N N 80  
GLN CD   C  N N 81  
GLN OE1  O  N N 82  
GLN NE2  N  N N 83  
GLN OXT  O  N N 84  
GLN H    H  N N 85  
GLN H2   H  N N 86  
GLN HA   H  N N 87  
GLN HB2  H  N N 88  
GLN HB3  H  N N 89  
GLN HG2  H  N N 90  
GLN HG3  H  N N 91  
GLN HE21 H  N N 92  
GLN HE22 H  N N 93  
GLN HXT  H  N N 94  
GLU N    N  N N 95  
GLU CA   C  N S 96  
GLU C    C  N N 97  
GLU O    O  N N 98  
GLU CB   C  N N 99  
GLU CG   C  N N 100 
GLU CD   C  N N 101 
GLU OE1  O  N N 102 
GLU OE2  O  N N 103 
GLU OXT  O  N N 104 
GLU H    H  N N 105 
GLU H2   H  N N 106 
GLU HA   H  N N 107 
GLU HB2  H  N N 108 
GLU HB3  H  N N 109 
GLU HG2  H  N N 110 
GLU HG3  H  N N 111 
GLU HE2  H  N N 112 
GLU HXT  H  N N 113 
GLY N    N  N N 114 
GLY CA   C  N N 115 
GLY C    C  N N 116 
GLY O    O  N N 117 
GLY OXT  O  N N 118 
GLY H    H  N N 119 
GLY H2   H  N N 120 
GLY HA2  H  N N 121 
GLY HA3  H  N N 122 
GLY HXT  H  N N 123 
HIS N    N  N N 124 
HIS CA   C  N S 125 
HIS C    C  N N 126 
HIS O    O  N N 127 
HIS CB   C  N N 128 
HIS CG   C  Y N 129 
HIS ND1  N  Y N 130 
HIS CD2  C  Y N 131 
HIS CE1  C  Y N 132 
HIS NE2  N  Y N 133 
HIS OXT  O  N N 134 
HIS H    H  N N 135 
HIS H2   H  N N 136 
HIS HA   H  N N 137 
HIS HB2  H  N N 138 
HIS HB3  H  N N 139 
HIS HD1  H  N N 140 
HIS HD2  H  N N 141 
HIS HE1  H  N N 142 
HIS HE2  H  N N 143 
HIS HXT  H  N N 144 
HOH O    O  N N 145 
HOH H1   H  N N 146 
HOH H2   H  N N 147 
ILE N    N  N N 148 
ILE CA   C  N S 149 
ILE C    C  N N 150 
ILE O    O  N N 151 
ILE CB   C  N S 152 
ILE CG1  C  N N 153 
ILE CG2  C  N N 154 
ILE CD1  C  N N 155 
ILE OXT  O  N N 156 
ILE H    H  N N 157 
ILE H2   H  N N 158 
ILE HA   H  N N 159 
ILE HB   H  N N 160 
ILE HG12 H  N N 161 
ILE HG13 H  N N 162 
ILE HG21 H  N N 163 
ILE HG22 H  N N 164 
ILE HG23 H  N N 165 
ILE HD11 H  N N 166 
ILE HD12 H  N N 167 
ILE HD13 H  N N 168 
ILE HXT  H  N N 169 
LEU N    N  N N 170 
LEU CA   C  N S 171 
LEU C    C  N N 172 
LEU O    O  N N 173 
LEU CB   C  N N 174 
LEU CG   C  N N 175 
LEU CD1  C  N N 176 
LEU CD2  C  N N 177 
LEU OXT  O  N N 178 
LEU H    H  N N 179 
LEU H2   H  N N 180 
LEU HA   H  N N 181 
LEU HB2  H  N N 182 
LEU HB3  H  N N 183 
LEU HG   H  N N 184 
LEU HD11 H  N N 185 
LEU HD12 H  N N 186 
LEU HD13 H  N N 187 
LEU HD21 H  N N 188 
LEU HD22 H  N N 189 
LEU HD23 H  N N 190 
LEU HXT  H  N N 191 
LYS N    N  N N 192 
LYS CA   C  N S 193 
LYS C    C  N N 194 
LYS O    O  N N 195 
LYS CB   C  N N 196 
LYS CG   C  N N 197 
LYS CD   C  N N 198 
LYS CE   C  N N 199 
LYS NZ   N  N N 200 
LYS OXT  O  N N 201 
LYS H    H  N N 202 
LYS H2   H  N N 203 
LYS HA   H  N N 204 
LYS HB2  H  N N 205 
LYS HB3  H  N N 206 
LYS HG2  H  N N 207 
LYS HG3  H  N N 208 
LYS HD2  H  N N 209 
LYS HD3  H  N N 210 
LYS HE2  H  N N 211 
LYS HE3  H  N N 212 
LYS HZ1  H  N N 213 
LYS HZ2  H  N N 214 
LYS HZ3  H  N N 215 
LYS HXT  H  N N 216 
MET N    N  N N 217 
MET CA   C  N S 218 
MET C    C  N N 219 
MET O    O  N N 220 
MET CB   C  N N 221 
MET CG   C  N N 222 
MET SD   S  N N 223 
MET CE   C  N N 224 
MET OXT  O  N N 225 
MET H    H  N N 226 
MET H2   H  N N 227 
MET HA   H  N N 228 
MET HB2  H  N N 229 
MET HB3  H  N N 230 
MET HG2  H  N N 231 
MET HG3  H  N N 232 
MET HE1  H  N N 233 
MET HE2  H  N N 234 
MET HE3  H  N N 235 
MET HXT  H  N N 236 
PHE N    N  N N 237 
PHE CA   C  N S 238 
PHE C    C  N N 239 
PHE O    O  N N 240 
PHE CB   C  N N 241 
PHE CG   C  Y N 242 
PHE CD1  C  Y N 243 
PHE CD2  C  Y N 244 
PHE CE1  C  Y N 245 
PHE CE2  C  Y N 246 
PHE CZ   C  Y N 247 
PHE OXT  O  N N 248 
PHE H    H  N N 249 
PHE H2   H  N N 250 
PHE HA   H  N N 251 
PHE HB2  H  N N 252 
PHE HB3  H  N N 253 
PHE HD1  H  N N 254 
PHE HD2  H  N N 255 
PHE HE1  H  N N 256 
PHE HE2  H  N N 257 
PHE HZ   H  N N 258 
PHE HXT  H  N N 259 
PRO N    N  N N 260 
PRO CA   C  N S 261 
PRO C    C  N N 262 
PRO O    O  N N 263 
PRO CB   C  N N 264 
PRO CG   C  N N 265 
PRO CD   C  N N 266 
PRO OXT  O  N N 267 
PRO H    H  N N 268 
PRO HA   H  N N 269 
PRO HB2  H  N N 270 
PRO HB3  H  N N 271 
PRO HG2  H  N N 272 
PRO HG3  H  N N 273 
PRO HD2  H  N N 274 
PRO HD3  H  N N 275 
PRO HXT  H  N N 276 
PT  PT   PT N N 277 
SER N    N  N N 278 
SER CA   C  N S 279 
SER C    C  N N 280 
SER O    O  N N 281 
SER CB   C  N N 282 
SER OG   O  N N 283 
SER OXT  O  N N 284 
SER H    H  N N 285 
SER H2   H  N N 286 
SER HA   H  N N 287 
SER HB2  H  N N 288 
SER HB3  H  N N 289 
SER HG   H  N N 290 
SER HXT  H  N N 291 
THR N    N  N N 292 
THR CA   C  N S 293 
THR C    C  N N 294 
THR O    O  N N 295 
THR CB   C  N R 296 
THR OG1  O  N N 297 
THR CG2  C  N N 298 
THR OXT  O  N N 299 
THR H    H  N N 300 
THR H2   H  N N 301 
THR HA   H  N N 302 
THR HB   H  N N 303 
THR HG1  H  N N 304 
THR HG21 H  N N 305 
THR HG22 H  N N 306 
THR HG23 H  N N 307 
THR HXT  H  N N 308 
TRP N    N  N N 309 
TRP CA   C  N S 310 
TRP C    C  N N 311 
TRP O    O  N N 312 
TRP CB   C  N N 313 
TRP CG   C  Y N 314 
TRP CD1  C  Y N 315 
TRP CD2  C  Y N 316 
TRP NE1  N  Y N 317 
TRP CE2  C  Y N 318 
TRP CE3  C  Y N 319 
TRP CZ2  C  Y N 320 
TRP CZ3  C  Y N 321 
TRP CH2  C  Y N 322 
TRP OXT  O  N N 323 
TRP H    H  N N 324 
TRP H2   H  N N 325 
TRP HA   H  N N 326 
TRP HB2  H  N N 327 
TRP HB3  H  N N 328 
TRP HD1  H  N N 329 
TRP HE1  H  N N 330 
TRP HE3  H  N N 331 
TRP HZ2  H  N N 332 
TRP HZ3  H  N N 333 
TRP HH2  H  N N 334 
TRP HXT  H  N N 335 
TYR N    N  N N 336 
TYR CA   C  N S 337 
TYR C    C  N N 338 
TYR O    O  N N 339 
TYR CB   C  N N 340 
TYR CG   C  Y N 341 
TYR CD1  C  Y N 342 
TYR CD2  C  Y N 343 
TYR CE1  C  Y N 344 
TYR CE2  C  Y N 345 
TYR CZ   C  Y N 346 
TYR OH   O  N N 347 
TYR OXT  O  N N 348 
TYR H    H  N N 349 
TYR H2   H  N N 350 
TYR HA   H  N N 351 
TYR HB2  H  N N 352 
TYR HB3  H  N N 353 
TYR HD1  H  N N 354 
TYR HD2  H  N N 355 
TYR HE1  H  N N 356 
TYR HE2  H  N N 357 
TYR HH   H  N N 358 
TYR HXT  H  N N 359 
VAL N    N  N N 360 
VAL CA   C  N S 361 
VAL C    C  N N 362 
VAL O    O  N N 363 
VAL CB   C  N N 364 
VAL CG1  C  N N 365 
VAL CG2  C  N N 366 
VAL OXT  O  N N 367 
VAL H    H  N N 368 
VAL H2   H  N N 369 
VAL HA   H  N N 370 
VAL HB   H  N N 371 
VAL HG11 H  N N 372 
VAL HG12 H  N N 373 
VAL HG13 H  N N 374 
VAL HG21 H  N N 375 
VAL HG22 H  N N 376 
VAL HG23 H  N N 377 
VAL HXT  H  N N 378 
# 
loop_
_chem_comp_bond.comp_id 
_chem_comp_bond.atom_id_1 
_chem_comp_bond.atom_id_2 
_chem_comp_bond.value_order 
_chem_comp_bond.pdbx_aromatic_flag 
_chem_comp_bond.pdbx_stereo_config 
_chem_comp_bond.pdbx_ordinal 
ALA N   CA   sing N N 1   
ALA N   H    sing N N 2   
ALA N   H2   sing N N 3   
ALA CA  C    sing N N 4   
ALA CA  CB   sing N N 5   
ALA CA  HA   sing N N 6   
ALA C   O    doub N N 7   
ALA C   OXT  sing N N 8   
ALA CB  HB1  sing N N 9   
ALA CB  HB2  sing N N 10  
ALA CB  HB3  sing N N 11  
ALA OXT HXT  sing N N 12  
ARG N   CA   sing N N 13  
ARG N   H    sing N N 14  
ARG N   H2   sing N N 15  
ARG CA  C    sing N N 16  
ARG CA  CB   sing N N 17  
ARG CA  HA   sing N N 18  
ARG C   O    doub N N 19  
ARG C   OXT  sing N N 20  
ARG CB  CG   sing N N 21  
ARG CB  HB2  sing N N 22  
ARG CB  HB3  sing N N 23  
ARG CG  CD   sing N N 24  
ARG CG  HG2  sing N N 25  
ARG CG  HG3  sing N N 26  
ARG CD  NE   sing N N 27  
ARG CD  HD2  sing N N 28  
ARG CD  HD3  sing N N 29  
ARG NE  CZ   sing N N 30  
ARG NE  HE   sing N N 31  
ARG CZ  NH1  sing N N 32  
ARG CZ  NH2  doub N N 33  
ARG NH1 HH11 sing N N 34  
ARG NH1 HH12 sing N N 35  
ARG NH2 HH21 sing N N 36  
ARG NH2 HH22 sing N N 37  
ARG OXT HXT  sing N N 38  
ASN N   CA   sing N N 39  
ASN N   H    sing N N 40  
ASN N   H2   sing N N 41  
ASN CA  C    sing N N 42  
ASN CA  CB   sing N N 43  
ASN CA  HA   sing N N 44  
ASN C   O    doub N N 45  
ASN C   OXT  sing N N 46  
ASN CB  CG   sing N N 47  
ASN CB  HB2  sing N N 48  
ASN CB  HB3  sing N N 49  
ASN CG  OD1  doub N N 50  
ASN CG  ND2  sing N N 51  
ASN ND2 HD21 sing N N 52  
ASN ND2 HD22 sing N N 53  
ASN OXT HXT  sing N N 54  
ASP N   CA   sing N N 55  
ASP N   H    sing N N 56  
ASP N   H2   sing N N 57  
ASP CA  C    sing N N 58  
ASP CA  CB   sing N N 59  
ASP CA  HA   sing N N 60  
ASP C   O    doub N N 61  
ASP C   OXT  sing N N 62  
ASP CB  CG   sing N N 63  
ASP CB  HB2  sing N N 64  
ASP CB  HB3  sing N N 65  
ASP CG  OD1  doub N N 66  
ASP CG  OD2  sing N N 67  
ASP OD2 HD2  sing N N 68  
ASP OXT HXT  sing N N 69  
GLN N   CA   sing N N 70  
GLN N   H    sing N N 71  
GLN N   H2   sing N N 72  
GLN CA  C    sing N N 73  
GLN CA  CB   sing N N 74  
GLN CA  HA   sing N N 75  
GLN C   O    doub N N 76  
GLN C   OXT  sing N N 77  
GLN CB  CG   sing N N 78  
GLN CB  HB2  sing N N 79  
GLN CB  HB3  sing N N 80  
GLN CG  CD   sing N N 81  
GLN CG  HG2  sing N N 82  
GLN CG  HG3  sing N N 83  
GLN CD  OE1  doub N N 84  
GLN CD  NE2  sing N N 85  
GLN NE2 HE21 sing N N 86  
GLN NE2 HE22 sing N N 87  
GLN OXT HXT  sing N N 88  
GLU N   CA   sing N N 89  
GLU N   H    sing N N 90  
GLU N   H2   sing N N 91  
GLU CA  C    sing N N 92  
GLU CA  CB   sing N N 93  
GLU CA  HA   sing N N 94  
GLU C   O    doub N N 95  
GLU C   OXT  sing N N 96  
GLU CB  CG   sing N N 97  
GLU CB  HB2  sing N N 98  
GLU CB  HB3  sing N N 99  
GLU CG  CD   sing N N 100 
GLU CG  HG2  sing N N 101 
GLU CG  HG3  sing N N 102 
GLU CD  OE1  doub N N 103 
GLU CD  OE2  sing N N 104 
GLU OE2 HE2  sing N N 105 
GLU OXT HXT  sing N N 106 
GLY N   CA   sing N N 107 
GLY N   H    sing N N 108 
GLY N   H2   sing N N 109 
GLY CA  C    sing N N 110 
GLY CA  HA2  sing N N 111 
GLY CA  HA3  sing N N 112 
GLY C   O    doub N N 113 
GLY C   OXT  sing N N 114 
GLY OXT HXT  sing N N 115 
HIS N   CA   sing N N 116 
HIS N   H    sing N N 117 
HIS N   H2   sing N N 118 
HIS CA  C    sing N N 119 
HIS CA  CB   sing N N 120 
HIS CA  HA   sing N N 121 
HIS C   O    doub N N 122 
HIS C   OXT  sing N N 123 
HIS CB  CG   sing N N 124 
HIS CB  HB2  sing N N 125 
HIS CB  HB3  sing N N 126 
HIS CG  ND1  sing Y N 127 
HIS CG  CD2  doub Y N 128 
HIS ND1 CE1  doub Y N 129 
HIS ND1 HD1  sing N N 130 
HIS CD2 NE2  sing Y N 131 
HIS CD2 HD2  sing N N 132 
HIS CE1 NE2  sing Y N 133 
HIS CE1 HE1  sing N N 134 
HIS NE2 HE2  sing N N 135 
HIS OXT HXT  sing N N 136 
HOH O   H1   sing N N 137 
HOH O   H2   sing N N 138 
ILE N   CA   sing N N 139 
ILE N   H    sing N N 140 
ILE N   H2   sing N N 141 
ILE CA  C    sing N N 142 
ILE CA  CB   sing N N 143 
ILE CA  HA   sing N N 144 
ILE C   O    doub N N 145 
ILE C   OXT  sing N N 146 
ILE CB  CG1  sing N N 147 
ILE CB  CG2  sing N N 148 
ILE CB  HB   sing N N 149 
ILE CG1 CD1  sing N N 150 
ILE CG1 HG12 sing N N 151 
ILE CG1 HG13 sing N N 152 
ILE CG2 HG21 sing N N 153 
ILE CG2 HG22 sing N N 154 
ILE CG2 HG23 sing N N 155 
ILE CD1 HD11 sing N N 156 
ILE CD1 HD12 sing N N 157 
ILE CD1 HD13 sing N N 158 
ILE OXT HXT  sing N N 159 
LEU N   CA   sing N N 160 
LEU N   H    sing N N 161 
LEU N   H2   sing N N 162 
LEU CA  C    sing N N 163 
LEU CA  CB   sing N N 164 
LEU CA  HA   sing N N 165 
LEU C   O    doub N N 166 
LEU C   OXT  sing N N 167 
LEU CB  CG   sing N N 168 
LEU CB  HB2  sing N N 169 
LEU CB  HB3  sing N N 170 
LEU CG  CD1  sing N N 171 
LEU CG  CD2  sing N N 172 
LEU CG  HG   sing N N 173 
LEU CD1 HD11 sing N N 174 
LEU CD1 HD12 sing N N 175 
LEU CD1 HD13 sing N N 176 
LEU CD2 HD21 sing N N 177 
LEU CD2 HD22 sing N N 178 
LEU CD2 HD23 sing N N 179 
LEU OXT HXT  sing N N 180 
LYS N   CA   sing N N 181 
LYS N   H    sing N N 182 
LYS N   H2   sing N N 183 
LYS CA  C    sing N N 184 
LYS CA  CB   sing N N 185 
LYS CA  HA   sing N N 186 
LYS C   O    doub N N 187 
LYS C   OXT  sing N N 188 
LYS CB  CG   sing N N 189 
LYS CB  HB2  sing N N 190 
LYS CB  HB3  sing N N 191 
LYS CG  CD   sing N N 192 
LYS CG  HG2  sing N N 193 
LYS CG  HG3  sing N N 194 
LYS CD  CE   sing N N 195 
LYS CD  HD2  sing N N 196 
LYS CD  HD3  sing N N 197 
LYS CE  NZ   sing N N 198 
LYS CE  HE2  sing N N 199 
LYS CE  HE3  sing N N 200 
LYS NZ  HZ1  sing N N 201 
LYS NZ  HZ2  sing N N 202 
LYS NZ  HZ3  sing N N 203 
LYS OXT HXT  sing N N 204 
MET N   CA   sing N N 205 
MET N   H    sing N N 206 
MET N   H2   sing N N 207 
MET CA  C    sing N N 208 
MET CA  CB   sing N N 209 
MET CA  HA   sing N N 210 
MET C   O    doub N N 211 
MET C   OXT  sing N N 212 
MET CB  CG   sing N N 213 
MET CB  HB2  sing N N 214 
MET CB  HB3  sing N N 215 
MET CG  SD   sing N N 216 
MET CG  HG2  sing N N 217 
MET CG  HG3  sing N N 218 
MET SD  CE   sing N N 219 
MET CE  HE1  sing N N 220 
MET CE  HE2  sing N N 221 
MET CE  HE3  sing N N 222 
MET OXT HXT  sing N N 223 
PHE N   CA   sing N N 224 
PHE N   H    sing N N 225 
PHE N   H2   sing N N 226 
PHE CA  C    sing N N 227 
PHE CA  CB   sing N N 228 
PHE CA  HA   sing N N 229 
PHE C   O    doub N N 230 
PHE C   OXT  sing N N 231 
PHE CB  CG   sing N N 232 
PHE CB  HB2  sing N N 233 
PHE CB  HB3  sing N N 234 
PHE CG  CD1  doub Y N 235 
PHE CG  CD2  sing Y N 236 
PHE CD1 CE1  sing Y N 237 
PHE CD1 HD1  sing N N 238 
PHE CD2 CE2  doub Y N 239 
PHE CD2 HD2  sing N N 240 
PHE CE1 CZ   doub Y N 241 
PHE CE1 HE1  sing N N 242 
PHE CE2 CZ   sing Y N 243 
PHE CE2 HE2  sing N N 244 
PHE CZ  HZ   sing N N 245 
PHE OXT HXT  sing N N 246 
PRO N   CA   sing N N 247 
PRO N   CD   sing N N 248 
PRO N   H    sing N N 249 
PRO CA  C    sing N N 250 
PRO CA  CB   sing N N 251 
PRO CA  HA   sing N N 252 
PRO C   O    doub N N 253 
PRO C   OXT  sing N N 254 
PRO CB  CG   sing N N 255 
PRO CB  HB2  sing N N 256 
PRO CB  HB3  sing N N 257 
PRO CG  CD   sing N N 258 
PRO CG  HG2  sing N N 259 
PRO CG  HG3  sing N N 260 
PRO CD  HD2  sing N N 261 
PRO CD  HD3  sing N N 262 
PRO OXT HXT  sing N N 263 
SER N   CA   sing N N 264 
SER N   H    sing N N 265 
SER N   H2   sing N N 266 
SER CA  C    sing N N 267 
SER CA  CB   sing N N 268 
SER CA  HA   sing N N 269 
SER C   O    doub N N 270 
SER C   OXT  sing N N 271 
SER CB  OG   sing N N 272 
SER CB  HB2  sing N N 273 
SER CB  HB3  sing N N 274 
SER OG  HG   sing N N 275 
SER OXT HXT  sing N N 276 
THR N   CA   sing N N 277 
THR N   H    sing N N 278 
THR N   H2   sing N N 279 
THR CA  C    sing N N 280 
THR CA  CB   sing N N 281 
THR CA  HA   sing N N 282 
THR C   O    doub N N 283 
THR C   OXT  sing N N 284 
THR CB  OG1  sing N N 285 
THR CB  CG2  sing N N 286 
THR CB  HB   sing N N 287 
THR OG1 HG1  sing N N 288 
THR CG2 HG21 sing N N 289 
THR CG2 HG22 sing N N 290 
THR CG2 HG23 sing N N 291 
THR OXT HXT  sing N N 292 
TRP N   CA   sing N N 293 
TRP N   H    sing N N 294 
TRP N   H2   sing N N 295 
TRP CA  C    sing N N 296 
TRP CA  CB   sing N N 297 
TRP CA  HA   sing N N 298 
TRP C   O    doub N N 299 
TRP C   OXT  sing N N 300 
TRP CB  CG   sing N N 301 
TRP CB  HB2  sing N N 302 
TRP CB  HB3  sing N N 303 
TRP CG  CD1  doub Y N 304 
TRP CG  CD2  sing Y N 305 
TRP CD1 NE1  sing Y N 306 
TRP CD1 HD1  sing N N 307 
TRP CD2 CE2  doub Y N 308 
TRP CD2 CE3  sing Y N 309 
TRP NE1 CE2  sing Y N 310 
TRP NE1 HE1  sing N N 311 
TRP CE2 CZ2  sing Y N 312 
TRP CE3 CZ3  doub Y N 313 
TRP CE3 HE3  sing N N 314 
TRP CZ2 CH2  doub Y N 315 
TRP CZ2 HZ2  sing N N 316 
TRP CZ3 CH2  sing Y N 317 
TRP CZ3 HZ3  sing N N 318 
TRP CH2 HH2  sing N N 319 
TRP OXT HXT  sing N N 320 
TYR N   CA   sing N N 321 
TYR N   H    sing N N 322 
TYR N   H2   sing N N 323 
TYR CA  C    sing N N 324 
TYR CA  CB   sing N N 325 
TYR CA  HA   sing N N 326 
TYR C   O    doub N N 327 
TYR C   OXT  sing N N 328 
TYR CB  CG   sing N N 329 
TYR CB  HB2  sing N N 330 
TYR CB  HB3  sing N N 331 
TYR CG  CD1  doub Y N 332 
TYR CG  CD2  sing Y N 333 
TYR CD1 CE1  sing Y N 334 
TYR CD1 HD1  sing N N 335 
TYR CD2 CE2  doub Y N 336 
TYR CD2 HD2  sing N N 337 
TYR CE1 CZ   doub Y N 338 
TYR CE1 HE1  sing N N 339 
TYR CE2 CZ   sing Y N 340 
TYR CE2 HE2  sing N N 341 
TYR CZ  OH   sing N N 342 
TYR OH  HH   sing N N 343 
TYR OXT HXT  sing N N 344 
VAL N   CA   sing N N 345 
VAL N   H    sing N N 346 
VAL N   H2   sing N N 347 
VAL CA  C    sing N N 348 
VAL CA  CB   sing N N 349 
VAL CA  HA   sing N N 350 
VAL C   O    doub N N 351 
VAL C   OXT  sing N N 352 
VAL CB  CG1  sing N N 353 
VAL CB  CG2  sing N N 354 
VAL CB  HB   sing N N 355 
VAL CG1 HG11 sing N N 356 
VAL CG1 HG12 sing N N 357 
VAL CG1 HG13 sing N N 358 
VAL CG2 HG21 sing N N 359 
VAL CG2 HG22 sing N N 360 
VAL CG2 HG23 sing N N 361 
VAL OXT HXT  sing N N 362 
# 
_atom_sites.entry_id                    1SF9 
_atom_sites.fract_transf_matrix[1][1]   0.01026741 
_atom_sites.fract_transf_matrix[1][2]   0.00152099 
_atom_sites.fract_transf_matrix[1][3]   0.01668506 
_atom_sites.fract_transf_matrix[2][1]   0.00330504 
_atom_sites.fract_transf_matrix[2][2]   0.02088864 
_atom_sites.fract_transf_matrix[2][3]   -0.00393799 
_atom_sites.fract_transf_matrix[3][1]   -0.01178485 
_atom_sites.fract_transf_matrix[3][2]   0.00519037 
_atom_sites.fract_transf_matrix[3][3]   0.01764105 
_atom_sites.fract_transf_vector[1]      0.154761 
_atom_sites.fract_transf_vector[2]      0.111036 
_atom_sites.fract_transf_vector[3]      0.195435 
# 
loop_
_atom_type.symbol 
C  
CL 
N  
O  
PT 
S  
# 
loop_
_atom_site.group_PDB 
_atom_site.id 
_atom_site.type_symbol 
_atom_site.label_atom_id 
_atom_site.label_alt_id 
_atom_site.label_comp_id 
_atom_site.label_asym_id 
_atom_site.label_entity_id 
_atom_site.label_seq_id 
_atom_site.pdbx_PDB_ins_code 
_atom_site.Cartn_x 
_atom_site.Cartn_y 
_atom_site.Cartn_z 
_atom_site.occupancy 
_atom_site.B_iso_or_equiv 
_atom_site.pdbx_formal_charge 
_atom_site.auth_seq_id 
_atom_site.auth_comp_id 
_atom_site.auth_asym_id 
_atom_site.auth_atom_id 
_atom_site.pdbx_PDB_model_num 
ATOM   1    N  N   . VAL A 1 11  ? 22.755  -18.380 -9.503  1.00 39.67 ? 11  VAL A N   1 
ATOM   2    C  CA  . VAL A 1 11  ? 21.556  -17.535 -9.232  1.00 38.67 ? 11  VAL A CA  1 
ATOM   3    C  C   . VAL A 1 11  ? 21.530  -16.977 -7.807  1.00 36.98 ? 11  VAL A C   1 
ATOM   4    O  O   . VAL A 1 11  ? 21.353  -17.722 -6.837  1.00 39.19 ? 11  VAL A O   1 
ATOM   5    C  CB  . VAL A 1 11  ? 20.257  -18.334 -9.462  1.00 39.56 ? 11  VAL A CB  1 
ATOM   6    C  CG1 . VAL A 1 11  ? 19.048  -17.437 -9.229  1.00 39.05 ? 11  VAL A CG1 1 
ATOM   7    C  CG2 . VAL A 1 11  ? 20.239  -18.902 -10.883 1.00 40.77 ? 11  VAL A CG2 1 
ATOM   8    N  N   . ASP A 1 12  ? 21.699  -15.665 -7.688  1.00 34.83 ? 12  ASP A N   1 
ATOM   9    C  CA  . ASP A 1 12  ? 21.678  -15.004 -6.389  1.00 29.77 ? 12  ASP A CA  1 
ATOM   10   C  C   . ASP A 1 12  ? 20.245  -14.562 -6.137  1.00 27.01 ? 12  ASP A C   1 
ATOM   11   O  O   . ASP A 1 12  ? 19.885  -13.390 -6.294  1.00 23.20 ? 12  ASP A O   1 
ATOM   12   C  CB  . ASP A 1 12  ? 22.616  -13.795 -6.377  1.00 31.78 ? 12  ASP A CB  1 
ATOM   13   C  CG  . ASP A 1 12  ? 22.643  -13.089 -5.030  1.00 33.74 ? 12  ASP A CG  1 
ATOM   14   O  OD1 . ASP A 1 12  ? 22.292  -13.720 -4.005  1.00 36.01 ? 12  ASP A OD1 1 
ATOM   15   O  OD2 . ASP A 1 12  ? 23.026  -11.902 -4.996  1.00 34.43 ? 12  ASP A OD2 1 
ATOM   16   N  N   . LEU A 1 13  ? 19.433  -15.526 -5.729  1.00 22.08 ? 13  LEU A N   1 
ATOM   17   C  CA  . LEU A 1 13  ? 18.029  -15.280 -5.468  1.00 19.22 ? 13  LEU A CA  1 
ATOM   18   C  C   . LEU A 1 13  ? 17.845  -14.307 -4.314  1.00 16.42 ? 13  LEU A C   1 
ATOM   19   O  O   . LEU A 1 13  ? 16.750  -13.800 -4.097  1.00 13.91 ? 13  LEU A O   1 
ATOM   20   C  CB  . LEU A 1 13  ? 17.329  -16.617 -5.195  1.00 18.25 ? 13  LEU A CB  1 
ATOM   21   C  CG  . LEU A 1 13  ? 15.827  -16.758 -5.435  1.00 22.64 ? 13  LEU A CG  1 
ATOM   22   C  CD1 . LEU A 1 13  ? 15.439  -16.124 -6.769  1.00 20.38 ? 13  LEU A CD1 1 
ATOM   23   C  CD2 . LEU A 1 13  ? 15.448  -18.249 -5.401  1.00 20.64 ? 13  LEU A CD2 1 
ATOM   24   N  N   . GLY A 1 14  ? 18.924  -14.029 -3.576  1.00 12.96 ? 14  GLY A N   1 
ATOM   25   C  CA  . GLY A 1 14  ? 18.835  -13.088 -2.472  1.00 13.49 ? 14  GLY A CA  1 
ATOM   26   C  C   . GLY A 1 14  ? 18.460  -11.693 -2.975  1.00 12.42 ? 14  GLY A C   1 
ATOM   27   O  O   . GLY A 1 14  ? 17.996  -10.854 -2.201  1.00 12.94 ? 14  GLY A O   1 
ATOM   28   N  N   . THR A 1 15  ? 18.677  -11.437 -4.263  1.00 11.59 ? 15  THR A N   1 
ATOM   29   C  CA  . THR A 1 15  ? 18.302  -10.137 -4.822  1.00 13.41 ? 15  THR A CA  1 
ATOM   30   C  C   . THR A 1 15  ? 16.791  -9.993  -4.776  1.00 12.39 ? 15  THR A C   1 
ATOM   31   O  O   . THR A 1 15  ? 16.278  -8.880  -4.896  1.00 11.67 ? 15  THR A O   1 
ATOM   32   C  CB  . THR A 1 15  ? 18.733  -9.963  -6.291  1.00 13.88 ? 15  THR A CB  1 
ATOM   33   O  OG1 . THR A 1 15  ? 18.125  -10.982 -7.099  1.00 15.56 ? 15  THR A OG1 1 
ATOM   34   C  CG2 . THR A 1 15  ? 20.270  -10.039 -6.420  1.00 18.37 ? 15  THR A CG2 1 
ATOM   35   N  N   . GLU A 1 16  ? 16.090  -11.118 -4.608  1.00 10.98 ? 16  GLU A N   1 
ATOM   36   C  CA  . GLU A 1 16  ? 14.629  -11.136 -4.538  1.00 11.04 ? 16  GLU A CA  1 
ATOM   37   C  C   . GLU A 1 16  ? 14.123  -11.175 -3.105  1.00 10.27 ? 16  GLU A C   1 
ATOM   38   O  O   . GLU A 1 16  ? 12.966  -11.521 -2.860  1.00 9.52  ? 16  GLU A O   1 
ATOM   39   C  CB  . GLU A 1 16  ? 14.056  -12.334 -5.310  1.00 11.68 ? 16  GLU A CB  1 
ATOM   40   C  CG  . GLU A 1 16  ? 14.115  -12.169 -6.818  1.00 13.31 ? 16  GLU A CG  1 
ATOM   41   C  CD  . GLU A 1 16  ? 12.941  -11.344 -7.318  1.00 16.80 ? 16  GLU A CD  1 
ATOM   42   O  OE1 . GLU A 1 16  ? 11.802  -11.860 -7.315  1.00 19.97 ? 16  GLU A OE1 1 
ATOM   43   O  OE2 . GLU A 1 16  ? 13.170  -10.194 -7.695  1.00 15.52 ? 16  GLU A OE2 1 
ATOM   44   N  N   A ASN A 1 17  ? 14.993  -10.790 -2.167  0.60 9.75  ? 17  ASN A N   1 
ATOM   45   N  N   B ASN A 1 17  ? 14.989  -10.807 -2.160  0.40 9.40  ? 17  ASN A N   1 
ATOM   46   C  CA  A ASN A 1 17  ? 14.663  -10.761 -0.753  0.60 11.25 ? 17  ASN A CA  1 
ATOM   47   C  CA  B ASN A 1 17  ? 14.632  -10.800 -0.749  0.40 10.13 ? 17  ASN A CA  1 
ATOM   48   C  C   A ASN A 1 17  ? 13.284  -10.164 -0.479  0.60 10.01 ? 17  ASN A C   1 
ATOM   49   C  C   B ASN A 1 17  ? 13.279  -10.152 -0.459  0.40 9.30  ? 17  ASN A C   1 
ATOM   50   O  O   A ASN A 1 17  ? 12.483  -10.741 0.259   0.60 9.66  ? 17  ASN A O   1 
ATOM   51   O  O   B ASN A 1 17  ? 12.486  -10.690 0.316   0.40 9.11  ? 17  ASN A O   1 
ATOM   52   C  CB  A ASN A 1 17  ? 15.716  -9.935  -0.009  0.60 12.79 ? 17  ASN A CB  1 
ATOM   53   C  CB  B ASN A 1 17  ? 15.736  -10.101 0.051   0.40 9.95  ? 17  ASN A CB  1 
ATOM   54   C  CG  A ASN A 1 17  ? 15.620  -10.059 1.504   0.60 17.88 ? 17  ASN A CG  1 
ATOM   55   C  CG  B ASN A 1 17  ? 15.309  -9.734  1.461   0.40 13.77 ? 17  ASN A CG  1 
ATOM   56   O  OD1 A ASN A 1 17  ? 14.564  -10.376 2.064   0.60 19.82 ? 17  ASN A OD1 1 
ATOM   57   O  OD1 B ASN A 1 17  ? 14.833  -10.578 2.225   0.40 13.79 ? 17  ASN A OD1 1 
ATOM   58   N  ND2 A ASN A 1 17  ? 16.735  -9.780  2.182   0.60 18.49 ? 17  ASN A ND2 1 
ATOM   59   N  ND2 B ASN A 1 17  ? 15.492  -8.466  1.821   0.40 11.02 ? 17  ASN A ND2 1 
ATOM   60   N  N   . LEU A 1 18  ? 13.012  -9.005  -1.082  1.00 7.56  ? 18  LEU A N   1 
ATOM   61   C  CA  . LEU A 1 18  ? 11.762  -8.303  -0.847  1.00 9.02  ? 18  LEU A CA  1 
ATOM   62   C  C   . LEU A 1 18  ? 10.511  -9.011  -1.374  1.00 6.35  ? 18  LEU A C   1 
ATOM   63   O  O   . LEU A 1 18  ? 9.419   -8.762  -0.858  1.00 8.59  ? 18  LEU A O   1 
ATOM   64   C  CB  . LEU A 1 18  ? 11.861  -6.854  -1.349  1.00 9.78  ? 18  LEU A CB  1 
ATOM   65   C  CG  . LEU A 1 18  ? 12.981  -6.039  -0.662  1.00 9.17  ? 18  LEU A CG  1 
ATOM   66   C  CD1 . LEU A 1 18  ? 12.970  -4.619  -1.246  1.00 8.98  ? 18  LEU A CD1 1 
ATOM   67   C  CD2 . LEU A 1 18  ? 12.792  -5.995  0.872   1.00 14.95 ? 18  LEU A CD2 1 
ATOM   68   N  N   . TYR A 1 19  ? 10.667  -9.889  -2.371  1.00 8.94  ? 19  TYR A N   1 
ATOM   69   C  CA  . TYR A 1 19  ? 9.517   -10.678 -2.832  1.00 6.31  ? 19  TYR A CA  1 
ATOM   70   C  C   . TYR A 1 19  ? 9.085   -11.564 -1.649  1.00 6.44  ? 19  TYR A C   1 
ATOM   71   O  O   . TYR A 1 19  ? 7.890   -11.678 -1.312  1.00 7.35  ? 19  TYR A O   1 
ATOM   72   C  CB  . TYR A 1 19  ? 9.923   -11.586 -3.993  1.00 8.42  ? 19  TYR A CB  1 
ATOM   73   C  CG  . TYR A 1 19  ? 8.930   -12.672 -4.306  1.00 8.43  ? 19  TYR A CG  1 
ATOM   74   C  CD1 . TYR A 1 19  ? 7.848   -12.437 -5.153  1.00 13.29 ? 19  TYR A CD1 1 
ATOM   75   C  CD2 . TYR A 1 19  ? 9.091   -13.946 -3.769  1.00 9.97  ? 19  TYR A CD2 1 
ATOM   76   C  CE1 . TYR A 1 19  ? 6.943   -13.460 -5.464  1.00 16.09 ? 19  TYR A CE1 1 
ATOM   77   C  CE2 . TYR A 1 19  ? 8.196   -14.968 -4.063  1.00 13.62 ? 19  TYR A CE2 1 
ATOM   78   C  CZ  . TYR A 1 19  ? 7.128   -14.720 -4.910  1.00 15.36 ? 19  TYR A CZ  1 
ATOM   79   O  OH  . TYR A 1 19  ? 6.237   -15.742 -5.183  1.00 15.58 ? 19  TYR A OH  1 
ATOM   80   N  N   . PHE A 1 20  ? 10.061  -12.206 -1.018  1.00 6.90  ? 20  PHE A N   1 
ATOM   81   C  CA  . PHE A 1 20  ? 9.693   -13.114 0.072   1.00 6.04  ? 20  PHE A CA  1 
ATOM   82   C  C   . PHE A 1 20  ? 9.221   -12.330 1.288   1.00 6.15  ? 20  PHE A C   1 
ATOM   83   O  O   . PHE A 1 20  ? 8.264   -12.756 1.948   1.00 8.47  ? 20  PHE A O   1 
ATOM   84   C  CB  . PHE A 1 20  ? 10.894  -13.983 0.428   1.00 6.69  ? 20  PHE A CB  1 
ATOM   85   C  CG  . PHE A 1 20  ? 11.328  -14.819 -0.758  1.00 7.63  ? 20  PHE A CG  1 
ATOM   86   C  CD1 . PHE A 1 20  ? 12.374  -14.381 -1.571  1.00 6.57  ? 20  PHE A CD1 1 
ATOM   87   C  CD2 . PHE A 1 20  ? 10.671  -16.020 -1.034  1.00 8.50  ? 20  PHE A CD2 1 
ATOM   88   C  CE1 . PHE A 1 20  ? 12.761  -15.144 -2.675  1.00 5.88  ? 20  PHE A CE1 1 
ATOM   89   C  CE2 . PHE A 1 20  ? 11.055  -16.782 -2.140  1.00 8.07  ? 20  PHE A CE2 1 
ATOM   90   C  CZ  . PHE A 1 20  ? 12.100  -16.344 -2.962  1.00 7.81  ? 20  PHE A CZ  1 
ATOM   91   N  N   . GLN A 1 21  ? 9.823   -11.177 1.544   1.00 8.45  ? 21  GLN A N   1 
ATOM   92   C  CA  . GLN A 1 21  ? 9.394   -10.374 2.689   1.00 9.10  ? 21  GLN A CA  1 
ATOM   93   C  C   . GLN A 1 21  ? 7.994   -9.852  2.464   1.00 10.65 ? 21  GLN A C   1 
ATOM   94   O  O   . GLN A 1 21  ? 7.169   -9.838  3.386   1.00 9.86  ? 21  GLN A O   1 
ATOM   95   C  CB  . GLN A 1 21  ? 10.351  -9.204  2.914   1.00 11.39 ? 21  GLN A CB  1 
ATOM   96   C  CG  . GLN A 1 21  ? 11.668  -9.572  3.601   1.00 16.01 ? 21  GLN A CG  1 
ATOM   97   C  CD  . GLN A 1 21  ? 12.405  -8.317  4.028   1.00 18.67 ? 21  GLN A CD  1 
ATOM   98   O  OE1 . GLN A 1 21  ? 11.789  -7.390  4.541   1.00 21.76 ? 21  GLN A OE1 1 
ATOM   99   N  NE2 . GLN A 1 21  ? 13.716  -8.281  3.822   1.00 24.40 ? 21  GLN A NE2 1 
ATOM   100  N  N   . SER A 1 22  ? 7.736   -9.431  1.224   1.00 11.53 ? 22  SER A N   1 
ATOM   101  C  CA  . SER A 1 22  ? 6.431   -8.900  0.842   1.00 12.02 ? 22  SER A CA  1 
ATOM   102  C  C   . SER A 1 22  ? 5.339   -9.957  0.968   1.00 11.79 ? 22  SER A C   1 
ATOM   103  O  O   . SER A 1 22  ? 4.259   -9.685  1.522   1.00 11.24 ? 22  SER A O   1 
ATOM   104  C  CB  . SER A 1 22  ? 6.474   -8.364  -0.591  1.00 12.14 ? 22  SER A CB  1 
ATOM   105  O  OG  . SER A 1 22  ? 5.200   -7.869  -0.962  1.00 18.71 ? 22  SER A OG  1 
ATOM   106  N  N   . ASN A 1 23  ? 5.596   -11.166 0.464   1.00 9.44  ? 23  ASN A N   1 
ATOM   107  C  CA  . ASN A 1 23  ? 4.605   -12.205 0.580   1.00 12.33 ? 23  ASN A CA  1 
ATOM   108  C  C   . ASN A 1 23  ? 4.324   -12.574 2.035   1.00 10.01 ? 23  ASN A C   1 
ATOM   109  O  O   . ASN A 1 23  ? 3.185   -12.837 2.386   1.00 11.78 ? 23  ASN A O   1 
ATOM   110  C  CB  . ASN A 1 23  ? 5.026   -13.453 -0.202  1.00 15.98 ? 23  ASN A CB  1 
ATOM   111  C  CG  . ASN A 1 23  ? 5.062   -13.207 -1.704  1.00 20.35 ? 23  ASN A CG  1 
ATOM   112  O  OD1 . ASN A 1 23  ? 4.252   -12.461 -2.245  1.00 24.06 ? 23  ASN A OD1 1 
ATOM   113  N  ND2 . ASN A 1 23  ? 5.996   -13.848 -2.379  1.00 25.73 ? 23  ASN A ND2 1 
ATOM   114  N  N   . ALA A 1 24  ? 5.360   -12.582 2.876   1.00 8.41  ? 24  ALA A N   1 
ATOM   115  C  CA  . ALA A 1 24  ? 5.200   -12.911 4.280   1.00 9.55  ? 24  ALA A CA  1 
ATOM   116  C  C   . ALA A 1 24  ? 4.341   -11.855 4.955   1.00 10.48 ? 24  ALA A C   1 
ATOM   117  O  O   . ALA A 1 24  ? 3.456   -12.190 5.735   1.00 11.99 ? 24  ALA A O   1 
ATOM   118  C  CB  . ALA A 1 24  ? 6.559   -12.993 4.988   1.00 9.02  ? 24  ALA A CB  1 
ATOM   119  N  N   A MET A 1 25  ? 4.607   -10.589 4.638   0.80 9.70  ? 25  MET A N   1 
ATOM   120  N  N   B MET A 1 25  ? 4.602   -10.587 4.661   0.20 10.66 ? 25  MET A N   1 
ATOM   121  C  CA  A MET A 1 25  ? 3.855   -9.471  5.224   0.80 12.95 ? 25  MET A CA  1 
ATOM   122  C  CA  B MET A 1 25  ? 3.831   -9.510  5.273   0.20 11.56 ? 25  MET A CA  1 
ATOM   123  C  C   A MET A 1 25  ? 2.381   -9.546  4.844   0.80 12.47 ? 25  MET A C   1 
ATOM   124  C  C   B MET A 1 25  ? 2.367   -9.582  4.855   0.20 11.96 ? 25  MET A C   1 
ATOM   125  O  O   A MET A 1 25  ? 1.486   -9.399  5.690   0.80 13.90 ? 25  MET A O   1 
ATOM   126  O  O   B MET A 1 25  ? 1.466   -9.449  5.688   0.20 12.32 ? 25  MET A O   1 
ATOM   127  C  CB  A MET A 1 25  ? 4.434   -8.126  4.750   0.80 13.01 ? 25  MET A CB  1 
ATOM   128  C  CB  B MET A 1 25  ? 4.406   -8.175  4.872   0.20 11.28 ? 25  MET A CB  1 
ATOM   129  C  CG  A MET A 1 25  ? 3.624   -6.919  5.226   0.80 16.93 ? 25  MET A CG  1 
ATOM   130  C  CG  B MET A 1 25  ? 3.803   -7.003  5.643   0.20 10.69 ? 25  MET A CG  1 
ATOM   131  S  SD  A MET A 1 25  ? 4.231   -5.377  4.581   0.80 17.62 ? 25  MET A SD  1 
ATOM   132  S  SD  B MET A 1 25  ? 4.661   -5.476  5.349   0.20 10.63 ? 25  MET A SD  1 
ATOM   133  C  CE  A MET A 1 25  ? 3.991   -5.324  2.821   0.80 19.71 ? 25  MET A CE  1 
ATOM   134  C  CE  B MET A 1 25  ? 6.406   -5.709  5.601   0.20 11.10 ? 25  MET A CE  1 
ATOM   135  N  N   . GLU A 1 26  ? 2.127   -9.793  3.564   1.00 12.41 ? 26  GLU A N   1 
ATOM   136  C  CA  . GLU A 1 26  ? 0.757   -9.884  3.079   1.00 13.51 ? 26  GLU A CA  1 
ATOM   137  C  C   . GLU A 1 26  ? 0.058   -11.073 3.734   1.00 13.75 ? 26  GLU A C   1 
ATOM   138  O  O   . GLU A 1 26  ? -1.088  -10.966 4.134   1.00 13.45 ? 26  GLU A O   1 
ATOM   139  C  CB  . GLU A 1 26  ? 0.747   -9.975  1.554   1.00 16.33 ? 26  GLU A CB  1 
ATOM   140  C  CG  . GLU A 1 26  ? 1.326   -8.697  0.930   1.00 19.42 ? 26  GLU A CG  1 
ATOM   141  C  CD  . GLU A 1 26  ? 1.194   -8.624  -0.586  1.00 25.27 ? 26  GLU A CD  1 
ATOM   142  O  OE1 . GLU A 1 26  ? 1.613   -7.599  -1.166  1.00 25.20 ? 26  GLU A OE1 1 
ATOM   143  O  OE2 . GLU A 1 26  ? 0.675   -9.581  -1.202  1.00 27.20 ? 26  GLU A OE2 1 
ATOM   144  N  N   . LYS A 1 27  ? 0.760   -12.196 3.882   1.00 12.43 ? 27  LYS A N   1 
ATOM   145  C  CA  . LYS A 1 27  ? 0.138   -13.365 4.502   1.00 15.02 ? 27  LYS A CA  1 
ATOM   146  C  C   . LYS A 1 27  ? -0.226  -13.025 5.943   1.00 14.24 ? 27  LYS A C   1 
ATOM   147  O  O   . LYS A 1 27  ? -1.308  -13.353 6.432   1.00 15.98 ? 27  LYS A O   1 
ATOM   148  C  CB  . LYS A 1 27  ? 1.121   -14.543 4.474   1.00 16.03 ? 27  LYS A CB  1 
ATOM   149  C  CG  . LYS A 1 27  ? 0.595   -15.857 5.043   1.00 20.48 ? 27  LYS A CG  1 
ATOM   150  C  CD  . LYS A 1 27  ? 1.688   -16.917 4.967   1.00 21.74 ? 27  LYS A CD  1 
ATOM   151  C  CE  . LYS A 1 27  ? 1.253   -18.250 5.559   1.00 26.67 ? 27  LYS A CE  1 
ATOM   152  N  NZ  . LYS A 1 27  ? 0.119   -18.838 4.792   1.00 31.38 ? 27  LYS A NZ  1 
ATOM   153  N  N   . ARG A 1 28  ? 0.694   -12.362 6.621   1.00 14.12 ? 28  ARG A N   1 
ATOM   154  C  CA  . ARG A 1 28  ? 0.493   -11.983 8.010   1.00 13.48 ? 28  ARG A CA  1 
ATOM   155  C  C   . ARG A 1 28  ? -0.680  -11.011 8.166   1.00 13.86 ? 28  ARG A C   1 
ATOM   156  O  O   . ARG A 1 28  ? -1.573  -11.233 8.981   1.00 11.76 ? 28  ARG A O   1 
ATOM   157  C  CB  . ARG A 1 28  ? 1.784   -11.361 8.550   1.00 16.31 ? 28  ARG A CB  1 
ATOM   158  C  CG  . ARG A 1 28  ? 1.762   -11.070 10.019  1.00 21.24 ? 28  ARG A CG  1 
ATOM   159  C  CD  . ARG A 1 28  ? 3.115   -10.565 10.496  1.00 25.09 ? 28  ARG A CD  1 
ATOM   160  N  NE  . ARG A 1 28  ? 3.019   -10.010 11.843  1.00 28.78 ? 28  ARG A NE  1 
ATOM   161  C  CZ  . ARG A 1 28  ? 3.230   -8.732  12.137  1.00 29.51 ? 28  ARG A CZ  1 
ATOM   162  N  NH1 . ARG A 1 28  ? 3.553   -7.879  11.178  1.00 29.23 ? 28  ARG A NH1 1 
ATOM   163  N  NH2 . ARG A 1 28  ? 3.116   -8.308  13.390  1.00 31.26 ? 28  ARG A NH2 1 
ATOM   164  N  N   A TYR A 1 29  ? -0.685  -9.949  7.362   0.80 10.78 ? 29  TYR A N   1 
ATOM   165  N  N   B TYR A 1 29  ? -0.694  -9.936  7.387   0.20 13.45 ? 29  TYR A N   1 
ATOM   166  C  CA  A TYR A 1 29  ? -1.757  -8.953  7.446   0.80 10.67 ? 29  TYR A CA  1 
ATOM   167  C  CA  B TYR A 1 29  ? -1.782  -8.966  7.500   0.20 13.88 ? 29  TYR A CA  1 
ATOM   168  C  C   A TYR A 1 29  ? -3.125  -9.522  7.082   0.80 11.93 ? 29  TYR A C   1 
ATOM   169  C  C   B TYR A 1 29  ? -3.142  -9.508  7.070   0.20 13.97 ? 29  TYR A C   1 
ATOM   170  O  O   A TYR A 1 29  ? -4.136  -9.116  7.642   0.80 12.34 ? 29  TYR A O   1 
ATOM   171  O  O   B TYR A 1 29  ? -4.174  -9.072  7.582   0.20 13.88 ? 29  TYR A O   1 
ATOM   172  C  CB  A TYR A 1 29  ? -1.479  -7.754  6.514   0.80 9.63  ? 29  TYR A CB  1 
ATOM   173  C  CB  B TYR A 1 29  ? -1.445  -7.693  6.716   0.20 15.00 ? 29  TYR A CB  1 
ATOM   174  C  CG  A TYR A 1 29  ? -0.329  -6.865  6.928   0.80 11.01 ? 29  TYR A CG  1 
ATOM   175  C  CG  B TYR A 1 29  ? -0.643  -6.688  7.518   0.20 16.18 ? 29  TYR A CG  1 
ATOM   176  C  CD1 A TYR A 1 29  ? 0.067   -5.791  6.118   0.80 8.15  ? 29  TYR A CD1 1 
ATOM   177  C  CD1 B TYR A 1 29  ? 0.193   -5.773  6.889   0.20 17.20 ? 29  TYR A CD1 1 
ATOM   178  C  CD2 A TYR A 1 29  ? 0.340   -7.062  8.135   0.80 9.37  ? 29  TYR A CD2 1 
ATOM   179  C  CD2 B TYR A 1 29  ? -0.727  -6.650  8.909   0.20 17.35 ? 29  TYR A CD2 1 
ATOM   180  C  CE1 A TYR A 1 29  ? 1.100   -4.938  6.508   0.80 11.34 ? 29  TYR A CE1 1 
ATOM   181  C  CE1 B TYR A 1 29  ? 0.929   -4.847  7.618   0.20 17.75 ? 29  TYR A CE1 1 
ATOM   182  C  CE2 A TYR A 1 29  ? 1.357   -6.220  8.540   0.80 11.72 ? 29  TYR A CE2 1 
ATOM   183  C  CE2 B TYR A 1 29  ? 0.001   -5.726  9.647   0.20 17.68 ? 29  TYR A CE2 1 
ATOM   184  C  CZ  A TYR A 1 29  ? 1.735   -5.157  7.717   0.80 10.66 ? 29  TYR A CZ  1 
ATOM   185  C  CZ  B TYR A 1 29  ? 0.828   -4.829  8.996   0.20 17.79 ? 29  TYR A CZ  1 
ATOM   186  O  OH  A TYR A 1 29  ? 2.739   -4.318  8.106   0.80 14.06 ? 29  TYR A OH  1 
ATOM   187  O  OH  B TYR A 1 29  ? 1.563   -3.920  9.722   0.20 18.26 ? 29  TYR A OH  1 
ATOM   188  N  N   . SER A 1 30  ? -3.150  -10.451 6.136   1.00 12.99 ? 30  SER A N   1 
ATOM   189  C  CA  . SER A 1 30  ? -4.405  -11.043 5.675   1.00 15.63 ? 30  SER A CA  1 
ATOM   190  C  C   . SER A 1 30  ? -5.120  -11.824 6.769   1.00 17.29 ? 30  SER A C   1 
ATOM   191  O  O   . SER A 1 30  ? -6.312  -12.072 6.671   1.00 17.78 ? 30  SER A O   1 
ATOM   192  C  CB  . SER A 1 30  ? -4.160  -11.969 4.485   1.00 14.91 ? 30  SER A CB  1 
ATOM   193  O  OG  . SER A 1 30  ? -3.498  -13.173 4.873   1.00 19.93 ? 30  SER A OG  1 
ATOM   194  N  N   . GLN A 1 31  ? -4.383  -12.197 7.807   1.00 18.21 ? 31  GLN A N   1 
ATOM   195  C  CA  . GLN A 1 31  ? -4.954  -12.986 8.894   1.00 20.23 ? 31  GLN A CA  1 
ATOM   196  C  C   . GLN A 1 31  ? -5.211  -12.168 10.157  1.00 20.05 ? 31  GLN A C   1 
ATOM   197  O  O   . GLN A 1 31  ? -5.745  -12.683 11.145  1.00 21.23 ? 31  GLN A O   1 
ATOM   198  C  CB  . GLN A 1 31  ? -4.017  -14.154 9.203   1.00 23.43 ? 31  GLN A CB  1 
ATOM   199  C  CG  . GLN A 1 31  ? -3.870  -15.133 8.035   1.00 28.56 ? 31  GLN A CG  1 
ATOM   200  C  CD  . GLN A 1 31  ? -2.777  -16.155 8.261   1.00 33.01 ? 31  GLN A CD  1 
ATOM   201  O  OE1 . GLN A 1 31  ? -1.589  -15.829 8.263   1.00 34.37 ? 31  GLN A OE1 1 
ATOM   202  N  NE2 . GLN A 1 31  ? -3.175  -17.405 8.461   1.00 36.73 ? 31  GLN A NE2 1 
ATOM   203  N  N   A MET A 1 32  ? -4.852  -10.890 10.111  0.80 17.40 ? 32  MET A N   1 
ATOM   204  N  N   B MET A 1 32  ? -4.839  -10.894 10.130  0.20 18.08 ? 32  MET A N   1 
ATOM   205  C  CA  A MET A 1 32  ? -5.050  -10.007 11.254  0.80 16.86 ? 32  MET A CA  1 
ATOM   206  C  CA  B MET A 1 32  ? -5.013  -10.044 11.299  0.20 16.54 ? 32  MET A CA  1 
ATOM   207  C  C   A MET A 1 32  ? -6.460  -9.454  11.378  0.80 16.75 ? 32  MET A C   1 
ATOM   208  C  C   B MET A 1 32  ? -6.367  -9.342  11.395  0.20 16.80 ? 32  MET A C   1 
ATOM   209  O  O   A MET A 1 32  ? -7.162  -9.210  10.385  0.80 16.84 ? 32  MET A O   1 
ATOM   210  O  O   B MET A 1 32  ? -6.941  -8.905  10.394  0.20 17.05 ? 32  MET A O   1 
ATOM   211  C  CB  A MET A 1 32  ? -4.105  -8.799  11.191  0.80 15.05 ? 32  MET A CB  1 
ATOM   212  C  CB  B MET A 1 32  ? -3.860  -9.038  11.354  0.20 14.12 ? 32  MET A CB  1 
ATOM   213  C  CG  A MET A 1 32  ? -2.675  -9.050  11.589  0.80 14.58 ? 32  MET A CG  1 
ATOM   214  C  CG  B MET A 1 32  ? -2.514  -9.737  11.537  0.20 10.90 ? 32  MET A CG  1 
ATOM   215  S  SD  A MET A 1 32  ? -1.777  -7.480  11.480  0.80 13.64 ? 32  MET A SD  1 
ATOM   216  S  SD  B MET A 1 32  ? -1.058  -8.729  11.220  0.20 6.88  ? 32  MET A SD  1 
ATOM   217  C  CE  A MET A 1 32  ? -0.078  -8.014  11.852  0.80 17.28 ? 32  MET A CE  1 
ATOM   218  C  CE  B MET A 1 32  ? -0.909  -7.851  12.778  0.20 8.59  ? 32  MET A CE  1 
ATOM   219  N  N   . THR A 1 33  ? -6.870  -9.252  12.622  1.00 16.84 ? 33  THR A N   1 
ATOM   220  C  CA  . THR A 1 33  ? -8.151  -8.632  12.914  1.00 17.15 ? 33  THR A CA  1 
ATOM   221  C  C   . THR A 1 33  ? -7.955  -7.118  12.751  1.00 16.21 ? 33  THR A C   1 
ATOM   222  O  O   . THR A 1 33  ? -6.816  -6.637  12.728  1.00 16.77 ? 33  THR A O   1 
ATOM   223  C  CB  . THR A 1 33  ? -8.525  -8.878  14.376  1.00 18.93 ? 33  THR A CB  1 
ATOM   224  O  OG1 . THR A 1 33  ? -7.604  -8.174  15.233  1.00 18.68 ? 33  THR A OG1 1 
ATOM   225  C  CG2 . THR A 1 33  ? -8.436  -10.357 14.689  1.00 17.68 ? 33  THR A CG2 1 
ATOM   226  N  N   . PRO A 1 34  ? -9.050  -6.346  12.648  1.00 16.59 ? 34  PRO A N   1 
ATOM   227  C  CA  . PRO A 1 34  ? -8.885  -4.896  12.505  1.00 17.40 ? 34  PRO A CA  1 
ATOM   228  C  C   . PRO A 1 34  ? -8.098  -4.294  13.672  1.00 17.68 ? 34  PRO A C   1 
ATOM   229  O  O   . PRO A 1 34  ? -7.282  -3.389  13.489  1.00 16.21 ? 34  PRO A O   1 
ATOM   230  C  CB  . PRO A 1 34  ? -10.322 -4.398  12.444  1.00 18.32 ? 34  PRO A CB  1 
ATOM   231  C  CG  . PRO A 1 34  ? -10.994 -5.508  11.690  1.00 17.54 ? 34  PRO A CG  1 
ATOM   232  C  CD  . PRO A 1 34  ? -10.446 -6.736  12.360  1.00 17.62 ? 34  PRO A CD  1 
ATOM   233  N  N   . HIS A 1 35  ? -8.335  -4.800  14.879  1.00 18.63 ? 35  HIS A N   1 
ATOM   234  C  CA  . HIS A 1 35  ? -7.614  -4.284  16.033  1.00 19.30 ? 35  HIS A CA  1 
ATOM   235  C  C   . HIS A 1 35  ? -6.117  -4.566  15.878  1.00 17.73 ? 35  HIS A C   1 
ATOM   236  O  O   . HIS A 1 35  ? -5.278  -3.693  16.159  1.00 15.40 ? 35  HIS A O   1 
ATOM   237  C  CB  . HIS A 1 35  ? -8.133  -4.909  17.333  1.00 24.00 ? 35  HIS A CB  1 
ATOM   238  C  CG  . HIS A 1 35  ? -7.413  -4.426  18.550  1.00 27.63 ? 35  HIS A CG  1 
ATOM   239  N  ND1 . HIS A 1 35  ? -7.388  -3.098  18.921  1.00 31.92 ? 35  HIS A ND1 1 
ATOM   240  C  CD2 . HIS A 1 35  ? -6.662  -5.083  19.467  1.00 30.50 ? 35  HIS A CD2 1 
ATOM   241  C  CE1 . HIS A 1 35  ? -6.654  -2.958  20.010  1.00 32.98 ? 35  HIS A CE1 1 
ATOM   242  N  NE2 . HIS A 1 35  ? -6.201  -4.150  20.362  1.00 31.85 ? 35  HIS A NE2 1 
ATOM   243  N  N   . GLU A 1 36  ? -5.772  -5.771  15.427  1.00 14.95 ? 36  GLU A N   1 
ATOM   244  C  CA  . GLU A 1 36  ? -4.366  -6.099  15.235  1.00 14.49 ? 36  GLU A CA  1 
ATOM   245  C  C   . GLU A 1 36  ? -3.731  -5.219  14.155  1.00 11.18 ? 36  GLU A C   1 
ATOM   246  O  O   . GLU A 1 36  ? -2.569  -4.839  14.280  1.00 11.44 ? 36  GLU A O   1 
ATOM   247  C  CB  . GLU A 1 36  ? -4.194  -7.585  14.892  1.00 15.57 ? 36  GLU A CB  1 
ATOM   248  C  CG  . GLU A 1 36  ? -4.494  -8.493  16.105  1.00 20.04 ? 36  GLU A CG  1 
ATOM   249  C  CD  . GLU A 1 36  ? -4.729  -9.952  15.731  1.00 24.92 ? 36  GLU A CD  1 
ATOM   250  O  OE1 . GLU A 1 36  ? -4.668  -10.814 16.643  1.00 26.94 ? 36  GLU A OE1 1 
ATOM   251  O  OE2 . GLU A 1 36  ? -4.990  -10.240 14.541  1.00 22.80 ? 36  GLU A OE2 1 
ATOM   252  N  N   . LEU A 1 37  ? -4.480  -4.893  13.102  1.00 10.95 ? 37  LEU A N   1 
ATOM   253  C  CA  . LEU A 1 37  ? -3.935  -4.032  12.041  1.00 10.66 ? 37  LEU A CA  1 
ATOM   254  C  C   . LEU A 1 37  ? -3.703  -2.630  12.597  1.00 12.19 ? 37  LEU A C   1 
ATOM   255  O  O   . LEU A 1 37  ? -2.690  -1.992  12.328  1.00 9.74  ? 37  LEU A O   1 
ATOM   256  C  CB  . LEU A 1 37  ? -4.908  -3.960  10.854  1.00 11.90 ? 37  LEU A CB  1 
ATOM   257  C  CG  . LEU A 1 37  ? -4.870  -5.192  9.967   1.00 14.79 ? 37  LEU A CG  1 
ATOM   258  C  CD1 . LEU A 1 37  ? -6.087  -5.249  9.058   1.00 14.43 ? 37  LEU A CD1 1 
ATOM   259  C  CD2 . LEU A 1 37  ? -3.565  -5.169  9.180   1.00 13.28 ? 37  LEU A CD2 1 
ATOM   260  N  N   . ASN A 1 38  ? -4.650  -2.150  13.403  1.00 11.68 ? 38  ASN A N   1 
ATOM   261  C  CA  . ASN A 1 38  ? -4.484  -0.824  13.986  1.00 13.14 ? 38  ASN A CA  1 
ATOM   262  C  C   . ASN A 1 38  ? -3.263  -0.792  14.901  1.00 11.28 ? 38  ASN A C   1 
ATOM   263  O  O   . ASN A 1 38  ? -2.558  0.211   14.938  1.00 10.83 ? 38  ASN A O   1 
ATOM   264  C  CB  . ASN A 1 38  ? -5.721  -0.414  14.788  1.00 14.07 ? 38  ASN A CB  1 
ATOM   265  C  CG  . ASN A 1 38  ? -6.895  -0.063  13.907  1.00 19.39 ? 38  ASN A CG  1 
ATOM   266  O  OD1 . ASN A 1 38  ? -6.743  0.598   12.893  1.00 20.97 ? 38  ASN A OD1 1 
ATOM   267  N  ND2 . ASN A 1 38  ? -8.086  -0.491  14.310  1.00 25.44 ? 38  ASN A ND2 1 
ATOM   268  N  N   . THR A 1 39  ? -3.031  -1.868  15.651  1.00 11.20 ? 39  THR A N   1 
ATOM   269  C  CA  . THR A 1 39  ? -1.866  -1.937  16.549  1.00 11.42 ? 39  THR A CA  1 
ATOM   270  C  C   . THR A 1 39  ? -0.585  -1.910  15.712  1.00 11.84 ? 39  THR A C   1 
ATOM   271  O  O   . THR A 1 39  ? 0.359   -1.201  16.025  1.00 10.50 ? 39  THR A O   1 
ATOM   272  C  CB  . THR A 1 39  ? -1.908  -3.213  17.401  1.00 15.93 ? 39  THR A CB  1 
ATOM   273  O  OG1 . THR A 1 39  ? -3.085  -3.174  18.214  1.00 17.36 ? 39  THR A OG1 1 
ATOM   274  C  CG2 . THR A 1 39  ? -0.693  -3.301  18.308  1.00 16.75 ? 39  THR A CG2 1 
ATOM   275  N  N   A GLU A 1 40  ? -0.573  -2.688  14.638  0.80 11.29 ? 40  GLU A N   1 
ATOM   276  N  N   B GLU A 1 40  ? -0.581  -2.684  14.632  0.20 11.79 ? 40  GLU A N   1 
ATOM   277  C  CA  A GLU A 1 40  ? 0.580   -2.752  13.732  0.80 11.16 ? 40  GLU A CA  1 
ATOM   278  C  CA  B GLU A 1 40  ? 0.568   -2.749  13.732  0.20 12.07 ? 40  GLU A CA  1 
ATOM   279  C  C   A GLU A 1 40  ? 0.884   -1.380  13.133  0.80 11.05 ? 40  GLU A C   1 
ATOM   280  C  C   B GLU A 1 40  ? 0.881   -1.384  13.129  0.20 11.45 ? 40  GLU A C   1 
ATOM   281  O  O   A GLU A 1 40  ? 2.045   -0.960  13.076  0.80 9.71  ? 40  GLU A O   1 
ATOM   282  O  O   B GLU A 1 40  ? 2.043   -0.976  13.063  0.20 11.16 ? 40  GLU A O   1 
ATOM   283  C  CB  A GLU A 1 40  ? 0.292   -3.738  12.598  0.80 11.23 ? 40  GLU A CB  1 
ATOM   284  C  CB  B GLU A 1 40  ? 0.297   -3.757  12.613  0.20 13.14 ? 40  GLU A CB  1 
ATOM   285  C  CG  A GLU A 1 40  ? 1.300   -3.708  11.446  0.80 14.99 ? 40  GLU A CG  1 
ATOM   286  C  CG  B GLU A 1 40  ? 0.415   -5.198  13.058  0.20 15.86 ? 40  GLU A CG  1 
ATOM   287  C  CD  A GLU A 1 40  ? 2.617   -4.349  11.811  0.80 18.03 ? 40  GLU A CD  1 
ATOM   288  C  CD  B GLU A 1 40  ? 1.796   -5.517  13.593  0.20 17.12 ? 40  GLU A CD  1 
ATOM   289  O  OE1 A GLU A 1 40  ? 3.487   -4.522  10.918  0.80 17.78 ? 40  GLU A OE1 1 
ATOM   290  O  OE1 B GLU A 1 40  ? 2.790   -4.983  13.055  0.20 18.65 ? 40  GLU A OE1 1 
ATOM   291  O  OE2 A GLU A 1 40  ? 2.783   -4.691  13.001  0.80 22.52 ? 40  GLU A OE2 1 
ATOM   292  O  OE2 B GLU A 1 40  ? 1.889   -6.292  14.568  0.20 18.85 ? 40  GLU A OE2 1 
ATOM   293  N  N   . ILE A 1 41  ? -0.158  -0.682  12.691  1.00 10.28 ? 41  ILE A N   1 
ATOM   294  C  CA  . ILE A 1 41  ? 0.006   0.636   12.097  1.00 10.04 ? 41  ILE A CA  1 
ATOM   295  C  C   . ILE A 1 41  ? 0.528   1.631   13.135  1.00 10.92 ? 41  ILE A C   1 
ATOM   296  O  O   . ILE A 1 41  ? 1.374   2.459   12.841  1.00 9.61  ? 41  ILE A O   1 
ATOM   297  C  CB  . ILE A 1 41  ? -1.321  1.134   11.469  1.00 11.82 ? 41  ILE A CB  1 
ATOM   298  C  CG1 . ILE A 1 41  ? -1.611  0.304   10.208  1.00 11.85 ? 41  ILE A CG1 1 
ATOM   299  C  CG2 . ILE A 1 41  ? -1.220  2.625   11.071  1.00 12.85 ? 41  ILE A CG2 1 
ATOM   300  C  CD1 . ILE A 1 41  ? -3.036  0.408   9.715   1.00 12.94 ? 41  ILE A CD1 1 
ATOM   301  N  N   . ALA A 1 42  ? 0.043   1.529   14.371  1.00 9.69  ? 42  ALA A N   1 
ATOM   302  C  CA  . ALA A 1 42  ? 0.532   2.440   15.409  1.00 10.28 ? 42  ALA A CA  1 
ATOM   303  C  C   . ALA A 1 42  ? 2.016   2.207   15.679  1.00 9.07  ? 42  ALA A C   1 
ATOM   304  O  O   . ALA A 1 42  ? 2.783   3.163   15.838  1.00 11.07 ? 42  ALA A O   1 
ATOM   305  C  CB  . ALA A 1 42  ? -0.287  2.238   16.705  1.00 9.53  ? 42  ALA A CB  1 
ATOM   306  N  N   A LEU A 1 43  ? 2.429   0.941   15.750  0.80 7.70  ? 43  LEU A N   1 
ATOM   307  N  N   B LEU A 1 43  ? 2.413   0.944   15.736  0.20 9.24  ? 43  LEU A N   1 
ATOM   308  C  CA  A LEU A 1 43  ? 3.824   0.617   16.003  0.80 6.81  ? 43  LEU A CA  1 
ATOM   309  C  CA  B LEU A 1 43  ? 3.799   0.605   15.991  0.20 8.70  ? 43  LEU A CA  1 
ATOM   310  C  C   A LEU A 1 43  ? 4.699   1.090   14.841  0.80 9.84  ? 43  LEU A C   1 
ATOM   311  C  C   B LEU A 1 43  ? 4.674   1.105   14.847  0.20 9.33  ? 43  LEU A C   1 
ATOM   312  O  O   A LEU A 1 43  ? 5.764   1.663   15.051  0.80 10.29 ? 43  LEU A O   1 
ATOM   313  O  O   B LEU A 1 43  ? 5.718   1.716   15.074  0.20 9.42  ? 43  LEU A O   1 
ATOM   314  C  CB  A LEU A 1 43  ? 3.993   -0.876  16.214  0.80 9.69  ? 43  LEU A CB  1 
ATOM   315  C  CB  B LEU A 1 43  ? 3.944   -0.903  16.137  0.20 9.69  ? 43  LEU A CB  1 
ATOM   316  C  CG  A LEU A 1 43  ? 3.415   -1.401  17.535  0.80 10.92 ? 43  LEU A CG  1 
ATOM   317  C  CG  B LEU A 1 43  ? 5.255   -1.405  16.734  0.20 9.38  ? 43  LEU A CG  1 
ATOM   318  C  CD1 A LEU A 1 43  ? 3.579   -2.912  17.639  0.80 11.68 ? 43  LEU A CD1 1 
ATOM   319  C  CD1 B LEU A 1 43  ? 5.471   -0.823  18.126  0.20 11.08 ? 43  LEU A CD1 1 
ATOM   320  C  CD2 A LEU A 1 43  ? 4.127   -0.713  18.700  0.80 11.85 ? 43  LEU A CD2 1 
ATOM   321  C  CD2 B LEU A 1 43  ? 5.184   -2.903  16.812  0.20 9.99  ? 43  LEU A CD2 1 
ATOM   322  N  N   . LEU A 1 44  ? 4.243   0.846   13.616  1.00 8.17  ? 44  LEU A N   1 
ATOM   323  C  CA  . LEU A 1 44  ? 5.006   1.293   12.452  1.00 8.87  ? 44  LEU A CA  1 
ATOM   324  C  C   . LEU A 1 44  ? 5.117   2.817   12.423  1.00 9.07  ? 44  LEU A C   1 
ATOM   325  O  O   . LEU A 1 44  ? 6.177   3.361   12.080  1.00 10.18 ? 44  LEU A O   1 
ATOM   326  C  CB  . LEU A 1 44  ? 4.361   0.809   11.157  1.00 7.63  ? 44  LEU A CB  1 
ATOM   327  C  CG  . LEU A 1 44  ? 4.467   -0.685  10.884  1.00 6.99  ? 44  LEU A CG  1 
ATOM   328  C  CD1 . LEU A 1 44  ? 3.516   -1.048  9.753   1.00 8.81  ? 44  LEU A CD1 1 
ATOM   329  C  CD2 . LEU A 1 44  ? 5.888   -1.076  10.509  1.00 10.96 ? 44  LEU A CD2 1 
ATOM   330  N  N   . SER A 1 45  ? 4.033   3.490   12.785  1.00 8.26  ? 45  SER A N   1 
ATOM   331  C  CA  . SER A 1 45  ? 3.997   4.948   12.779  1.00 10.74 ? 45  SER A CA  1 
ATOM   332  C  C   . SER A 1 45  ? 4.940   5.528   13.802  1.00 11.68 ? 45  SER A C   1 
ATOM   333  O  O   . SER A 1 45  ? 5.564   6.554   13.552  1.00 11.81 ? 45  SER A O   1 
ATOM   334  C  CB  . SER A 1 45  ? 2.585   5.457   13.019  1.00 11.21 ? 45  SER A CB  1 
ATOM   335  O  OG  . SER A 1 45  ? 1.740   5.049   11.956  1.00 16.31 ? 45  SER A OG  1 
ATOM   336  N  N   . GLU A 1 46  ? 5.045   4.885   14.966  1.00 12.09 ? 46  GLU A N   1 
ATOM   337  C  CA  . GLU A 1 46  ? 5.982   5.383   15.981  1.00 10.97 ? 46  GLU A CA  1 
ATOM   338  C  C   . GLU A 1 46  ? 7.423   5.214   15.472  1.00 12.81 ? 46  GLU A C   1 
ATOM   339  O  O   . GLU A 1 46  ? 8.256   6.096   15.673  1.00 14.16 ? 46  GLU A O   1 
ATOM   340  C  CB  . GLU A 1 46  ? 5.804   4.640   17.306  1.00 14.62 ? 46  GLU A CB  1 
ATOM   341  C  CG  . GLU A 1 46  ? 6.641   5.239   18.427  1.00 22.95 ? 46  GLU A CG  1 
ATOM   342  C  CD  . GLU A 1 46  ? 6.156   6.619   18.881  1.00 28.08 ? 46  GLU A CD  1 
ATOM   343  O  OE1 . GLU A 1 46  ? 6.936   7.313   19.573  1.00 32.84 ? 46  GLU A OE1 1 
ATOM   344  O  OE2 . GLU A 1 46  ? 5.006   7.008   18.567  1.00 31.08 ? 46  GLU A OE2 1 
ATOM   345  N  N   . LYS A 1 47  ? 7.725   4.098   14.815  1.00 10.99 ? 47  LYS A N   1 
ATOM   346  C  CA  . LYS A 1 47  ? 9.076   3.909   14.293  1.00 11.47 ? 47  LYS A CA  1 
ATOM   347  C  C   . LYS A 1 47  ? 9.353   4.924   13.180  1.00 11.54 ? 47  LYS A C   1 
ATOM   348  O  O   . LYS A 1 47  ? 10.484  5.409   13.046  1.00 12.98 ? 47  LYS A O   1 
ATOM   349  C  CB  . LYS A 1 47  ? 9.271   2.491   13.749  1.00 12.21 ? 47  LYS A CB  1 
ATOM   350  C  CG  . LYS A 1 47  ? 9.258   1.434   14.838  1.00 15.53 ? 47  LYS A CG  1 
ATOM   351  C  CD  . LYS A 1 47  ? 9.425   0.019   14.279  1.00 21.44 ? 47  LYS A CD  1 
ATOM   352  C  CE  . LYS A 1 47  ? 9.352   -1.019  15.412  1.00 24.54 ? 47  LYS A CE  1 
ATOM   353  N  NZ  . LYS A 1 47  ? 9.424   -2.391  14.851  1.00 30.16 ? 47  LYS A NZ  1 
ATOM   354  N  N   . ALA A 1 48  ? 8.330   5.238   12.393  1.00 9.59  ? 48  ALA A N   1 
ATOM   355  C  CA  . ALA A 1 48  ? 8.499   6.189   11.285  1.00 10.96 ? 48  ALA A CA  1 
ATOM   356  C  C   . ALA A 1 48  ? 8.744   7.585   11.834  1.00 12.79 ? 48  ALA A C   1 
ATOM   357  O  O   . ALA A 1 48  ? 9.554   8.354   11.294  1.00 13.72 ? 48  ALA A O   1 
ATOM   358  C  CB  . ALA A 1 48  ? 7.262   6.189   10.374  1.00 9.78  ? 48  ALA A CB  1 
ATOM   359  N  N   . ARG A 1 49  ? 8.054   7.922   12.914  1.00 14.29 ? 49  ARG A N   1 
ATOM   360  C  CA  . ARG A 1 49  ? 8.221   9.235   13.516  1.00 17.61 ? 49  ARG A CA  1 
ATOM   361  C  C   . ARG A 1 49  ? 9.661   9.391   13.947  1.00 16.29 ? 49  ARG A C   1 
ATOM   362  O  O   . ARG A 1 49  ? 10.267  10.444  13.750  1.00 17.66 ? 49  ARG A O   1 
ATOM   363  C  CB  . ARG A 1 49  ? 7.310   9.395   14.733  1.00 20.27 ? 49  ARG A CB  1 
ATOM   364  C  CG  . ARG A 1 49  ? 7.568   10.675  15.495  1.00 29.28 ? 49  ARG A CG  1 
ATOM   365  C  CD  . ARG A 1 49  ? 6.401   11.027  16.387  1.00 34.04 ? 49  ARG A CD  1 
ATOM   366  N  NE  . ARG A 1 49  ? 5.197   11.302  15.609  1.00 40.27 ? 49  ARG A NE  1 
ATOM   367  C  CZ  . ARG A 1 49  ? 4.247   10.406  15.358  1.00 42.25 ? 49  ARG A CZ  1 
ATOM   368  N  NH1 . ARG A 1 49  ? 3.188   10.744  14.630  1.00 44.06 ? 49  ARG A NH1 1 
ATOM   369  N  NH2 . ARG A 1 49  ? 4.337   9.180   15.857  1.00 44.03 ? 49  ARG A NH2 1 
ATOM   370  N  N   . LYS A 1 50  ? 10.217  8.342   14.532  1.00 16.58 ? 50  LYS A N   1 
ATOM   371  C  CA  . LYS A 1 50  ? 11.592  8.411   14.974  1.00 18.37 ? 50  LYS A CA  1 
ATOM   372  C  C   . LYS A 1 50  ? 12.538  8.528   13.792  1.00 18.02 ? 50  LYS A C   1 
ATOM   373  O  O   . LYS A 1 50  ? 13.487  9.305   13.835  1.00 17.81 ? 50  LYS A O   1 
ATOM   374  C  CB  . LYS A 1 50  ? 11.926  7.215   15.854  1.00 19.43 ? 50  LYS A CB  1 
ATOM   375  C  CG  . LYS A 1 50  ? 11.342  7.398   17.250  1.00 26.79 ? 50  LYS A CG  1 
ATOM   376  C  CD  . LYS A 1 50  ? 10.734  6.126   17.817  1.00 32.26 ? 50  LYS A CD  1 
ATOM   377  C  CE  . LYS A 1 50  ? 11.768  5.257   18.495  1.00 35.54 ? 50  LYS A CE  1 
ATOM   378  N  NZ  . LYS A 1 50  ? 11.101  4.134   19.205  1.00 37.99 ? 50  LYS A NZ  1 
ATOM   379  N  N   . ALA A 1 51  ? 12.277  7.792   12.715  1.00 16.26 ? 51  ALA A N   1 
ATOM   380  C  CA  . ALA A 1 51  ? 13.155  7.927   11.557  1.00 15.57 ? 51  ALA A CA  1 
ATOM   381  C  C   . ALA A 1 51  ? 13.054  9.350   10.992  1.00 14.71 ? 51  ALA A C   1 
ATOM   382  O  O   . ALA A 1 51  ? 14.062  9.937   10.582  1.00 15.20 ? 51  ALA A O   1 
ATOM   383  C  CB  . ALA A 1 51  ? 12.775  6.911   10.476  1.00 14.57 ? 51  ALA A CB  1 
ATOM   384  N  N   . GLU A 1 52  ? 11.846  9.899   10.956  1.00 14.75 ? 52  GLU A N   1 
ATOM   385  C  CA  . GLU A 1 52  ? 11.665  11.228  10.391  1.00 17.67 ? 52  GLU A CA  1 
ATOM   386  C  C   . GLU A 1 52  ? 12.376  12.299  11.222  1.00 19.70 ? 52  GLU A C   1 
ATOM   387  O  O   . GLU A 1 52  ? 12.983  13.234  10.680  1.00 18.71 ? 52  GLU A O   1 
ATOM   388  C  CB  . GLU A 1 52  ? 10.172  11.552  10.274  1.00 20.99 ? 52  GLU A CB  1 
ATOM   389  C  CG  . GLU A 1 52  ? 9.871   12.771  9.422   1.00 26.26 ? 52  GLU A CG  1 
ATOM   390  C  CD  . GLU A 1 52  ? 8.372   12.981  9.202   1.00 32.60 ? 52  GLU A CD  1 
ATOM   391  O  OE1 . GLU A 1 52  ? 7.999   13.959  8.518   1.00 35.12 ? 52  GLU A OE1 1 
ATOM   392  O  OE2 . GLU A 1 52  ? 7.567   12.167  9.708   1.00 34.56 ? 52  GLU A OE2 1 
ATOM   393  N  N   . GLN A 1 53  ? 12.326  12.145  12.536  1.00 18.99 ? 53  GLN A N   1 
ATOM   394  C  CA  . GLN A 1 53  ? 12.947  13.131  13.423  1.00 20.58 ? 53  GLN A CA  1 
ATOM   395  C  C   . GLN A 1 53  ? 14.466  13.134  13.357  1.00 19.62 ? 53  GLN A C   1 
ATOM   396  O  O   . GLN A 1 53  ? 15.111  14.103  13.749  1.00 17.59 ? 53  GLN A O   1 
ATOM   397  C  CB  . GLN A 1 53  ? 12.452  12.903  14.858  1.00 23.64 ? 53  GLN A CB  1 
ATOM   398  C  CG  . GLN A 1 53  ? 10.957  13.174  14.989  1.00 29.29 ? 53  GLN A CG  1 
ATOM   399  C  CD  . GLN A 1 53  ? 10.426  12.974  16.400  1.00 33.78 ? 53  GLN A CD  1 
ATOM   400  O  OE1 . GLN A 1 53  ? 10.617  11.910  17.010  1.00 35.64 ? 53  GLN A OE1 1 
ATOM   401  N  NE2 . GLN A 1 53  ? 9.746   13.995  16.927  1.00 34.91 ? 53  GLN A NE2 1 
ATOM   402  N  N   . HIS A 1 54  ? 15.036  12.049  12.845  1.00 18.61 ? 54  HIS A N   1 
ATOM   403  C  CA  . HIS A 1 54  ? 16.488  11.913  12.703  1.00 17.50 ? 54  HIS A CA  1 
ATOM   404  C  C   . HIS A 1 54  ? 16.953  11.986  11.234  1.00 16.83 ? 54  HIS A C   1 
ATOM   405  O  O   . HIS A 1 54  ? 18.129  11.760  10.920  1.00 14.88 ? 54  HIS A O   1 
ATOM   406  C  CB  . HIS A 1 54  ? 16.914  10.580  13.322  1.00 20.15 ? 54  HIS A CB  1 
ATOM   407  C  CG  . HIS A 1 54  ? 16.848  10.578  14.817  1.00 25.92 ? 54  HIS A CG  1 
ATOM   408  N  ND1 . HIS A 1 54  ? 17.876  11.053  15.605  1.00 28.74 ? 54  HIS A ND1 1 
ATOM   409  C  CD2 . HIS A 1 54  ? 15.845  10.250  15.662  1.00 27.66 ? 54  HIS A CD2 1 
ATOM   410  C  CE1 . HIS A 1 54  ? 17.505  11.023  16.871  1.00 29.21 ? 54  HIS A CE1 1 
ATOM   411  N  NE2 . HIS A 1 54  ? 16.276  10.542  16.935  1.00 29.77 ? 54  HIS A NE2 1 
ATOM   412  N  N   . GLY A 1 55  ? 16.011  12.278  10.345  1.00 14.23 ? 55  GLY A N   1 
ATOM   413  C  CA  . GLY A 1 55  ? 16.317  12.350  8.923   1.00 15.12 ? 55  GLY A CA  1 
ATOM   414  C  C   . GLY A 1 55  ? 16.807  11.036  8.316   1.00 14.80 ? 55  GLY A C   1 
ATOM   415  O  O   . GLY A 1 55  ? 17.623  11.029  7.394   1.00 13.09 ? 55  GLY A O   1 
ATOM   416  N  N   . ILE A 1 56  ? 16.340  9.896   8.824   1.00 14.08 ? 56  ILE A N   1 
ATOM   417  C  CA  . ILE A 1 56  ? 16.789  8.638   8.253   1.00 12.56 ? 56  ILE A CA  1 
ATOM   418  C  C   . ILE A 1 56  ? 15.782  8.320   7.147   1.00 15.50 ? 56  ILE A C   1 
ATOM   419  O  O   . ILE A 1 56  ? 14.898  7.485   7.309   1.00 14.38 ? 56  ILE A O   1 
ATOM   420  C  CB  . ILE A 1 56  ? 16.809  7.513   9.304   1.00 16.52 ? 56  ILE A CB  1 
ATOM   421  C  CG1 . ILE A 1 56  ? 17.524  7.995   10.575  1.00 19.78 ? 56  ILE A CG1 1 
ATOM   422  C  CG2 . ILE A 1 56  ? 17.521  6.295   8.730   1.00 13.04 ? 56  ILE A CG2 1 
ATOM   423  C  CD1 . ILE A 1 56  ? 19.013  8.283   10.372  1.00 22.91 ? 56  ILE A CD1 1 
ATOM   424  N  N   . ILE A 1 57  ? 15.946  9.002   6.019   1.00 13.80 ? 57  ILE A N   1 
ATOM   425  C  CA  . ILE A 1 57  ? 15.024  8.908   4.903   1.00 12.98 ? 57  ILE A CA  1 
ATOM   426  C  C   . ILE A 1 57  ? 14.727  7.541   4.293   1.00 13.68 ? 57  ILE A C   1 
ATOM   427  O  O   . ILE A 1 57  ? 13.563  7.239   4.039   1.00 14.68 ? 57  ILE A O   1 
ATOM   428  C  CB  . ILE A 1 57  ? 15.431  9.865   3.758   1.00 14.71 ? 57  ILE A CB  1 
ATOM   429  C  CG1 . ILE A 1 57  ? 15.876  11.209  4.339   1.00 15.93 ? 57  ILE A CG1 1 
ATOM   430  C  CG2 . ILE A 1 57  ? 14.239  10.099  2.831   1.00 12.85 ? 57  ILE A CG2 1 
ATOM   431  C  CD1 . ILE A 1 57  ? 14.797  11.977  5.104   1.00 13.71 ? 57  ILE A CD1 1 
ATOM   432  N  N   A ASN A 1 58  ? 15.777  6.761   4.045   0.70 15.83 ? 58  ASN A N   1 
ATOM   433  N  N   B ASN A 1 58  ? 15.729  6.703   4.053   0.30 14.34 ? 58  ASN A N   1 
ATOM   434  C  CA  A ASN A 1 58  ? 15.616  5.430   3.460   0.70 17.64 ? 58  ASN A CA  1 
ATOM   435  C  CA  B ASN A 1 58  ? 15.399  5.402   3.469   0.30 14.48 ? 58  ASN A CA  1 
ATOM   436  C  C   A ASN A 1 58  ? 14.673  4.608   4.331   0.70 15.91 ? 58  ASN A C   1 
ATOM   437  C  C   B ASN A 1 58  ? 14.731  4.476   4.484   0.30 13.63 ? 58  ASN A C   1 
ATOM   438  O  O   A ASN A 1 58  ? 13.650  4.089   3.849   0.70 12.23 ? 58  ASN A O   1 
ATOM   439  O  O   B ASN A 1 58  ? 13.994  3.565   4.101   0.30 13.17 ? 58  ASN A O   1 
ATOM   440  C  CB  A ASN A 1 58  ? 16.971  4.720   3.360   0.70 22.14 ? 58  ASN A CB  1 
ATOM   441  C  CB  B ASN A 1 58  ? 16.627  4.718   2.869   0.30 16.06 ? 58  ASN A CB  1 
ATOM   442  C  CG  A ASN A 1 58  ? 17.741  4.729   4.672   0.70 26.63 ? 58  ASN A CG  1 
ATOM   443  C  CG  B ASN A 1 58  ? 16.289  3.366   2.257   0.30 15.78 ? 58  ASN A CG  1 
ATOM   444  O  OD1 A ASN A 1 58  ? 18.115  5.792   5.184   0.70 29.74 ? 58  ASN A OD1 1 
ATOM   445  O  OD1 B ASN A 1 58  ? 16.477  2.324   2.880   0.30 18.61 ? 58  ASN A OD1 1 
ATOM   446  N  ND2 A ASN A 1 58  ? 17.988  3.540   5.225   0.70 29.48 ? 58  ASN A ND2 1 
ATOM   447  N  ND2 B ASN A 1 58  ? 15.768  3.382   1.039   0.30 18.83 ? 58  ASN A ND2 1 
ATOM   448  N  N   A GLU A 1 59  ? 15.025  4.498   5.611   0.70 14.65 ? 59  GLU A N   1 
ATOM   449  N  N   B GLU A 1 59  ? 14.986  4.692   5.772   0.30 12.84 ? 59  GLU A N   1 
ATOM   450  C  CA  A GLU A 1 59  ? 14.209  3.742   6.555   0.70 13.35 ? 59  GLU A CA  1 
ATOM   451  C  CA  B GLU A 1 59  ? 14.343  3.870   6.796   0.30 11.24 ? 59  GLU A CA  1 
ATOM   452  C  C   A GLU A 1 59  ? 12.796  4.308   6.688   0.70 10.54 ? 59  GLU A C   1 
ATOM   453  C  C   B GLU A 1 59  ? 12.894  4.342   6.954   0.30 10.08 ? 59  GLU A C   1 
ATOM   454  O  O   A GLU A 1 59  ? 11.825  3.546   6.772   0.70 8.31  ? 59  GLU A O   1 
ATOM   455  O  O   B GLU A 1 59  ? 12.003  3.551   7.260   0.30 10.78 ? 59  GLU A O   1 
ATOM   456  C  CB  A GLU A 1 59  ? 14.866  3.687   7.933   0.70 15.71 ? 59  GLU A CB  1 
ATOM   457  C  CB  B GLU A 1 59  ? 15.093  3.967   8.134   0.30 11.45 ? 59  GLU A CB  1 
ATOM   458  C  CG  A GLU A 1 59  ? 14.111  2.781   8.854   0.70 20.84 ? 59  GLU A CG  1 
ATOM   459  C  CG  B GLU A 1 59  ? 16.151  2.875   8.333   0.30 10.84 ? 59  GLU A CG  1 
ATOM   460  C  CD  A GLU A 1 59  ? 13.919  1.398   8.251   0.70 23.40 ? 59  GLU A CD  1 
ATOM   461  C  CD  B GLU A 1 59  ? 16.989  3.066   9.598   0.30 10.79 ? 59  GLU A CD  1 
ATOM   462  O  OE1 A GLU A 1 59  ? 12.985  0.690   8.671   0.70 26.99 ? 59  GLU A OE1 1 
ATOM   463  O  OE1 B GLU A 1 59  ? 16.422  3.377   10.663  0.30 11.60 ? 59  GLU A OE1 1 
ATOM   464  O  OE2 A GLU A 1 59  ? 14.708  1.021   7.355   0.70 27.36 ? 59  GLU A OE2 1 
ATOM   465  O  OE2 B GLU A 1 59  ? 18.222  2.893   9.528   0.30 12.24 ? 59  GLU A OE2 1 
ATOM   466  N  N   . LEU A 1 60  ? 12.668  5.633   6.715   1.00 8.77  ? 60  LEU A N   1 
ATOM   467  C  CA  . LEU A 1 60  ? 11.347  6.227   6.804   1.00 8.32  ? 60  LEU A CA  1 
ATOM   468  C  C   . LEU A 1 60  ? 10.520  5.724   5.621   1.00 7.41  ? 60  LEU A C   1 
ATOM   469  O  O   . LEU A 1 60  ? 9.355   5.379   5.771   1.00 7.54  ? 60  LEU A O   1 
ATOM   470  C  CB  . LEU A 1 60  ? 11.420  7.760   6.759   1.00 8.06  ? 60  LEU A CB  1 
ATOM   471  C  CG  . LEU A 1 60  ? 10.130  8.561   6.616   1.00 6.68  ? 60  LEU A CG  1 
ATOM   472  C  CD1 . LEU A 1 60  ? 9.178   8.224   7.793   1.00 7.72  ? 60  LEU A CD1 1 
ATOM   473  C  CD2 . LEU A 1 60  ? 10.448  10.078  6.613   1.00 8.90  ? 60  LEU A CD2 1 
ATOM   474  N  N   . ALA A 1 61  ? 11.134  5.666   4.442   1.00 7.97  ? 61  ALA A N   1 
ATOM   475  C  CA  . ALA A 1 61  ? 10.396  5.228   3.264   1.00 8.21  ? 61  ALA A CA  1 
ATOM   476  C  C   . ALA A 1 61  ? 9.977   3.763   3.354   1.00 7.26  ? 61  ALA A C   1 
ATOM   477  O  O   . ALA A 1 61  ? 8.870   3.416   2.957   1.00 6.33  ? 61  ALA A O   1 
ATOM   478  C  CB  . ALA A 1 61  ? 11.243  5.471   1.989   1.00 11.40 ? 61  ALA A CB  1 
ATOM   479  N  N   . VAL A 1 62  ? 10.852  2.915   3.874   1.00 7.50  ? 62  VAL A N   1 
ATOM   480  C  CA  . VAL A 1 62  ? 10.520  1.491   4.021   1.00 6.88  ? 62  VAL A CA  1 
ATOM   481  C  C   . VAL A 1 62  ? 9.321   1.346   4.962   1.00 9.27  ? 62  VAL A C   1 
ATOM   482  O  O   . VAL A 1 62  ? 8.385   0.610   4.672   1.00 8.54  ? 62  VAL A O   1 
ATOM   483  C  CB  . VAL A 1 62  ? 11.713  0.715   4.613   1.00 7.75  ? 62  VAL A CB  1 
ATOM   484  C  CG1 . VAL A 1 62  ? 11.290  -0.683  5.039   1.00 10.87 ? 62  VAL A CG1 1 
ATOM   485  C  CG2 . VAL A 1 62  ? 12.819  0.621   3.589   1.00 11.60 ? 62  VAL A CG2 1 
ATOM   486  N  N   . LEU A 1 63  ? 9.351   2.070   6.076   1.00 7.34  ? 63  LEU A N   1 
ATOM   487  C  CA  . LEU A 1 63  ? 8.259   2.016   7.057   1.00 6.57  ? 63  LEU A CA  1 
ATOM   488  C  C   . LEU A 1 63  ? 6.978   2.564   6.459   1.00 7.30  ? 63  LEU A C   1 
ATOM   489  O  O   . LEU A 1 63  ? 5.918   1.987   6.647   1.00 6.81  ? 63  LEU A O   1 
ATOM   490  C  CB  . LEU A 1 63  ? 8.623   2.822   8.311   1.00 4.05  ? 63  LEU A CB  1 
ATOM   491  C  CG  . LEU A 1 63  ? 9.707   2.150   9.166   1.00 8.06  ? 63  LEU A CG  1 
ATOM   492  C  CD1 . LEU A 1 63  ? 10.330  3.173   10.124  1.00 7.45  ? 63  LEU A CD1 1 
ATOM   493  C  CD2 . LEU A 1 63  ? 9.077   0.995   9.960   1.00 10.21 ? 63  LEU A CD2 1 
ATOM   494  N  N   . GLU A 1 64  ? 7.060   3.664   5.702   1.00 7.34  ? 64  GLU A N   1 
ATOM   495  C  CA  . GLU A 1 64  ? 5.829   4.222   5.138   1.00 8.06  ? 64  GLU A CA  1 
ATOM   496  C  C   . GLU A 1 64  ? 5.240   3.301   4.084   1.00 6.66  ? 64  GLU A C   1 
ATOM   497  O  O   . GLU A 1 64  ? 4.038   3.247   3.943   1.00 7.41  ? 64  GLU A O   1 
ATOM   498  C  CB  . GLU A 1 64  ? 6.055   5.613   4.540   1.00 9.42  ? 64  GLU A CB  1 
ATOM   499  C  CG  . GLU A 1 64  ? 6.379   6.687   5.609   1.00 10.73 ? 64  GLU A CG  1 
ATOM   500  C  CD  . GLU A 1 64  ? 5.256   6.918   6.597   1.00 16.65 ? 64  GLU A CD  1 
ATOM   501  O  OE1 . GLU A 1 64  ? 4.093   6.599   6.279   1.00 17.96 ? 64  GLU A OE1 1 
ATOM   502  O  OE2 . GLU A 1 64  ? 5.540   7.441   7.705   1.00 16.76 ? 64  GLU A OE2 1 
ATOM   503  N  N   . ARG A 1 65  ? 6.069   2.580   3.339   1.00 7.58  ? 65  ARG A N   1 
ATOM   504  C  CA  . ARG A 1 65  ? 5.476   1.647   2.386   1.00 7.24  ? 65  ARG A CA  1 
ATOM   505  C  C   . ARG A 1 65  ? 4.738   0.537   3.141   1.00 8.94  ? 65  ARG A C   1 
ATOM   506  O  O   . ARG A 1 65  ? 3.704   0.066   2.668   1.00 8.60  ? 65  ARG A O   1 
ATOM   507  C  CB  . ARG A 1 65  ? 6.529   1.058   1.451   1.00 6.67  ? 65  ARG A CB  1 
ATOM   508  C  CG  . ARG A 1 65  ? 6.944   2.104   0.406   1.00 8.56  ? 65  ARG A CG  1 
ATOM   509  C  CD  . ARG A 1 65  ? 7.845   1.560   -0.695  1.00 6.52  ? 65  ARG A CD  1 
ATOM   510  N  NE  . ARG A 1 65  ? 9.164   1.128   -0.246  1.00 8.33  ? 65  ARG A NE  1 
ATOM   511  C  CZ  . ARG A 1 65  ? 10.229  1.929   -0.148  1.00 8.40  ? 65  ARG A CZ  1 
ATOM   512  N  NH1 . ARG A 1 65  ? 11.391  1.438   0.253   1.00 10.98 ? 65  ARG A NH1 1 
ATOM   513  N  NH2 . ARG A 1 65  ? 10.130  3.223   -0.434  1.00 8.20  ? 65  ARG A NH2 1 
ATOM   514  N  N   A LYS A 1 66  ? 5.281   0.094   4.277   0.80 7.26  ? 66  LYS A N   1 
ATOM   515  N  N   B LYS A 1 66  ? 5.262   0.134   4.293   0.20 8.06  ? 66  LYS A N   1 
ATOM   516  C  CA  A LYS A 1 66  ? 4.592   -0.933  5.064   0.80 7.61  ? 66  LYS A CA  1 
ATOM   517  C  CA  B LYS A 1 66  ? 4.616   -0.908  5.079   0.20 7.88  ? 66  LYS A CA  1 
ATOM   518  C  C   A LYS A 1 66  ? 3.276   -0.398  5.620   0.80 7.30  ? 66  LYS A C   1 
ATOM   519  C  C   B LYS A 1 66  ? 3.288   -0.396  5.621   0.20 7.48  ? 66  LYS A C   1 
ATOM   520  O  O   A LYS A 1 66  ? 2.275   -1.113  5.659   0.80 7.88  ? 66  LYS A O   1 
ATOM   521  O  O   B LYS A 1 66  ? 2.293   -1.122  5.646   0.20 7.65  ? 66  LYS A O   1 
ATOM   522  C  CB  A LYS A 1 66  ? 5.458   -1.424  6.220   0.80 7.08  ? 66  LYS A CB  1 
ATOM   523  C  CB  B LYS A 1 66  ? 5.508   -1.331  6.241   0.20 8.06  ? 66  LYS A CB  1 
ATOM   524  C  CG  A LYS A 1 66  ? 6.655   -2.195  5.755   0.80 8.47  ? 66  LYS A CG  1 
ATOM   525  C  CG  B LYS A 1 66  ? 5.075   -2.630  6.891   0.20 8.22  ? 66  LYS A CG  1 
ATOM   526  C  CD  A LYS A 1 66  ? 7.419   -2.800  6.904   0.80 14.96 ? 66  LYS A CD  1 
ATOM   527  C  CD  B LYS A 1 66  ? 5.999   -3.005  8.033   0.20 10.17 ? 66  LYS A CD  1 
ATOM   528  C  CE  A LYS A 1 66  ? 8.570   -3.653  6.383   0.80 18.94 ? 66  LYS A CE  1 
ATOM   529  C  CE  B LYS A 1 66  ? 7.458   -2.728  7.704   0.20 11.44 ? 66  LYS A CE  1 
ATOM   530  N  NZ  A LYS A 1 66  ? 8.064   -4.910  5.767   0.80 23.92 ? 66  LYS A NZ  1 
ATOM   531  N  NZ  B LYS A 1 66  ? 7.799   -2.985  6.279   0.20 12.16 ? 66  LYS A NZ  1 
ATOM   532  N  N   . ILE A 1 67  ? 3.277   0.860   6.059   1.00 6.77  ? 67  ILE A N   1 
ATOM   533  C  CA  . ILE A 1 67  ? 2.060   1.477   6.597   1.00 6.35  ? 67  ILE A CA  1 
ATOM   534  C  C   . ILE A 1 67  ? 0.987   1.562   5.515   1.00 7.38  ? 67  ILE A C   1 
ATOM   535  O  O   . ILE A 1 67  ? -0.176  1.221   5.739   1.00 6.56  ? 67  ILE A O   1 
ATOM   536  C  CB  . ILE A 1 67  ? 2.363   2.891   7.170   1.00 7.58  ? 67  ILE A CB  1 
ATOM   537  C  CG1 . ILE A 1 67  ? 3.166   2.730   8.460   1.00 7.98  ? 67  ILE A CG1 1 
ATOM   538  C  CG2 . ILE A 1 67  ? 1.077   3.649   7.432   1.00 10.25 ? 67  ILE A CG2 1 
ATOM   539  C  CD1 . ILE A 1 67  ? 3.885   4.014   8.878   1.00 8.58  ? 67  ILE A CD1 1 
ATOM   540  N  N   . THR A 1 68  ? 1.386   2.003   4.326   1.00 6.94  ? 68  THR A N   1 
ATOM   541  C  CA  . THR A 1 68  ? 0.446   2.099   3.225   1.00 7.03  ? 68  THR A CA  1 
ATOM   542  C  C   . THR A 1 68  ? -0.186  0.738   2.975   1.00 6.60  ? 68  THR A C   1 
ATOM   543  O  O   . THR A 1 68  ? -1.385  0.637   2.713   1.00 7.95  ? 68  THR A O   1 
ATOM   544  C  CB  . THR A 1 68  ? 1.164   2.586   1.957   1.00 7.63  ? 68  THR A CB  1 
ATOM   545  O  OG1 . THR A 1 68  ? 1.611   3.923   2.162   1.00 10.16 ? 68  THR A OG1 1 
ATOM   546  C  CG2 . THR A 1 68  ? 0.225   2.531   0.744   1.00 11.46 ? 68  THR A CG2 1 
ATOM   547  N  N   A MET A 1 69  ? 0.624   -0.311  3.068   0.40 7.70  ? 69  MET A N   1 
ATOM   548  N  N   B MET A 1 69  ? 0.611   -0.315  3.082   0.60 6.78  ? 69  MET A N   1 
ATOM   549  C  CA  A MET A 1 69  ? 0.125   -1.667  2.842   0.40 9.11  ? 69  MET A CA  1 
ATOM   550  C  CA  B MET A 1 69  ? 0.066   -1.651  2.852   0.60 7.99  ? 69  MET A CA  1 
ATOM   551  C  C   A MET A 1 69  ? -0.817  -2.112  3.952   0.40 9.44  ? 69  MET A C   1 
ATOM   552  C  C   B MET A 1 69  ? -0.851  -2.095  3.964   0.60 9.19  ? 69  MET A C   1 
ATOM   553  O  O   A MET A 1 69  ? -1.889  -2.657  3.678   0.40 9.89  ? 69  MET A O   1 
ATOM   554  O  O   B MET A 1 69  ? -1.935  -2.624  3.710   0.60 9.74  ? 69  MET A O   1 
ATOM   555  C  CB  A MET A 1 69  ? 1.293   -2.656  2.718   0.40 12.35 ? 69  MET A CB  1 
ATOM   556  C  CB  B MET A 1 69  ? 1.192   -2.659  2.659   0.60 10.79 ? 69  MET A CB  1 
ATOM   557  C  CG  A MET A 1 69  ? 0.857   -4.115  2.610   0.40 13.67 ? 69  MET A CG  1 
ATOM   558  C  CG  B MET A 1 69  ? 1.856   -2.508  1.342   0.60 10.46 ? 69  MET A CG  1 
ATOM   559  S  SD  A MET A 1 69  ? 0.785   -4.769  0.930   0.40 20.43 ? 69  MET A SD  1 
ATOM   560  S  SD  B MET A 1 69  ? 0.691   -2.696  -0.049  0.60 14.18 ? 69  MET A SD  1 
ATOM   561  C  CE  A MET A 1 69  ? -0.549  -3.813  0.236   0.40 17.35 ? 69  MET A CE  1 
ATOM   562  C  CE  B MET A 1 69  ? -0.081  -4.223  0.344   0.60 11.81 ? 69  MET A CE  1 
ATOM   563  N  N   . ALA A 1 70  ? -0.434  -1.878  5.205   1.00 7.46  ? 70  ALA A N   1 
ATOM   564  C  CA  . ALA A 1 70  ? -1.276  -2.276  6.335   1.00 9.14  ? 70  ALA A CA  1 
ATOM   565  C  C   . ALA A 1 70  ? -2.625  -1.574  6.248   1.00 8.93  ? 70  ALA A C   1 
ATOM   566  O  O   . ALA A 1 70  ? -3.681  -2.175  6.514   1.00 9.57  ? 70  ALA A O   1 
ATOM   567  C  CB  . ALA A 1 70  ? -0.582  -1.945  7.672   1.00 8.87  ? 70  ALA A CB  1 
ATOM   568  N  N   . LYS A 1 71  ? -2.602  -0.298  5.891   1.00 7.79  ? 71  LYS A N   1 
ATOM   569  C  CA  . LYS A 1 71  ? -3.838  0.465   5.765   1.00 8.46  ? 71  LYS A CA  1 
ATOM   570  C  C   . LYS A 1 71  ? -4.753  -0.129  4.698   1.00 9.47  ? 71  LYS A C   1 
ATOM   571  O  O   . LYS A 1 71  ? -5.969  -0.061  4.819   1.00 10.79 ? 71  LYS A O   1 
ATOM   572  C  CB  . LYS A 1 71  ? -3.546  1.932   5.411   1.00 8.09  ? 71  LYS A CB  1 
ATOM   573  C  CG  . LYS A 1 71  ? -3.051  2.747   6.597   1.00 11.62 ? 71  LYS A CG  1 
ATOM   574  C  CD  . LYS A 1 71  ? -2.847  4.223   6.240   1.00 14.87 ? 71  LYS A CD  1 
ATOM   575  C  CE  . LYS A 1 71  ? -2.362  4.982   7.475   1.00 19.98 ? 71  LYS A CE  1 
ATOM   576  N  NZ  . LYS A 1 71  ? -2.078  6.434   7.208   1.00 21.84 ? 71  LYS A NZ  1 
ATOM   577  N  N   . ALA A 1 72  ? -4.179  -0.706  3.651   1.00 7.77  ? 72  ALA A N   1 
ATOM   578  C  CA  . ALA A 1 72  ? -5.034  -1.277  2.612   1.00 8.98  ? 72  ALA A CA  1 
ATOM   579  C  C   . ALA A 1 72  ? -5.802  -2.487  3.164   1.00 10.86 ? 72  ALA A C   1 
ATOM   580  O  O   . ALA A 1 72  ? -6.897  -2.782  2.706   1.00 11.28 ? 72  ALA A O   1 
ATOM   581  C  CB  . ALA A 1 72  ? -4.198  -1.655  1.379   1.00 7.86  ? 72  ALA A CB  1 
ATOM   582  N  N   . TYR A 1 73  ? -5.236  -3.176  4.154   1.00 9.11  ? 73  TYR A N   1 
ATOM   583  C  CA  . TYR A 1 73  ? -5.912  -4.332  4.740   1.00 10.20 ? 73  TYR A CA  1 
ATOM   584  C  C   . TYR A 1 73  ? -7.055  -3.969  5.666   1.00 10.42 ? 73  TYR A C   1 
ATOM   585  O  O   . TYR A 1 73  ? -7.876  -4.822  5.995   1.00 12.27 ? 73  TYR A O   1 
ATOM   586  C  CB  . TYR A 1 73  ? -4.907  -5.242  5.460   1.00 10.58 ? 73  TYR A CB  1 
ATOM   587  C  CG  . TYR A 1 73  ? -4.145  -6.133  4.506   1.00 9.36  ? 73  TYR A CG  1 
ATOM   588  C  CD1 . TYR A 1 73  ? -2.960  -5.686  3.894   1.00 10.92 ? 73  TYR A CD1 1 
ATOM   589  C  CD2 . TYR A 1 73  ? -4.625  -7.403  4.161   1.00 8.44  ? 73  TYR A CD2 1 
ATOM   590  C  CE1 . TYR A 1 73  ? -2.290  -6.469  2.966   1.00 11.92 ? 73  TYR A CE1 1 
ATOM   591  C  CE2 . TYR A 1 73  ? -3.949  -8.199  3.239   1.00 11.24 ? 73  TYR A CE2 1 
ATOM   592  C  CZ  . TYR A 1 73  ? -2.783  -7.719  2.643   1.00 13.93 ? 73  TYR A CZ  1 
ATOM   593  O  OH  . TYR A 1 73  ? -2.160  -8.493  1.704   1.00 12.65 ? 73  TYR A OH  1 
ATOM   594  N  N   . LEU A 1 74  ? -7.112  -2.710  6.092   1.00 11.06 ? 74  LEU A N   1 
ATOM   595  C  CA  . LEU A 1 74  ? -8.199  -2.230  6.948   1.00 13.89 ? 74  LEU A CA  1 
ATOM   596  C  C   . LEU A 1 74  ? -9.409  -1.856  6.111   1.00 15.85 ? 74  LEU A C   1 
ATOM   597  O  O   . LEU A 1 74  ? -10.537 -1.846  6.596   1.00 16.48 ? 74  LEU A O   1 
ATOM   598  C  CB  . LEU A 1 74  ? -7.771  -0.980  7.706   1.00 14.43 ? 74  LEU A CB  1 
ATOM   599  C  CG  . LEU A 1 74  ? -6.985  -1.199  8.993   1.00 16.61 ? 74  LEU A CG  1 
ATOM   600  C  CD1 . LEU A 1 74  ? -6.555  0.162   9.538   1.00 19.07 ? 74  LEU A CD1 1 
ATOM   601  C  CD2 . LEU A 1 74  ? -7.871  -1.923  10.017  1.00 18.22 ? 74  LEU A CD2 1 
ATOM   602  N  N   . LEU A 1 75  ? -9.167  -1.533  4.843   1.00 13.58 ? 75  LEU A N   1 
ATOM   603  C  CA  . LEU A 1 75  ? -10.232 -1.127  3.946   1.00 16.13 ? 75  LEU A CA  1 
ATOM   604  C  C   . LEU A 1 75  ? -10.994 -2.321  3.367   1.00 16.60 ? 75  LEU A C   1 
ATOM   605  O  O   . LEU A 1 75  ? -10.583 -3.473  3.522   1.00 18.35 ? 75  LEU A O   1 
ATOM   606  C  CB  . LEU A 1 75  ? -9.635  -0.253  2.837   1.00 14.83 ? 75  LEU A CB  1 
ATOM   607  C  CG  . LEU A 1 75  ? -8.971  1.018   3.401   1.00 17.57 ? 75  LEU A CG  1 
ATOM   608  C  CD1 . LEU A 1 75  ? -8.151  1.724   2.335   1.00 14.07 ? 75  LEU A CD1 1 
ATOM   609  C  CD2 . LEU A 1 75  ? -10.052 1.958   3.942   1.00 15.59 ? 75  LEU A CD2 1 
ATOM   610  N  N   . ASN A 1 76  ? -12.120 -2.055  2.721   1.00 18.64 ? 76  ASN A N   1 
ATOM   611  C  CA  . ASN A 1 76  ? -12.910 -3.129  2.138   1.00 18.86 ? 76  ASN A CA  1 
ATOM   612  C  C   . ASN A 1 76  ? -12.842 -2.977  0.629   1.00 17.52 ? 76  ASN A C   1 
ATOM   613  O  O   . ASN A 1 76  ? -13.304 -1.982  0.078   1.00 17.30 ? 76  ASN A O   1 
ATOM   614  C  CB  . ASN A 1 76  ? -14.368 -3.047  2.603   1.00 21.67 ? 76  ASN A CB  1 
ATOM   615  C  CG  . ASN A 1 76  ? -15.210 -4.247  2.140   1.00 26.56 ? 76  ASN A CG  1 
ATOM   616  O  OD1 . ASN A 1 76  ? -14.799 -5.031  1.269   1.00 25.67 ? 76  ASN A OD1 1 
ATOM   617  N  ND2 . ASN A 1 76  ? -16.405 -4.384  2.716   1.00 29.57 ? 76  ASN A ND2 1 
ATOM   618  N  N   . PRO A 1 77  ? -12.251 -3.960  -0.059  1.00 18.03 ? 77  PRO A N   1 
ATOM   619  C  CA  . PRO A 1 77  ? -12.153 -3.872  -1.513  1.00 15.89 ? 77  PRO A CA  1 
ATOM   620  C  C   . PRO A 1 77  ? -13.481 -3.566  -2.194  1.00 19.30 ? 77  PRO A C   1 
ATOM   621  O  O   . PRO A 1 77  ? -13.505 -2.915  -3.225  1.00 16.57 ? 77  PRO A O   1 
ATOM   622  C  CB  . PRO A 1 77  ? -11.601 -5.246  -1.919  1.00 18.88 ? 77  PRO A CB  1 
ATOM   623  C  CG  . PRO A 1 77  ? -10.842 -5.692  -0.706  1.00 17.32 ? 77  PRO A CG  1 
ATOM   624  C  CD  . PRO A 1 77  ? -11.713 -5.241  0.439   1.00 20.32 ? 77  PRO A CD  1 
ATOM   625  N  N   . GLU A 1 78  ? -14.595 -4.021  -1.625  1.00 21.46 ? 78  GLU A N   1 
ATOM   626  C  CA  . GLU A 1 78  ? -15.876 -3.765  -2.279  1.00 24.02 ? 78  GLU A CA  1 
ATOM   627  C  C   . GLU A 1 78  ? -16.318 -2.308  -2.265  1.00 22.64 ? 78  GLU A C   1 
ATOM   628  O  O   . GLU A 1 78  ? -17.294 -1.944  -2.929  1.00 23.29 ? 78  GLU A O   1 
ATOM   629  C  CB  . GLU A 1 78  ? -16.978 -4.681  -1.717  1.00 29.07 ? 78  GLU A CB  1 
ATOM   630  C  CG  . GLU A 1 78  ? -17.094 -4.733  -0.219  1.00 33.73 ? 78  GLU A CG  1 
ATOM   631  C  CD  . GLU A 1 78  ? -18.059 -5.820  0.248   1.00 38.15 ? 78  GLU A CD  1 
ATOM   632  O  OE1 . GLU A 1 78  ? -17.855 -7.004  -0.105  1.00 42.57 ? 78  GLU A OE1 1 
ATOM   633  O  OE2 . GLU A 1 78  ? -19.023 -5.496  0.969   1.00 40.34 ? 78  GLU A OE2 1 
ATOM   634  N  N   . ASP A 1 79  ? -15.596 -1.462  -1.540  1.00 19.57 ? 79  ASP A N   1 
ATOM   635  C  CA  . ASP A 1 79  ? -15.934 -0.043  -1.524  1.00 17.36 ? 79  ASP A CA  1 
ATOM   636  C  C   . ASP A 1 79  ? -15.264 0.703   -2.684  1.00 18.16 ? 79  ASP A C   1 
ATOM   637  O  O   . ASP A 1 79  ? -15.381 1.925   -2.798  1.00 18.01 ? 79  ASP A O   1 
ATOM   638  C  CB  . ASP A 1 79  ? -15.520 0.612   -0.212  1.00 20.05 ? 79  ASP A CB  1 
ATOM   639  C  CG  . ASP A 1 79  ? -16.312 0.094   0.970   1.00 22.76 ? 79  ASP A CG  1 
ATOM   640  O  OD1 . ASP A 1 79  ? -17.462 -0.339  0.768   1.00 25.01 ? 79  ASP A OD1 1 
ATOM   641  O  OD2 . ASP A 1 79  ? -15.784 0.138   2.090   1.00 23.02 ? 79  ASP A OD2 1 
ATOM   642  N  N   . TYR A 1 80  ? -14.575 -0.044  -3.544  1.00 12.57 ? 80  TYR A N   1 
ATOM   643  C  CA  . TYR A 1 80  ? -13.885 0.512   -4.701  1.00 14.49 ? 80  TYR A CA  1 
ATOM   644  C  C   . TYR A 1 80  ? -14.536 -0.087  -5.928  1.00 14.52 ? 80  TYR A C   1 
ATOM   645  O  O   . TYR A 1 80  ? -14.862 -1.278  -5.957  1.00 18.50 ? 80  TYR A O   1 
ATOM   646  C  CB  . TYR A 1 80  ? -12.430 0.232   -4.611  1.00 12.23 ? 80  TYR A CB  1 
ATOM   647  C  CG  . TYR A 1 80  ? -11.883 0.906   -3.374  1.00 11.37 ? 80  TYR A CG  1 
ATOM   648  C  CD1 . TYR A 1 80  ? -11.353 2.190   -3.467  1.00 11.65 ? 80  TYR A CD1 1 
ATOM   649  C  CD2 . TYR A 1 80  ? -11.920 0.237   -2.148  1.00 9.40  ? 80  TYR A CD2 1 
ATOM   650  C  CE1 . TYR A 1 80  ? -10.872 2.826   -2.325  1.00 14.27 ? 80  TYR A CE1 1 
ATOM   651  C  CE2 . TYR A 1 80  ? -11.442 0.873   -1.002  1.00 13.66 ? 80  TYR A CE2 1 
ATOM   652  C  CZ  . TYR A 1 80  ? -10.921 2.171   -1.089  1.00 12.34 ? 80  TYR A CZ  1 
ATOM   653  O  OH  . TYR A 1 80  ? -10.473 2.799   0.028   1.00 15.04 ? 80  TYR A OH  1 
ATOM   654  N  N   . SER A 1 81  ? -14.731 0.726   -6.956  1.00 12.10 ? 81  SER A N   1 
ATOM   655  C  CA  . SER A 1 81  ? -15.437 0.233   -8.114  1.00 12.30 ? 81  SER A CA  1 
ATOM   656  C  C   . SER A 1 81  ? -14.728 0.217   -9.441  1.00 9.73  ? 81  SER A C   1 
ATOM   657  O  O   . SER A 1 81  ? -14.193 1.226   -9.841  1.00 8.80  ? 81  SER A O   1 
ATOM   658  C  CB  . SER A 1 81  ? -16.712 1.064   -8.338  1.00 15.10 ? 81  SER A CB  1 
ATOM   659  O  OG  . SER A 1 81  ? -17.529 1.096   -7.192  1.00 18.05 ? 81  SER A OG  1 
ATOM   660  N  N   . PRO A 1 82  ? -14.720 -0.931  -10.138 1.00 9.29  ? 82  PRO A N   1 
ATOM   661  C  CA  . PRO A 1 82  ? -14.079 -0.978  -11.450 1.00 8.48  ? 82  PRO A CA  1 
ATOM   662  C  C   . PRO A 1 82  ? -14.815 0.068   -12.323 1.00 8.65  ? 82  PRO A C   1 
ATOM   663  O  O   . PRO A 1 82  ? -16.049 0.188   -12.272 1.00 10.19 ? 82  PRO A O   1 
ATOM   664  C  CB  . PRO A 1 82  ? -14.353 -2.410  -11.911 1.00 10.28 ? 82  PRO A CB  1 
ATOM   665  C  CG  . PRO A 1 82  ? -14.272 -3.181  -10.639 1.00 8.81  ? 82  PRO A CG  1 
ATOM   666  C  CD  . PRO A 1 82  ? -14.950 -2.292  -9.613  1.00 9.79  ? 82  PRO A CD  1 
ATOM   667  N  N   . GLY A 1 83  ? -14.060 0.834   -13.095 1.00 7.89  ? 83  GLY A N   1 
ATOM   668  C  CA  . GLY A 1 83  ? -14.663 1.832   -13.949 1.00 7.88  ? 83  GLY A CA  1 
ATOM   669  C  C   . GLY A 1 83  ? -14.691 3.215   -13.358 1.00 9.34  ? 83  GLY A C   1 
ATOM   670  O  O   . GLY A 1 83  ? -14.916 4.191   -14.088 1.00 10.50 ? 83  GLY A O   1 
ATOM   671  N  N   A GLU A 1 84  ? -14.490 3.311   -12.044 0.70 7.62  ? 84  GLU A N   1 
ATOM   672  N  N   B GLU A 1 84  ? -14.471 3.309   -12.051 0.30 9.09  ? 84  GLU A N   1 
ATOM   673  C  CA  A GLU A 1 84  ? -14.471 4.602   -11.362 0.70 7.49  ? 84  GLU A CA  1 
ATOM   674  C  CA  B GLU A 1 84  ? -14.455 4.591   -11.363 0.30 9.36  ? 84  GLU A CA  1 
ATOM   675  C  C   A GLU A 1 84  ? -13.037 5.138   -11.359 0.70 8.51  ? 84  GLU A C   1 
ATOM   676  C  C   B GLU A 1 84  ? -13.029 5.137   -11.349 0.30 9.19  ? 84  GLU A C   1 
ATOM   677  O  O   A GLU A 1 84  ? -12.074 4.370   -11.399 0.70 6.45  ? 84  GLU A O   1 
ATOM   678  O  O   B GLU A 1 84  ? -12.061 4.376   -11.373 0.30 8.39  ? 84  GLU A O   1 
ATOM   679  C  CB  A GLU A 1 84  ? -14.992 4.467   -9.920  0.70 9.05  ? 84  GLU A CB  1 
ATOM   680  C  CB  B GLU A 1 84  ? -14.973 4.424   -9.932  0.30 10.99 ? 84  GLU A CB  1 
ATOM   681  C  CG  A GLU A 1 84  ? -15.118 5.830   -9.199  0.70 13.48 ? 84  GLU A CG  1 
ATOM   682  C  CG  B GLU A 1 84  ? -16.447 4.067   -9.850  0.30 15.09 ? 84  GLU A CG  1 
ATOM   683  C  CD  A GLU A 1 84  ? -15.833 5.753   -7.849  0.70 18.17 ? 84  GLU A CD  1 
ATOM   684  C  CD  B GLU A 1 84  ? -17.348 5.149   -10.415 0.30 16.82 ? 84  GLU A CD  1 
ATOM   685  O  OE1 A GLU A 1 84  ? -16.772 4.944   -7.712  0.70 18.59 ? 84  GLU A OE1 1 
ATOM   686  O  OE1 B GLU A 1 84  ? -17.315 6.282   -9.888  0.30 17.96 ? 84  GLU A OE1 1 
ATOM   687  O  OE2 A GLU A 1 84  ? -15.462 6.522   -6.937  0.70 19.92 ? 84  GLU A OE2 1 
ATOM   688  O  OE2 B GLU A 1 84  ? -18.091 4.867   -11.382 0.30 18.85 ? 84  GLU A OE2 1 
ATOM   689  N  N   . THR A 1 85  ? -12.910 6.461   -11.308 1.00 8.19  ? 85  THR A N   1 
ATOM   690  C  CA  . THR A 1 85  ? -11.608 7.118   -11.308 1.00 7.29  ? 85  THR A CA  1 
ATOM   691  C  C   . THR A 1 85  ? -11.397 7.848   -9.975  1.00 6.62  ? 85  THR A C   1 
ATOM   692  O  O   . THR A 1 85  ? -12.301 8.516   -9.458  1.00 8.83  ? 85  THR A O   1 
ATOM   693  C  CB  . THR A 1 85  ? -11.526 8.086   -12.498 1.00 6.35  ? 85  THR A CB  1 
ATOM   694  O  OG1 . THR A 1 85  ? -11.716 7.334   -13.706 1.00 8.93  ? 85  THR A OG1 1 
ATOM   695  C  CG2 . THR A 1 85  ? -10.155 8.772   -12.549 1.00 7.76  ? 85  THR A CG2 1 
ATOM   696  N  N   . TYR A 1 86  ? -10.212 7.652   -9.404  1.00 6.36  ? 86  TYR A N   1 
ATOM   697  C  CA  . TYR A 1 86  ? -9.852  8.200   -8.098  1.00 5.77  ? 86  TYR A CA  1 
ATOM   698  C  C   . TYR A 1 86  ? -8.605  9.032   -8.187  1.00 8.68  ? 86  TYR A C   1 
ATOM   699  O  O   . TYR A 1 86  ? -7.829  8.924   -9.139  1.00 10.33 ? 86  TYR A O   1 
ATOM   700  C  CB  . TYR A 1 86  ? -9.496  7.026   -7.117  1.00 7.71  ? 86  TYR A CB  1 
ATOM   701  C  CG  . TYR A 1 86  ? -10.671 6.070   -6.937  1.00 8.14  ? 86  TYR A CG  1 
ATOM   702  C  CD1 . TYR A 1 86  ? -10.981 5.150   -7.943  1.00 7.50  ? 86  TYR A CD1 1 
ATOM   703  C  CD2 . TYR A 1 86  ? -11.435 6.116   -5.766  1.00 10.88 ? 86  TYR A CD2 1 
ATOM   704  C  CE1 . TYR A 1 86  ? -12.060 4.277   -7.782  1.00 9.93  ? 86  TYR A CE1 1 
ATOM   705  C  CE2 . TYR A 1 86  ? -12.515 5.243   -5.605  1.00 10.67 ? 86  TYR A CE2 1 
ATOM   706  C  CZ  . TYR A 1 86  ? -12.829 4.324   -6.614  1.00 13.09 ? 86  TYR A CZ  1 
ATOM   707  O  OH  . TYR A 1 86  ? -13.882 3.480   -6.460  1.00 13.69 ? 86  TYR A OH  1 
ATOM   708  N  N   A ARG A 1 87  ? -8.414  9.879   -7.184  0.50 7.55  ? 87  ARG A N   1 
ATOM   709  N  N   B ARG A 1 87  ? -8.408  9.880   -7.185  0.50 8.16  ? 87  ARG A N   1 
ATOM   710  C  CA  A ARG A 1 87  ? -7.206  10.669  -7.116  0.50 7.72  ? 87  ARG A CA  1 
ATOM   711  C  CA  B ARG A 1 87  ? -7.206  10.688  -7.134  0.50 8.95  ? 87  ARG A CA  1 
ATOM   712  C  C   A ARG A 1 87  ? -6.185  9.772   -6.436  0.50 7.77  ? 87  ARG A C   1 
ATOM   713  C  C   B ARG A 1 87  ? -6.178  9.833   -6.405  0.50 8.49  ? 87  ARG A C   1 
ATOM   714  O  O   A ARG A 1 87  ? -6.538  9.014   -5.536  0.50 9.68  ? 87  ARG A O   1 
ATOM   715  O  O   B ARG A 1 87  ? -6.515  9.174   -5.426  0.50 10.93 ? 87  ARG A O   1 
ATOM   716  C  CB  A ARG A 1 87  ? -7.405  11.917  -6.252  0.50 10.82 ? 87  ARG A CB  1 
ATOM   717  C  CB  B ARG A 1 87  ? -7.454  11.974  -6.344  0.50 12.64 ? 87  ARG A CB  1 
ATOM   718  C  CG  A ARG A 1 87  ? -6.079  12.465  -5.708  0.50 14.78 ? 87  ARG A CG  1 
ATOM   719  C  CG  B ARG A 1 87  ? -6.373  13.027  -6.569  0.50 18.40 ? 87  ARG A CG  1 
ATOM   720  C  CD  A ARG A 1 87  ? -6.241  13.785  -4.969  0.50 19.76 ? 87  ARG A CD  1 
ATOM   721  C  CD  B ARG A 1 87  ? -6.597  14.265  -5.699  0.50 20.39 ? 87  ARG A CD  1 
ATOM   722  N  NE  A ARG A 1 87  ? -5.138  14.009  -4.034  0.50 23.07 ? 87  ARG A NE  1 
ATOM   723  N  NE  B ARG A 1 87  ? -7.992  14.708  -5.667  0.50 24.19 ? 87  ARG A NE  1 
ATOM   724  C  CZ  A ARG A 1 87  ? -5.143  13.595  -2.772  0.50 23.62 ? 87  ARG A CZ  1 
ATOM   725  C  CZ  B ARG A 1 87  ? -8.702  15.050  -6.736  0.50 24.83 ? 87  ARG A CZ  1 
ATOM   726  N  NH1 A ARG A 1 87  ? -4.103  13.833  -1.984  0.50 22.80 ? 87  ARG A NH1 1 
ATOM   727  N  NH1 B ARG A 1 87  ? -9.962  15.445  -6.597  0.50 24.61 ? 87  ARG A NH1 1 
ATOM   728  N  NH2 A ARG A 1 87  ? -6.202  12.954  -2.291  0.50 25.73 ? 87  ARG A NH2 1 
ATOM   729  N  NH2 B ARG A 1 87  ? -8.163  14.988  -7.945  0.50 25.87 ? 87  ARG A NH2 1 
ATOM   730  N  N   . VAL A 1 88  ? -4.935  9.817   -6.881  1.00 8.13  ? 88  VAL A N   1 
ATOM   731  C  CA  . VAL A 1 88  ? -3.901  9.018   -6.215  1.00 8.28  ? 88  VAL A CA  1 
ATOM   732  C  C   . VAL A 1 88  ? -3.349  9.934   -5.129  1.00 12.03 ? 88  VAL A C   1 
ATOM   733  O  O   . VAL A 1 88  ? -2.884  11.029  -5.418  1.00 12.08 ? 88  VAL A O   1 
ATOM   734  C  CB  . VAL A 1 88  ? -2.802  8.598   -7.182  1.00 8.46  ? 88  VAL A CB  1 
ATOM   735  C  CG1 . VAL A 1 88  ? -1.679  7.876   -6.445  1.00 8.83  ? 88  VAL A CG1 1 
ATOM   736  C  CG2 . VAL A 1 88  ? -3.419  7.705   -8.258  1.00 8.16  ? 88  VAL A CG2 1 
ATOM   737  N  N   . GLU A 1 89  ? -3.448  9.478   -3.882  1.00 11.98 ? 89  GLU A N   1 
ATOM   738  C  CA  . GLU A 1 89  ? -3.020  10.250  -2.723  1.00 13.41 ? 89  GLU A CA  1 
ATOM   739  C  C   . GLU A 1 89  ? -1.640  10.889  -2.889  1.00 13.55 ? 89  GLU A C   1 
ATOM   740  O  O   . GLU A 1 89  ? -0.708  10.261  -3.392  1.00 12.85 ? 89  GLU A O   1 
ATOM   741  C  CB  . GLU A 1 89  ? -3.036  9.333   -1.487  1.00 16.70 ? 89  GLU A CB  1 
ATOM   742  C  CG  . GLU A 1 89  ? -2.607  9.988   -0.181  1.00 23.88 ? 89  GLU A CG  1 
ATOM   743  C  CD  . GLU A 1 89  ? -2.722  9.042   1.006   1.00 29.88 ? 89  GLU A CD  1 
ATOM   744  O  OE1 . GLU A 1 89  ? -2.879  7.814   0.796   1.00 31.98 ? 89  GLU A OE1 1 
ATOM   745  O  OE2 . GLU A 1 89  ? -2.647  9.527   2.155   1.00 33.75 ? 89  GLU A OE2 1 
ATOM   746  N  N   . ASN A 1 90  ? -1.537  12.142  -2.452  1.00 17.36 ? 90  ASN A N   1 
ATOM   747  C  CA  . ASN A 1 90  ? -0.297  12.921  -2.505  1.00 18.53 ? 90  ASN A CA  1 
ATOM   748  C  C   . ASN A 1 90  ? 0.304   13.137  -3.897  1.00 21.00 ? 90  ASN A C   1 
ATOM   749  O  O   . ASN A 1 90  ? 1.505   13.389  -4.014  1.00 20.46 ? 90  ASN A O   1 
ATOM   750  C  CB  . ASN A 1 90  ? 0.776   12.299  -1.606  1.00 19.45 ? 90  ASN A CB  1 
ATOM   751  C  CG  . ASN A 1 90  ? 0.468   12.435  -0.131  1.00 22.30 ? 90  ASN A CG  1 
ATOM   752  O  OD1 . ASN A 1 90  ? 0.171   13.526  0.365   1.00 24.03 ? 90  ASN A OD1 1 
ATOM   753  N  ND2 . ASN A 1 90  ? 0.552   11.325  0.585   1.00 23.94 ? 90  ASN A ND2 1 
ATOM   754  N  N   . THR A 1 91  ? -0.510  13.004  -4.942  1.00 18.71 ? 91  THR A N   1 
ATOM   755  C  CA  . THR A 1 91  ? -0.057  13.246  -6.303  1.00 17.57 ? 91  THR A CA  1 
ATOM   756  C  C   . THR A 1 91  ? -1.184  14.021  -6.979  1.00 19.04 ? 91  THR A C   1 
ATOM   757  O  O   . THR A 1 91  ? -2.244  14.240  -6.381  1.00 17.48 ? 91  THR A O   1 
ATOM   758  C  CB  . THR A 1 91  ? 0.166   11.955  -7.094  1.00 16.52 ? 91  THR A CB  1 
ATOM   759  O  OG1 . THR A 1 91  ? -1.106  11.445  -7.521  1.00 14.34 ? 91  THR A OG1 1 
ATOM   760  C  CG2 . THR A 1 91  ? 0.903   10.913  -6.234  1.00 16.71 ? 91  THR A CG2 1 
ATOM   761  N  N   . GLU A 1 92  ? -0.954  14.450  -8.217  1.00 21.74 ? 92  GLU A N   1 
ATOM   762  C  CA  . GLU A 1 92  ? -1.985  15.176  -8.956  1.00 23.80 ? 92  GLU A CA  1 
ATOM   763  C  C   . GLU A 1 92  ? -2.535  14.257  -10.047 1.00 20.68 ? 92  GLU A C   1 
ATOM   764  O  O   . GLU A 1 92  ? -3.194  14.709  -10.989 1.00 19.95 ? 92  GLU A O   1 
ATOM   765  C  CB  . GLU A 1 92  ? -1.405  16.431  -9.606  1.00 28.89 ? 92  GLU A CB  1 
ATOM   766  C  CG  . GLU A 1 92  ? -0.870  17.440  -8.611  1.00 36.16 ? 92  GLU A CG  1 
ATOM   767  C  CD  . GLU A 1 92  ? 0.559   17.798  -8.899  1.00 40.31 ? 92  GLU A CD  1 
ATOM   768  O  OE1 . GLU A 1 92  ? 0.812   18.391  -9.971  1.00 43.14 ? 92  GLU A OE1 1 
ATOM   769  O  OE2 . GLU A 1 92  ? 1.432   17.479  -8.059  1.00 44.50 ? 92  GLU A OE2 1 
ATOM   770  N  N   . ASP A 1 93  ? -2.252  12.967  -9.913  1.00 15.54 ? 93  ASP A N   1 
ATOM   771  C  CA  . ASP A 1 93  ? -2.698  11.971  -10.890 1.00 12.85 ? 93  ASP A CA  1 
ATOM   772  C  C   . ASP A 1 93  ? -4.083  11.372  -10.553 1.00 9.95  ? 93  ASP A C   1 
ATOM   773  O  O   . ASP A 1 93  ? -4.510  11.369  -9.391  1.00 12.13 ? 93  ASP A O   1 
ATOM   774  C  CB  . ASP A 1 93  ? -1.695  10.803  -10.951 1.00 12.95 ? 93  ASP A CB  1 
ATOM   775  C  CG  . ASP A 1 93  ? -0.327  11.198  -11.495 1.00 21.34 ? 93  ASP A CG  1 
ATOM   776  O  OD1 . ASP A 1 93  ? 0.577   10.325  -11.469 1.00 20.93 ? 93  ASP A OD1 1 
ATOM   777  O  OD2 . ASP A 1 93  ? -0.140  12.349  -11.949 1.00 19.64 ? 93  ASP A OD2 1 
ATOM   778  N  N   . GLU A 1 94  ? -4.741  10.847  -11.582 1.00 10.37 ? 94  GLU A N   1 
ATOM   779  C  CA  . GLU A 1 94  ? -6.068  10.199  -11.481 1.00 8.67  ? 94  GLU A CA  1 
ATOM   780  C  C   . GLU A 1 94  ? -5.873  8.780   -11.974 1.00 8.24  ? 94  GLU A C   1 
ATOM   781  O  O   . GLU A 1 94  ? -5.147  8.548   -12.943 1.00 9.13  ? 94  GLU A O   1 
ATOM   782  C  CB  . GLU A 1 94  ? -7.106  10.918  -12.355 1.00 11.41 ? 94  GLU A CB  1 
ATOM   783  C  CG  . GLU A 1 94  ? -7.624  12.204  -11.695 1.00 19.69 ? 94  GLU A CG  1 
ATOM   784  C  CD  . GLU A 1 94  ? -8.705  12.925  -12.500 1.00 22.29 ? 94  GLU A CD  1 
ATOM   785  O  OE1 . GLU A 1 94  ? -9.337  12.323  -13.400 1.00 21.96 ? 94  GLU A OE1 1 
ATOM   786  O  OE2 . GLU A 1 94  ? -8.924  14.124  -12.213 1.00 29.10 ? 94  GLU A OE2 1 
ATOM   787  N  N   . PHE A 1 95  ? -6.510  7.839   -11.291 1.00 5.71  ? 95  PHE A N   1 
ATOM   788  C  CA  . PHE A 1 95  ? -6.356  6.428   -11.602 1.00 6.14  ? 95  PHE A CA  1 
ATOM   789  C  C   . PHE A 1 95  ? -7.723  5.790   -11.787 1.00 4.90  ? 95  PHE A C   1 
ATOM   790  O  O   . PHE A 1 95  ? -8.574  5.853   -10.908 1.00 5.67  ? 95  PHE A O   1 
ATOM   791  C  CB  . PHE A 1 95  ? -5.618  5.782   -10.425 1.00 5.50  ? 95  PHE A CB  1 
ATOM   792  C  CG  . PHE A 1 95  ? -5.293  4.323   -10.613 1.00 4.73  ? 95  PHE A CG  1 
ATOM   793  C  CD1 . PHE A 1 95  ? -6.107  3.343   -10.075 1.00 4.74  ? 95  PHE A CD1 1 
ATOM   794  C  CD2 . PHE A 1 95  ? -4.119  3.936   -11.265 1.00 4.33  ? 95  PHE A CD2 1 
ATOM   795  C  CE1 . PHE A 1 95  ? -5.755  1.997   -10.180 1.00 8.53  ? 95  PHE A CE1 1 
ATOM   796  C  CE2 . PHE A 1 95  ? -3.764  2.585   -11.372 1.00 5.84  ? 95  PHE A CE2 1 
ATOM   797  C  CZ  . PHE A 1 95  ? -4.578  1.620   -10.824 1.00 6.18  ? 95  PHE A CZ  1 
ATOM   798  N  N   . THR A 1 96  ? -7.910  5.169   -12.933 1.00 4.33  ? 96  THR A N   1 
ATOM   799  C  CA  . THR A 1 96  ? -9.154  4.479   -13.243 1.00 4.90  ? 96  THR A CA  1 
ATOM   800  C  C   . THR A 1 96  ? -8.968  2.994   -12.953 1.00 3.66  ? 96  THR A C   1 
ATOM   801  O  O   . THR A 1 96  ? -8.026  2.368   -13.435 1.00 6.33  ? 96  THR A O   1 
ATOM   802  C  CB  . THR A 1 96  ? -9.511  4.696   -14.723 1.00 5.30  ? 96  THR A CB  1 
ATOM   803  O  OG1 . THR A 1 96  ? -9.628  6.116   -14.968 1.00 5.15  ? 96  THR A OG1 1 
ATOM   804  C  CG2 . THR A 1 96  ? -10.810 3.966   -15.078 1.00 6.91  ? 96  THR A CG2 1 
ATOM   805  N  N   . ILE A 1 97  ? -9.878  2.425   -12.169 1.00 4.21  ? 97  ILE A N   1 
ATOM   806  C  CA  . ILE A 1 97  ? -9.769  1.016   -11.818 1.00 5.49  ? 97  ILE A CA  1 
ATOM   807  C  C   . ILE A 1 97  ? -10.279 0.083   -12.928 1.00 6.38  ? 97  ILE A C   1 
ATOM   808  O  O   . ILE A 1 97  ? -11.349 0.304   -13.484 1.00 7.64  ? 97  ILE A O   1 
ATOM   809  C  CB  . ILE A 1 97  ? -10.578 0.713   -10.549 1.00 5.35  ? 97  ILE A CB  1 
ATOM   810  C  CG1 . ILE A 1 97  ? -9.996  1.512   -9.381  1.00 3.79  ? 97  ILE A CG1 1 
ATOM   811  C  CG2 . ILE A 1 97  ? -10.529 -0.807  -10.209 1.00 6.48  ? 97  ILE A CG2 1 
ATOM   812  C  CD1 . ILE A 1 97  ? -10.610 1.107   -8.010  1.00 7.23  ? 97  ILE A CD1 1 
ATOM   813  N  N   . SER A 1 98  ? -9.500  -0.946  -13.245 1.00 5.24  ? 98  SER A N   1 
ATOM   814  C  CA  . SER A 1 98  ? -9.904  -1.947  -14.237 1.00 8.62  ? 98  SER A CA  1 
ATOM   815  C  C   . SER A 1 98  ? -10.553 -3.089  -13.453 1.00 6.30  ? 98  SER A C   1 
ATOM   816  O  O   . SER A 1 98  ? -11.632 -3.598  -13.811 1.00 7.51  ? 98  SER A O   1 
ATOM   817  C  CB  . SER A 1 98  ? -8.706  -2.459  -15.034 1.00 9.32  ? 98  SER A CB  1 
ATOM   818  O  OG  . SER A 1 98  ? -8.186  -1.423  -15.873 1.00 9.38  ? 98  SER A OG  1 
ATOM   819  N  N   . TYR A 1 99  ? -9.859  -3.531  -12.401 1.00 5.05  ? 99  TYR A N   1 
ATOM   820  C  CA  . TYR A 1 99  ? -10.400 -4.575  -11.536 1.00 4.46  ? 99  TYR A CA  1 
ATOM   821  C  C   . TYR A 1 99  ? -9.653  -4.616  -10.216 1.00 6.16  ? 99  TYR A C   1 
ATOM   822  O  O   . TYR A 1 99  ? -8.605  -3.974  -10.035 1.00 6.58  ? 99  TYR A O   1 
ATOM   823  C  CB  . TYR A 1 99  ? -10.341 -5.980  -12.194 1.00 4.55  ? 99  TYR A CB  1 
ATOM   824  C  CG  . TYR A 1 99  ? -8.949  -6.462  -12.500 1.00 6.51  ? 99  TYR A CG  1 
ATOM   825  C  CD1 . TYR A 1 99  ? -8.225  -7.217  -11.572 1.00 8.38  ? 99  TYR A CD1 1 
ATOM   826  C  CD2 . TYR A 1 99  ? -8.338  -6.135  -13.702 1.00 8.06  ? 99  TYR A CD2 1 
ATOM   827  C  CE1 . TYR A 1 99  ? -6.912  -7.637  -11.853 1.00 10.73 ? 99  TYR A CE1 1 
ATOM   828  C  CE2 . TYR A 1 99  ? -7.022  -6.544  -13.979 1.00 9.68  ? 99  TYR A CE2 1 
ATOM   829  C  CZ  . TYR A 1 99  ? -6.330  -7.292  -13.049 1.00 11.57 ? 99  TYR A CZ  1 
ATOM   830  O  OH  . TYR A 1 99  ? -5.037  -7.690  -13.342 1.00 14.96 ? 99  TYR A OH  1 
ATOM   831  N  N   . LEU A 1 100 ? -10.207 -5.357  -9.273  1.00 6.60  ? 100 LEU A N   1 
ATOM   832  C  CA  . LEU A 1 100 ? -9.584  -5.482  -7.960  1.00 8.83  ? 100 LEU A CA  1 
ATOM   833  C  C   . LEU A 1 100 ? -9.054  -6.894  -7.769  1.00 9.15  ? 100 LEU A C   1 
ATOM   834  O  O   . LEU A 1 100 ? -9.605  -7.851  -8.329  1.00 9.99  ? 100 LEU A O   1 
ATOM   835  C  CB  . LEU A 1 100 ? -10.608 -5.207  -6.857  1.00 8.20  ? 100 LEU A CB  1 
ATOM   836  C  CG  . LEU A 1 100 ? -11.309 -3.839  -6.885  1.00 12.63 ? 100 LEU A CG  1 
ATOM   837  C  CD1 . LEU A 1 100 ? -12.463 -3.840  -5.918  1.00 19.23 ? 100 LEU A CD1 1 
ATOM   838  C  CD2 . LEU A 1 100 ? -10.304 -2.764  -6.524  1.00 11.99 ? 100 LEU A CD2 1 
ATOM   839  N  N   . ASN A 1 101 ? -7.951  -7.015  -7.025  1.00 6.94  ? 101 ASN A N   1 
ATOM   840  C  CA  . ASN A 1 101 ? -7.435  -8.346  -6.691  1.00 8.86  ? 101 ASN A CA  1 
ATOM   841  C  C   . ASN A 1 101 ? -6.702  -8.188  -5.362  1.00 9.63  ? 101 ASN A C   1 
ATOM   842  O  O   . ASN A 1 101 ? -5.754  -7.412  -5.254  1.00 8.95  ? 101 ASN A O   1 
ATOM   843  C  CB  . ASN A 1 101 ? -6.497  -8.897  -7.752  1.00 11.76 ? 101 ASN A CB  1 
ATOM   844  C  CG  . ASN A 1 101 ? -6.145  -10.349 -7.478  1.00 16.30 ? 101 ASN A CG  1 
ATOM   845  O  OD1 . ASN A 1 101 ? -6.944  -11.073 -6.903  1.00 20.27 ? 101 ASN A OD1 1 
ATOM   846  N  ND2 . ASN A 1 101 ? -4.973  -10.768 -7.892  1.00 24.02 ? 101 ASN A ND2 1 
ATOM   847  N  N   . GLY A 1 102 ? -7.155  -8.914  -4.351  1.00 7.32  ? 102 GLY A N   1 
ATOM   848  C  CA  . GLY A 1 102 ? -6.553  -8.778  -3.045  1.00 8.47  ? 102 GLY A CA  1 
ATOM   849  C  C   . GLY A 1 102 ? -6.801  -7.358  -2.556  1.00 9.91  ? 102 GLY A C   1 
ATOM   850  O  O   . GLY A 1 102 ? -7.930  -6.854  -2.631  1.00 11.41 ? 102 GLY A O   1 
ATOM   851  N  N   . VAL A 1 103 ? -5.756  -6.703  -2.052  1.00 7.14  ? 103 VAL A N   1 
ATOM   852  C  CA  . VAL A 1 103 ? -5.901  -5.327  -1.583  1.00 6.30  ? 103 VAL A CA  1 
ATOM   853  C  C   . VAL A 1 103 ? -5.412  -4.327  -2.634  1.00 5.65  ? 103 VAL A C   1 
ATOM   854  O  O   . VAL A 1 103 ? -5.197  -3.158  -2.332  1.00 6.25  ? 103 VAL A O   1 
ATOM   855  C  CB  . VAL A 1 103 ? -5.142  -5.083  -0.235  1.00 7.90  ? 103 VAL A CB  1 
ATOM   856  C  CG1 . VAL A 1 103 ? -5.683  -6.048  0.830   1.00 12.31 ? 103 VAL A CG1 1 
ATOM   857  C  CG2 . VAL A 1 103 ? -3.657  -5.256  -0.404  1.00 7.85  ? 103 VAL A CG2 1 
ATOM   858  N  N   . PHE A 1 104 ? -5.265  -4.787  -3.870  1.00 6.29  ? 104 PHE A N   1 
ATOM   859  C  CA  . PHE A 1 104 ? -4.813  -3.879  -4.926  1.00 6.55  ? 104 PHE A CA  1 
ATOM   860  C  C   . PHE A 1 104 ? -5.874  -3.584  -5.954  1.00 6.22  ? 104 PHE A C   1 
ATOM   861  O  O   . PHE A 1 104 ? -6.814  -4.360  -6.181  1.00 7.17  ? 104 PHE A O   1 
ATOM   862  C  CB  . PHE A 1 104 ? -3.598  -4.466  -5.663  1.00 7.54  ? 104 PHE A CB  1 
ATOM   863  C  CG  . PHE A 1 104 ? -2.349  -4.521  -4.826  1.00 9.88  ? 104 PHE A CG  1 
ATOM   864  C  CD1 . PHE A 1 104 ? -1.495  -3.430  -4.790  1.00 8.41  ? 104 PHE A CD1 1 
ATOM   865  C  CD2 . PHE A 1 104 ? -2.071  -5.638  -4.028  1.00 12.97 ? 104 PHE A CD2 1 
ATOM   866  C  CE1 . PHE A 1 104 ? -0.351  -3.439  -3.945  1.00 14.03 ? 104 PHE A CE1 1 
ATOM   867  C  CE2 . PHE A 1 104 ? -0.938  -5.657  -3.189  1.00 14.13 ? 104 PHE A CE2 1 
ATOM   868  C  CZ  . PHE A 1 104 ? -0.089  -4.556  -3.150  1.00 14.14 ? 104 PHE A CZ  1 
ATOM   869  N  N   . ALA A 1 105 ? -5.739  -2.413  -6.555  1.00 3.29  ? 105 ALA A N   1 
ATOM   870  C  CA  . ALA A 1 105 ? -6.607  -2.053  -7.647  1.00 4.87  ? 105 ALA A CA  1 
ATOM   871  C  C   . ALA A 1 105 ? -5.692  -2.050  -8.879  1.00 4.91  ? 105 ALA A C   1 
ATOM   872  O  O   . ALA A 1 105 ? -4.658  -1.375  -8.914  1.00 5.68  ? 105 ALA A O   1 
ATOM   873  C  CB  . ALA A 1 105 ? -7.202  -0.667  -7.433  1.00 4.44  ? 105 ALA A CB  1 
ATOM   874  N  N   . TRP A 1 106 ? -6.072  -2.838  -9.876  1.00 3.88  ? 106 TRP A N   1 
ATOM   875  C  CA  . TRP A 1 106 ? -5.338  -2.864  -11.136 1.00 6.26  ? 106 TRP A CA  1 
ATOM   876  C  C   . TRP A 1 106 ? -6.068  -1.892  -12.051 1.00 5.17  ? 106 TRP A C   1 
ATOM   877  O  O   . TRP A 1 106 ? -7.304  -1.913  -12.132 1.00 6.52  ? 106 TRP A O   1 
ATOM   878  C  CB  . TRP A 1 106 ? -5.347  -4.266  -11.731 1.00 4.90  ? 106 TRP A CB  1 
ATOM   879  C  CG  . TRP A 1 106 ? -4.415  -5.170  -11.001 1.00 5.99  ? 106 TRP A CG  1 
ATOM   880  C  CD1 . TRP A 1 106 ? -4.675  -5.867  -9.863  1.00 8.28  ? 106 TRP A CD1 1 
ATOM   881  C  CD2 . TRP A 1 106 ? -3.039  -5.415  -11.321 1.00 9.89  ? 106 TRP A CD2 1 
ATOM   882  N  NE1 . TRP A 1 106 ? -3.536  -6.542  -9.443  1.00 10.07 ? 106 TRP A NE1 1 
ATOM   883  C  CE2 . TRP A 1 106 ? -2.524  -6.276  -10.325 1.00 9.24  ? 106 TRP A CE2 1 
ATOM   884  C  CE3 . TRP A 1 106 ? -2.198  -4.987  -12.351 1.00 9.05  ? 106 TRP A CE3 1 
ATOM   885  C  CZ2 . TRP A 1 106 ? -1.195  -6.727  -10.331 1.00 10.64 ? 106 TRP A CZ2 1 
ATOM   886  C  CZ3 . TRP A 1 106 ? -0.867  -5.440  -12.360 1.00 13.01 ? 106 TRP A CZ3 1 
ATOM   887  C  CH2 . TRP A 1 106 ? -0.386  -6.297  -11.356 1.00 12.77 ? 106 TRP A CH2 1 
ATOM   888  N  N   . GLY A 1 107 ? -5.312  -1.036  -12.727 1.00 3.86  ? 107 GLY A N   1 
ATOM   889  C  CA  . GLY A 1 107 ? -5.957  -0.056  -13.587 1.00 4.83  ? 107 GLY A CA  1 
ATOM   890  C  C   . GLY A 1 107 ? -4.896  0.770   -14.275 1.00 5.78  ? 107 GLY A C   1 
ATOM   891  O  O   . GLY A 1 107 ? -3.819  0.268   -14.561 1.00 7.82  ? 107 GLY A O   1 
ATOM   892  N  N   . TYR A 1 108 ? -5.199  2.026   -14.563 1.00 3.58  ? 108 TYR A N   1 
ATOM   893  C  CA  . TYR A 1 108 ? -4.218  2.878   -15.216 1.00 4.80  ? 108 TYR A CA  1 
ATOM   894  C  C   . TYR A 1 108 ? -4.396  4.346   -14.832 1.00 5.80  ? 108 TYR A C   1 
ATOM   895  O  O   . TYR A 1 108 ? -5.482  4.811   -14.457 1.00 5.15  ? 108 TYR A O   1 
ATOM   896  C  CB  . TYR A 1 108 ? -4.329  2.777   -16.755 1.00 5.54  ? 108 TYR A CB  1 
ATOM   897  C  CG  . TYR A 1 108 ? -5.707  3.099   -17.269 1.00 6.52  ? 108 TYR A CG  1 
ATOM   898  C  CD1 . TYR A 1 108 ? -6.699  2.109   -17.311 1.00 2.00  ? 108 TYR A CD1 1 
ATOM   899  C  CD2 . TYR A 1 108 ? -6.040  4.408   -17.651 1.00 3.09  ? 108 TYR A CD2 1 
ATOM   900  C  CE1 . TYR A 1 108 ? -8.016  2.414   -17.723 1.00 5.86  ? 108 TYR A CE1 1 
ATOM   901  C  CE2 . TYR A 1 108 ? -7.344  4.722   -18.063 1.00 6.98  ? 108 TYR A CE2 1 
ATOM   902  C  CZ  . TYR A 1 108 ? -8.319  3.724   -18.100 1.00 5.32  ? 108 TYR A CZ  1 
ATOM   903  O  OH  . TYR A 1 108 ? -9.592  4.025   -18.548 1.00 7.66  ? 108 TYR A OH  1 
ATOM   904  N  N   . ARG A 1 109 ? -3.303  5.079   -14.914 1.00 5.86  ? 109 ARG A N   1 
ATOM   905  C  CA  . ARG A 1 109 ? -3.358  6.509   -14.646 1.00 5.71  ? 109 ARG A CA  1 
ATOM   906  C  C   . ARG A 1 109 ? -3.840  7.196   -15.930 1.00 4.01  ? 109 ARG A C   1 
ATOM   907  O  O   . ARG A 1 109 ? -3.492  6.771   -17.027 1.00 7.36  ? 109 ARG A O   1 
ATOM   908  C  CB  . ARG A 1 109 ? -1.973  7.008   -14.302 1.00 6.44  ? 109 ARG A CB  1 
ATOM   909  C  CG  . ARG A 1 109 ? -1.479  6.466   -12.965 1.00 5.72  ? 109 ARG A CG  1 
ATOM   910  C  CD  . ARG A 1 109 ? -0.039  6.934   -12.712 1.00 8.01  ? 109 ARG A CD  1 
ATOM   911  N  NE  . ARG A 1 109 ? 0.503   6.151   -11.592 1.00 8.12  ? 109 ARG A NE  1 
ATOM   912  C  CZ  . ARG A 1 109 ? 0.768   6.622   -10.383 1.00 8.64  ? 109 ARG A CZ  1 
ATOM   913  N  NH1 . ARG A 1 109 ? 1.228   5.790   -9.463  1.00 11.09 ? 109 ARG A NH1 1 
ATOM   914  N  NH2 . ARG A 1 109 ? 0.599   7.905   -10.077 1.00 17.18 ? 109 ARG A NH2 1 
ATOM   915  N  N   . THR A 1 110 ? -4.630  8.261   -15.798 1.00 6.37  ? 110 THR A N   1 
ATOM   916  C  CA  . THR A 1 110 ? -5.113  8.949   -16.997 1.00 8.06  ? 110 THR A CA  1 
ATOM   917  C  C   . THR A 1 110 ? -3.930  9.560   -17.760 1.00 9.34  ? 110 THR A C   1 
ATOM   918  O  O   . THR A 1 110 ? -4.023  9.788   -18.966 1.00 8.12  ? 110 THR A O   1 
ATOM   919  C  CB  . THR A 1 110 ? -6.149  10.031  -16.645 1.00 9.71  ? 110 THR A CB  1 
ATOM   920  O  OG1 . THR A 1 110 ? -5.573  11.004  -15.779 1.00 9.59  ? 110 THR A OG1 1 
ATOM   921  C  CG2 . THR A 1 110 ? -7.327  9.421   -15.926 1.00 9.70  ? 110 THR A CG2 1 
ATOM   922  N  N   . SER A 1 111 ? -2.814  9.792   -17.070 1.00 8.48  ? 111 SER A N   1 
ATOM   923  C  CA  . SER A 1 111 ? -1.633  10.331  -17.739 1.00 9.89  ? 111 SER A CA  1 
ATOM   924  C  C   . SER A 1 111 ? -0.769  9.253   -18.432 1.00 8.82  ? 111 SER A C   1 
ATOM   925  O  O   . SER A 1 111 ? 0.161   9.583   -19.182 1.00 9.59  ? 111 SER A O   1 
ATOM   926  C  CB  . SER A 1 111 ? -0.768  11.128  -16.751 1.00 11.25 ? 111 SER A CB  1 
ATOM   927  O  OG  . SER A 1 111 ? -0.391  10.344  -15.643 1.00 14.79 ? 111 SER A OG  1 
ATOM   928  N  N   . SER A 1 112 ? -1.068  7.980   -18.201 1.00 7.10  ? 112 SER A N   1 
ATOM   929  C  CA  . SER A 1 112 ? -0.336  6.881   -18.872 1.00 7.51  ? 112 SER A CA  1 
ATOM   930  C  C   . SER A 1 112 ? -1.362  5.769   -19.086 1.00 8.51  ? 112 SER A C   1 
ATOM   931  O  O   . SER A 1 112 ? -1.242  4.635   -18.554 1.00 6.71  ? 112 SER A O   1 
ATOM   932  C  CB  . SER A 1 112 ? 0.838   6.387   -18.021 1.00 8.99  ? 112 SER A CB  1 
ATOM   933  O  OG  . SER A 1 112 ? 0.447   5.991   -16.715 1.00 11.13 ? 112 SER A OG  1 
ATOM   934  N  N   . PRO A 1 113 ? -2.397  6.069   -19.883 1.00 6.46  ? 113 PRO A N   1 
ATOM   935  C  CA  . PRO A 1 113 ? -3.450  5.082   -20.130 1.00 6.31  ? 113 PRO A CA  1 
ATOM   936  C  C   . PRO A 1 113 ? -3.077  3.804   -20.878 1.00 7.15  ? 113 PRO A C   1 
ATOM   937  O  O   . PRO A 1 113 ? -3.869  2.872   -20.922 1.00 10.44 ? 113 PRO A O   1 
ATOM   938  C  CB  . PRO A 1 113 ? -4.526  5.908   -20.831 1.00 6.82  ? 113 PRO A CB  1 
ATOM   939  C  CG  . PRO A 1 113 ? -3.725  6.863   -21.614 1.00 8.24  ? 113 PRO A CG  1 
ATOM   940  C  CD  . PRO A 1 113 ? -2.644  7.297   -20.671 1.00 6.24  ? 113 PRO A CD  1 
ATOM   941  N  N   . GLN A 1 114 ? -1.869  3.756   -21.415 1.00 8.72  ? 114 GLN A N   1 
ATOM   942  C  CA  . GLN A 1 114 ? -1.405  2.571   -22.110 1.00 9.83  ? 114 GLN A CA  1 
ATOM   943  C  C   . GLN A 1 114 ? -0.703  1.599   -21.164 1.00 8.38  ? 114 GLN A C   1 
ATOM   944  O  O   . GLN A 1 114 ? -0.261  0.531   -21.591 1.00 12.18 ? 114 GLN A O   1 
ATOM   945  C  CB  . GLN A 1 114 ? -0.445  2.981   -23.225 1.00 12.48 ? 114 GLN A CB  1 
ATOM   946  C  CG  . GLN A 1 114 ? 0.876   3.624   -22.737 1.00 13.75 ? 114 GLN A CG  1 
ATOM   947  C  CD  . GLN A 1 114 ? 0.752   5.051   -22.119 1.00 17.77 ? 114 GLN A CD  1 
ATOM   948  O  OE1 . GLN A 1 114 ? 1.732   5.599   -21.641 1.00 25.83 ? 114 GLN A OE1 1 
ATOM   949  N  NE2 . GLN A 1 114 ? -0.415  5.629   -22.157 1.00 19.91 ? 114 GLN A NE2 1 
ATOM   950  N  N   . GLN A 1 115 ? -0.603  1.967   -19.889 1.00 8.13  ? 115 GLN A N   1 
ATOM   951  C  CA  . GLN A 1 115 ? 0.110   1.132   -18.907 1.00 9.48  ? 115 GLN A CA  1 
ATOM   952  C  C   . GLN A 1 115 ? -0.776  0.620   -17.782 1.00 9.35  ? 115 GLN A C   1 
ATOM   953  O  O   . GLN A 1 115 ? -1.142  1.388   -16.886 1.00 8.88  ? 115 GLN A O   1 
ATOM   954  C  CB  . GLN A 1 115 ? 1.260   1.956   -18.286 1.00 7.94  ? 115 GLN A CB  1 
ATOM   955  C  CG  . GLN A 1 115 ? 2.126   2.703   -19.309 1.00 10.12 ? 115 GLN A CG  1 
ATOM   956  C  CD  . GLN A 1 115 ? 3.332   3.400   -18.703 1.00 11.04 ? 115 GLN A CD  1 
ATOM   957  O  OE1 . GLN A 1 115 ? 3.421   3.578   -17.495 1.00 12.09 ? 115 GLN A OE1 1 
ATOM   958  N  NE2 . GLN A 1 115 ? 4.251   3.822   -19.553 1.00 15.11 ? 115 GLN A NE2 1 
ATOM   959  N  N   A GLU A 1 116 ? -1.107  -0.661  -17.813 0.70 9.57  ? 116 GLU A N   1 
ATOM   960  N  N   B GLU A 1 116 ? -1.159  -0.662  -17.816 0.30 9.49  ? 116 GLU A N   1 
ATOM   961  C  CA  A GLU A 1 116 ? -1.928  -1.188  -16.750 0.70 10.87 ? 116 GLU A CA  1 
ATOM   962  C  CA  B GLU A 1 116 ? -2.000  -1.216  -16.743 0.30 10.06 ? 116 GLU A CA  1 
ATOM   963  C  C   A GLU A 1 116 ? -0.960  -1.345  -15.586 0.70 12.10 ? 116 GLU A C   1 
ATOM   964  C  C   B GLU A 1 116 ? -1.071  -1.532  -15.579 0.30 10.34 ? 116 GLU A C   1 
ATOM   965  O  O   A GLU A 1 116 ? 0.230   -1.623  -15.776 0.70 15.33 ? 116 GLU A O   1 
ATOM   966  O  O   B GLU A 1 116 ? -0.049  -2.197  -15.769 0.30 11.67 ? 116 GLU A O   1 
ATOM   967  C  CB  A GLU A 1 116 ? -2.546  -2.532  -17.178 0.70 15.16 ? 116 GLU A CB  1 
ATOM   968  C  CB  B GLU A 1 116 ? -2.749  -2.489  -17.184 0.30 11.88 ? 116 GLU A CB  1 
ATOM   969  C  CG  A GLU A 1 116 ? -3.473  -3.199  -16.154 0.70 18.55 ? 116 GLU A CG  1 
ATOM   970  C  CG  B GLU A 1 116 ? -3.539  -3.136  -16.028 0.30 13.90 ? 116 GLU A CG  1 
ATOM   971  C  CD  A GLU A 1 116 ? -4.833  -2.520  -15.973 0.70 19.35 ? 116 GLU A CD  1 
ATOM   972  C  CD  B GLU A 1 116 ? -4.428  -4.308  -16.441 0.30 14.48 ? 116 GLU A CD  1 
ATOM   973  O  OE1 A GLU A 1 116 ? -5.196  -1.607  -16.745 0.70 19.25 ? 116 GLU A OE1 1 
ATOM   974  O  OE1 B GLU A 1 116 ? -5.439  -4.079  -17.137 0.30 15.30 ? 116 GLU A OE1 1 
ATOM   975  O  OE2 A GLU A 1 116 ? -5.557  -2.929  -15.041 0.70 21.68 ? 116 GLU A OE2 1 
ATOM   976  O  OE2 B GLU A 1 116 ? -4.123  -5.459  -16.060 0.30 14.49 ? 116 GLU A OE2 1 
ATOM   977  N  N   . GLU A 1 117 ? -1.443  -1.082  -14.381 1.00 9.25  ? 117 GLU A N   1 
ATOM   978  C  CA  . GLU A 1 117 ? -0.605  -1.224  -13.216 1.00 10.05 ? 117 GLU A CA  1 
ATOM   979  C  C   . GLU A 1 117 ? -1.375  -1.400  -11.939 1.00 10.37 ? 117 GLU A C   1 
ATOM   980  O  O   . GLU A 1 117 ? -2.593  -1.222  -11.913 1.00 8.44  ? 117 GLU A O   1 
ATOM   981  C  CB  . GLU A 1 117 ? 0.258   -0.012  -13.102 1.00 13.56 ? 117 GLU A CB  1 
ATOM   982  C  CG  . GLU A 1 117 ? -0.538  1.243   -13.169 1.00 12.65 ? 117 GLU A CG  1 
ATOM   983  C  CD  . GLU A 1 117 ? 0.120   2.300   -12.374 1.00 18.84 ? 117 GLU A CD  1 
ATOM   984  O  OE1 . GLU A 1 117 ? 0.306   3.429   -12.877 1.00 15.09 ? 117 GLU A OE1 1 
ATOM   985  O  OE2 . GLU A 1 117 ? 0.449   1.964   -11.235 1.00 20.37 ? 117 GLU A OE2 1 
ATOM   986  N  N   . ALA A 1 118 ? -0.665  -1.722  -10.863 1.00 6.06  ? 118 ALA A N   1 
ATOM   987  C  CA  . ALA A 1 118 ? -1.380  -1.966  -9.616  1.00 6.14  ? 118 ALA A CA  1 
ATOM   988  C  C   . ALA A 1 118 ? -1.027  -1.023  -8.496  1.00 6.11  ? 118 ALA A C   1 
ATOM   989  O  O   . ALA A 1 118 ? 0.154   -0.774  -8.274  1.00 7.50  ? 118 ALA A O   1 
ATOM   990  C  CB  . ALA A 1 118 ? -1.102  -3.374  -9.158  1.00 7.20  ? 118 ALA A CB  1 
ATOM   991  N  N   . LEU A 1 119 ? -2.050  -0.524  -7.794  1.00 4.66  ? 119 LEU A N   1 
ATOM   992  C  CA  . LEU A 1 119 ? -1.854  0.346   -6.619  1.00 4.57  ? 119 LEU A CA  1 
ATOM   993  C  C   . LEU A 1 119 ? -2.658  -0.177  -5.442  1.00 4.55  ? 119 LEU A C   1 
ATOM   994  O  O   . LEU A 1 119 ? -3.758  -0.717  -5.612  1.00 5.93  ? 119 LEU A O   1 
ATOM   995  C  CB  . LEU A 1 119 ? -2.344  1.776   -6.874  1.00 6.29  ? 119 LEU A CB  1 
ATOM   996  C  CG  . LEU A 1 119 ? -1.576  2.606   -7.899  1.00 7.80  ? 119 LEU A CG  1 
ATOM   997  C  CD1 . LEU A 1 119 ? -2.340  3.911   -8.167  1.00 9.90  ? 119 LEU A CD1 1 
ATOM   998  C  CD2 . LEU A 1 119 ? -0.189  2.898   -7.359  1.00 11.13 ? 119 LEU A CD2 1 
ATOM   999  N  N   A PRO A 1 120 ? -2.126  -0.044  -4.217  0.40 4.59  ? 120 PRO A N   1 
ATOM   1000 N  N   B PRO A 1 120 ? -2.130  -0.024  -4.212  0.60 6.10  ? 120 PRO A N   1 
ATOM   1001 C  CA  A PRO A 1 120 ? -2.884  -0.529  -3.055  0.40 4.31  ? 120 PRO A CA  1 
ATOM   1002 C  CA  B PRO A 1 120 ? -2.884  -0.505  -3.043  0.60 5.83  ? 120 PRO A CA  1 
ATOM   1003 C  C   A PRO A 1 120 ? -4.129  0.350   -2.897  0.40 5.11  ? 120 PRO A C   1 
ATOM   1004 C  C   B PRO A 1 120 ? -4.141  0.354   -2.914  0.60 6.29  ? 120 PRO A C   1 
ATOM   1005 O  O   A PRO A 1 120 ? -4.062  1.551   -3.129  0.40 5.53  ? 120 PRO A O   1 
ATOM   1006 O  O   B PRO A 1 120 ? -4.095  1.549   -3.181  0.60 6.56  ? 120 PRO A O   1 
ATOM   1007 C  CB  A PRO A 1 120 ? -1.895  -0.366  -1.911  0.40 4.19  ? 120 PRO A CB  1 
ATOM   1008 C  CB  B PRO A 1 120 ? -1.934  -0.258  -1.882  0.60 6.59  ? 120 PRO A CB  1 
ATOM   1009 C  CG  A PRO A 1 120 ? -1.044  0.809   -2.361  0.40 2.43  ? 120 PRO A CG  1 
ATOM   1010 C  CG  B PRO A 1 120 ? -0.561  -0.242  -2.523  0.60 8.13  ? 120 PRO A CG  1 
ATOM   1011 C  CD  A PRO A 1 120 ? -0.829  0.529   -3.819  0.40 4.04  ? 120 PRO A CD  1 
ATOM   1012 C  CD  B PRO A 1 120 ? -0.813  0.501   -3.814  0.60 6.32  ? 120 PRO A CD  1 
ATOM   1013 N  N   . ILE A 1 121 ? -5.265  -0.230  -2.510  1.00 4.71  ? 121 ILE A N   1 
ATOM   1014 C  CA  . ILE A 1 121 ? -6.477  0.571   -2.408  1.00 5.22  ? 121 ILE A CA  1 
ATOM   1015 C  C   . ILE A 1 121 ? -6.386  1.724   -1.412  1.00 4.63  ? 121 ILE A C   1 
ATOM   1016 O  O   . ILE A 1 121 ? -7.139  2.678   -1.498  1.00 6.15  ? 121 ILE A O   1 
ATOM   1017 C  CB  . ILE A 1 121 ? -7.736  -0.292  -2.134  1.00 5.77  ? 121 ILE A CB  1 
ATOM   1018 C  CG1 . ILE A 1 121 ? -7.537  -1.164  -0.900  1.00 7.96  ? 121 ILE A CG1 1 
ATOM   1019 C  CG2 . ILE A 1 121 ? -8.023  -1.166  -3.350  1.00 8.17  ? 121 ILE A CG2 1 
ATOM   1020 C  CD1 . ILE A 1 121 ? -8.774  -2.011  -0.551  1.00 8.40  ? 121 ILE A CD1 1 
ATOM   1021 N  N   . SER A 1 122 ? -5.429  1.658   -0.491  1.00 6.11  ? 122 SER A N   1 
ATOM   1022 C  CA  . SER A 1 122 ? -5.255  2.713   0.491   1.00 6.16  ? 122 SER A CA  1 
ATOM   1023 C  C   . SER A 1 122 ? -4.778  4.050   -0.092  1.00 9.76  ? 122 SER A C   1 
ATOM   1024 O  O   . SER A 1 122 ? -4.847  5.060   0.601   1.00 12.47 ? 122 SER A O   1 
ATOM   1025 C  CB  . SER A 1 122 ? -4.265  2.275   1.575   1.00 6.82  ? 122 SER A CB  1 
ATOM   1026 O  OG  . SER A 1 122 ? -3.124  1.722   0.962   1.00 7.53  ? 122 SER A OG  1 
ATOM   1027 N  N   . VAL A 1 123 ? -4.290  4.064   -1.332  1.00 7.95  ? 123 VAL A N   1 
ATOM   1028 C  CA  . VAL A 1 123 ? -3.829  5.327   -1.912  1.00 7.09  ? 123 VAL A CA  1 
ATOM   1029 C  C   . VAL A 1 123 ? -4.867  5.947   -2.838  1.00 7.51  ? 123 VAL A C   1 
ATOM   1030 O  O   . VAL A 1 123 ? -4.626  6.994   -3.415  1.00 9.96  ? 123 VAL A O   1 
ATOM   1031 C  CB  . VAL A 1 123 ? -2.461  5.190   -2.692  1.00 6.79  ? 123 VAL A CB  1 
ATOM   1032 C  CG1 . VAL A 1 123 ? -1.425  4.480   -1.825  1.00 10.05 ? 123 VAL A CG1 1 
ATOM   1033 C  CG2 . VAL A 1 123 ? -2.629  4.439   -3.988  1.00 10.08 ? 123 VAL A CG2 1 
ATOM   1034 N  N   . LEU A 1 124 ? -6.032  5.311   -2.970  1.00 8.01  ? 124 LEU A N   1 
ATOM   1035 C  CA  . LEU A 1 124 ? -7.078  5.852   -3.836  1.00 7.97  ? 124 LEU A CA  1 
ATOM   1036 C  C   . LEU A 1 124 ? -8.062  6.710   -3.056  1.00 10.72 ? 124 LEU A C   1 
ATOM   1037 O  O   . LEU A 1 124 ? -8.724  6.238   -2.132  1.00 12.87 ? 124 LEU A O   1 
ATOM   1038 C  CB  . LEU A 1 124 ? -7.824  4.722   -4.536  1.00 10.23 ? 124 LEU A CB  1 
ATOM   1039 C  CG  . LEU A 1 124 ? -6.930  3.848   -5.413  1.00 10.31 ? 124 LEU A CG  1 
ATOM   1040 C  CD1 . LEU A 1 124 ? -7.832  2.811   -6.092  1.00 12.02 ? 124 LEU A CD1 1 
ATOM   1041 C  CD2 . LEU A 1 124 ? -6.191  4.672   -6.481  1.00 12.19 ? 124 LEU A CD2 1 
ATOM   1042 N  N   . GLN A 1 125 ? -8.143  7.988   -3.426  1.00 13.69 ? 125 GLN A N   1 
ATOM   1043 C  CA  . GLN A 1 125 ? -9.050  8.901   -2.742  1.00 17.14 ? 125 GLN A CA  1 
ATOM   1044 C  C   . GLN A 1 125 ? -10.202 9.261   -3.669  1.00 19.00 ? 125 GLN A C   1 
ATOM   1045 O  O   . GLN A 1 125 ? -10.003 9.505   -4.851  1.00 16.43 ? 125 GLN A O   1 
ATOM   1046 C  CB  . GLN A 1 125 ? -8.306  10.173  -2.334  1.00 19.93 ? 125 GLN A CB  1 
ATOM   1047 C  CG  . GLN A 1 125 ? -7.092  9.920   -1.433  1.00 28.41 ? 125 GLN A CG  1 
ATOM   1048 C  CD  . GLN A 1 125 ? -7.392  8.998   -0.251  1.00 33.10 ? 125 GLN A CD  1 
ATOM   1049 O  OE1 . GLN A 1 125 ? -8.355  9.207   0.499   1.00 36.52 ? 125 GLN A OE1 1 
ATOM   1050 N  NE2 . GLN A 1 125 ? -6.554  7.969   -0.076  1.00 34.18 ? 125 GLN A NE2 1 
ATOM   1051 N  N   . GLU A 1 126 ? -11.414 9.282   -3.145  1.00 23.52 ? 126 GLU A N   1 
ATOM   1052 C  CA  . GLU A 1 126 ? -12.538 9.646   -3.997  1.00 29.74 ? 126 GLU A CA  1 
ATOM   1053 C  C   . GLU A 1 126 ? -12.343 11.096  -4.440  1.00 32.83 ? 126 GLU A C   1 
ATOM   1054 O  O   . GLU A 1 126 ? -11.853 11.928  -3.677  1.00 33.28 ? 126 GLU A O   1 
ATOM   1055 C  CB  . GLU A 1 126 ? -13.865 9.447   -3.257  1.00 32.43 ? 126 GLU A CB  1 
ATOM   1056 C  CG  . GLU A 1 126 ? -14.394 8.026   -3.417  1.00 37.67 ? 126 GLU A CG  1 
ATOM   1057 C  CD  . GLU A 1 126 ? -15.710 7.761   -2.702  1.00 40.88 ? 126 GLU A CD  1 
ATOM   1058 O  OE1 . GLU A 1 126 ? -16.315 6.704   -2.987  1.00 43.55 ? 126 GLU A OE1 1 
ATOM   1059 O  OE2 . GLU A 1 126 ? -16.138 8.583   -1.860  1.00 42.92 ? 126 GLU A OE2 1 
ATOM   1060 N  N   . LYS A 1 127 ? -12.685 11.367  -5.698  1.00 36.00 ? 127 LYS A N   1 
ATOM   1061 C  CA  . LYS A 1 127 ? -12.549 12.696  -6.291  1.00 39.49 ? 127 LYS A CA  1 
ATOM   1062 C  C   . LYS A 1 127 ? -13.285 13.778  -5.514  1.00 41.29 ? 127 LYS A C   1 
ATOM   1063 O  O   . LYS A 1 127 ? -14.305 13.512  -4.877  1.00 42.66 ? 127 LYS A O   1 
ATOM   1064 C  CB  . LYS A 1 127 ? -13.080 12.681  -7.726  1.00 40.12 ? 127 LYS A CB  1 
ATOM   1065 C  CG  . LYS A 1 127 ? -12.273 11.845  -8.703  1.00 41.08 ? 127 LYS A CG  1 
ATOM   1066 C  CD  . LYS A 1 127 ? -10.989 12.552  -9.088  1.00 41.35 ? 127 LYS A CD  1 
ATOM   1067 C  CE  . LYS A 1 127 ? -11.283 13.930  -9.661  1.00 42.50 ? 127 LYS A CE  1 
ATOM   1068 N  NZ  . LYS A 1 127 ? -10.047 14.631  -10.087 1.00 44.24 ? 127 LYS A NZ  1 
ATOM   1069 N  N   . GLU A 1 128 ? -12.766 15.000  -5.591  1.00 43.63 ? 128 GLU A N   1 
ATOM   1070 C  CA  . GLU A 1 128 ? -13.370 16.151  -4.922  1.00 45.00 ? 128 GLU A CA  1 
ATOM   1071 C  C   . GLU A 1 128 ? -13.873 17.108  -6.011  1.00 45.40 ? 128 GLU A C   1 
ATOM   1072 O  O   . GLU A 1 128 ? -14.188 18.278  -5.704  1.00 46.64 ? 128 GLU A O   1 
ATOM   1073 C  CB  . GLU A 1 128 ? -12.326 16.859  -4.052  1.00 45.83 ? 128 GLU A CB  1 
ATOM   1074 C  CG  . GLU A 1 128 ? -12.907 17.734  -2.954  1.00 47.44 ? 128 GLU A CG  1 
ATOM   1075 C  CD  . GLU A 1 128 ? -11.929 18.788  -2.446  1.00 48.89 ? 128 GLU A CD  1 
ATOM   1076 O  OE1 . GLU A 1 128 ? -12.249 19.445  -1.431  1.00 49.26 ? 128 GLU A OE1 1 
ATOM   1077 O  OE2 . GLU A 1 128 ? -10.850 18.970  -3.058  1.00 48.88 ? 128 GLU A OE2 1 
ATOM   1078 O  OXT . GLU A 1 128 ? -13.945 16.674  -7.180  1.00 46.61 ? 128 GLU A OXT 1 
HETATM 1079 PT PT  B PT  B 2 .   ? 3.178   -5.290  3.423   0.20 9.75  ? 129 PT  A PT  1 
HETATM 1080 CL CL  B CL  C 3 .   ? 1.020   -5.832  4.220   0.20 12.78 ? 130 CL  A CL  1 
HETATM 1081 O  O   B HOH D 4 .   ? 5.142   -4.742  2.473   0.20 19.22 ? 131 HOH A O   1 
HETATM 1082 O  O   B HOH D 4 .   ? 2.612   -4.910  1.225   0.20 3.58  ? 132 HOH A O   1 
HETATM 1083 O  O   . HOH D 4 .   ? -0.721  3.850   -15.518 1.00 8.69  ? 133 HOH A O   1 
HETATM 1084 O  O   . HOH D 4 .   ? -14.351 6.863   -14.338 1.00 8.14  ? 134 HOH A O   1 
HETATM 1085 O  O   . HOH D 4 .   ? -10.146 6.579   -17.654 1.00 8.57  ? 135 HOH A O   1 
HETATM 1086 O  O   . HOH D 4 .   ? -13.531 -5.416  -14.338 1.00 10.55 ? 136 HOH A O   1 
HETATM 1087 O  O   . HOH D 4 .   ? 7.435   -15.405 1.637   1.00 10.91 ? 137 HOH A O   1 
HETATM 1088 O  O   . HOH D 4 .   ? -10.146 -0.651  -17.580 1.00 13.54 ? 138 HOH A O   1 
HETATM 1089 O  O   . HOH D 4 .   ? -8.614  -4.907  2.358   1.00 14.77 ? 139 HOH A O   1 
HETATM 1090 O  O   . HOH D 4 .   ? -3.382  -8.439  -1.890  1.00 17.15 ? 140 HOH A O   1 
HETATM 1091 O  O   . HOH D 4 .   ? 5.097   -16.153 2.913   1.00 14.40 ? 141 HOH A O   1 
HETATM 1092 O  O   . HOH D 4 .   ? 8.573   -1.787  2.996   1.00 17.43 ? 142 HOH A O   1 
HETATM 1093 O  O   . HOH D 4 .   ? 2.952   0.382   -0.051  1.00 13.47 ? 143 HOH A O   1 
HETATM 1094 O  O   . HOH D 4 .   ? 12.094  -1.596  0.457   1.00 20.51 ? 144 HOH A O   1 
HETATM 1095 O  O   . HOH D 4 .   ? -8.517  4.562   -0.011  1.00 14.48 ? 145 HOH A O   1 
HETATM 1096 O  O   . HOH D 4 .   ? -3.432  2.798   14.478  1.00 21.12 ? 146 HOH A O   1 
HETATM 1097 O  O   A HOH D 4 .   ? -8.211  -7.601  2.806   0.70 10.23 ? 147 HOH A O   1 
HETATM 1098 O  O   B HOH D 4 .   ? -7.220  -9.372  2.987   0.30 13.11 ? 147 HOH A O   1 
HETATM 1099 O  O   . HOH D 4 .   ? -9.326  3.309   -21.205 1.00 14.36 ? 148 HOH A O   1 
HETATM 1100 O  O   . HOH D 4 .   ? -13.431 0.684   2.764   1.00 22.88 ? 149 HOH A O   1 
HETATM 1101 O  O   . HOH D 4 .   ? 8.046   -9.756  6.007   1.00 16.87 ? 150 HOH A O   1 
HETATM 1102 O  O   . HOH D 4 .   ? -7.059  2.302   6.346   1.00 20.57 ? 151 HOH A O   1 
HETATM 1103 O  O   . HOH D 4 .   ? 0.451   8.308   0.050   1.00 21.08 ? 152 HOH A O   1 
HETATM 1104 O  O   . HOH D 4 .   ? -3.087  10.993  -14.026 1.00 16.10 ? 153 HOH A O   1 
HETATM 1105 O  O   . HOH D 4 .   ? -18.087 -1.597  -11.568 1.00 18.80 ? 154 HOH A O   1 
HETATM 1106 O  O   . HOH D 4 .   ? -15.368 4.137   -4.271  1.00 29.98 ? 155 HOH A O   1 
HETATM 1107 O  O   . HOH D 4 .   ? 3.632   8.005   9.406   1.00 28.66 ? 156 HOH A O   1 
HETATM 1108 O  O   . HOH D 4 .   ? -13.870 9.121   -7.234  1.00 26.91 ? 157 HOH A O   1 
HETATM 1109 O  O   . HOH D 4 .   ? -7.887  -8.757  17.908  1.00 27.97 ? 158 HOH A O   1 
HETATM 1110 O  O   . HOH D 4 .   ? 1.630   8.789   -15.618 1.00 28.03 ? 159 HOH A O   1 
HETATM 1111 O  O   . HOH D 4 .   ? -12.681 3.153   1.839   1.00 25.53 ? 160 HOH A O   1 
HETATM 1112 O  O   . HOH D 4 .   ? -11.031 -6.227  15.724  1.00 21.89 ? 161 HOH A O   1 
HETATM 1113 O  O   . HOH D 4 .   ? 2.217   5.783   4.144   1.00 23.36 ? 162 HOH A O   1 
HETATM 1114 O  O   . HOH D 4 .   ? 6.105   -10.611 8.104   1.00 25.10 ? 163 HOH A O   1 
HETATM 1115 O  O   . HOH D 4 .   ? -11.791 2.148   -18.431 1.00 21.00 ? 164 HOH A O   1 
HETATM 1116 O  O   . HOH D 4 .   ? 2.981   5.339   -15.560 1.00 18.82 ? 165 HOH A O   1 
HETATM 1117 O  O   . HOH D 4 .   ? -0.707  -6.339  15.714  1.00 28.05 ? 166 HOH A O   1 
HETATM 1118 O  O   A HOH D 4 .   ? 13.257  13.904  7.710   0.60 18.74 ? 167 HOH A O   1 
HETATM 1119 O  O   B HOH D 4 .   ? 12.403  14.963  6.423   0.40 24.17 ? 167 HOH A O   1 
HETATM 1120 O  O   . HOH D 4 .   ? 7.391   1.057   17.416  1.00 24.70 ? 168 HOH A O   1 
HETATM 1121 O  O   . HOH D 4 .   ? -6.822  -8.659  7.424   1.00 24.05 ? 169 HOH A O   1 
HETATM 1122 O  O   . HOH D 4 .   ? -8.218  -7.500  5.424   1.00 25.19 ? 170 HOH A O   1 
HETATM 1123 O  O   . HOH D 4 .   ? 15.456  -5.894  3.971   1.00 28.20 ? 171 HOH A O   1 
HETATM 1124 O  O   . HOH D 4 .   ? -8.862  -4.566  -3.894  1.00 17.91 ? 172 HOH A O   1 
HETATM 1125 O  O   . HOH D 4 .   ? 1.514   -14.055 0.662   1.00 31.29 ? 173 HOH A O   1 
HETATM 1126 O  O   . HOH D 4 .   ? -15.557 8.127   -12.433 1.00 22.05 ? 174 HOH A O   1 
HETATM 1127 O  O   . HOH D 4 .   ? -5.059  2.744   12.201  1.00 30.73 ? 175 HOH A O   1 
HETATM 1128 O  O   . HOH D 4 .   ? -0.206  6.039   4.790   1.00 28.62 ? 176 HOH A O   1 
HETATM 1129 O  O   A HOH D 4 .   ? -7.367  -8.131  -20.914 0.50 25.88 ? 177 HOH A O   1 
HETATM 1130 O  O   B HOH D 4 .   ? -7.915  -7.046  -19.176 0.50 20.55 ? 177 HOH A O   1 
HETATM 1131 O  O   A HOH D 4 .   ? 1.463   -7.947  -4.094  0.70 24.23 ? 178 HOH A O   1 
HETATM 1132 O  O   B HOH D 4 .   ? -2.703  -7.922  -14.339 0.30 18.07 ? 178 HOH A O   1 
HETATM 1133 O  O   . HOH D 4 .   ? 12.888  4.006   13.699  1.00 24.38 ? 179 HOH A O   1 
HETATM 1134 O  O   . HOH D 4 .   ? -1.335  -12.740 11.313  1.00 26.82 ? 180 HOH A O   1 
HETATM 1135 O  O   . HOH D 4 .   ? 16.786  -9.654  5.153   1.00 30.13 ? 181 HOH A O   1 
HETATM 1136 O  O   . HOH D 4 .   ? -2.123  5.512   2.616   1.00 37.13 ? 182 HOH A O   1 
HETATM 1137 O  O   . HOH D 4 .   ? -3.097  -8.190  -6.882  1.00 19.49 ? 183 HOH A O   1 
HETATM 1138 O  O   A HOH D 4 .   ? 20.001  12.208  12.372  0.70 20.71 ? 184 HOH A O   1 
HETATM 1139 O  O   . HOH D 4 .   ? -13.960 10.365  -10.926 1.00 21.33 ? 185 HOH A O   1 
HETATM 1140 O  O   A HOH D 4 .   ? 4.816   -2.265  0.348   0.40 27.71 ? 186 HOH A O   1 
HETATM 1141 O  O   B HOH D 4 .   ? -4.714  -5.273  -20.641 0.60 25.06 ? 186 HOH A O   1 
HETATM 1142 O  O   . HOH D 4 .   ? -3.471  -5.860  18.833  1.00 32.93 ? 187 HOH A O   1 
HETATM 1143 O  O   . HOH D 4 .   ? -9.439  -5.525  8.050   1.00 24.59 ? 188 HOH A O   1 
HETATM 1144 O  O   . HOH D 4 .   ? 6.142   -5.666  8.413   1.00 40.74 ? 189 HOH A O   1 
HETATM 1145 O  O   A HOH D 4 .   ? 3.227   10.365  -10.304 0.70 18.36 ? 190 HOH A O   1 
HETATM 1146 O  O   B HOH D 4 .   ? 2.482   11.441  -9.809  0.30 16.32 ? 190 HOH A O   1 
HETATM 1147 O  O   A HOH D 4 .   ? 1.853   -15.741 8.747   0.70 24.66 ? 191 HOH A O   1 
HETATM 1148 O  O   . HOH D 4 .   ? 0.242   -12.109 -1.425  1.00 44.22 ? 192 HOH A O   1 
HETATM 1149 O  O   . HOH D 4 .   ? -18.804 -1.621  -8.482  1.00 38.96 ? 193 HOH A O   1 
HETATM 1150 O  O   . HOH D 4 .   ? 8.319   8.218   17.888  1.00 32.95 ? 194 HOH A O   1 
HETATM 1151 O  O   . HOH D 4 .   ? -8.059  -0.915  17.733  1.00 28.52 ? 195 HOH A O   1 
HETATM 1152 O  O   . HOH D 4 .   ? 11.686  -4.393  4.372   1.00 30.95 ? 196 HOH A O   1 
HETATM 1153 O  O   . HOH D 4 .   ? 0.726   6.583   9.913   1.00 33.66 ? 197 HOH A O   1 
HETATM 1154 O  O   . HOH D 4 .   ? 2.354   13.971  -9.300  0.50 23.80 ? 198 HOH A O   1 
HETATM 1155 O  O   . HOH D 4 .   ? 0.395   6.223   2.084   0.50 27.85 ? 199 HOH A O   1 
HETATM 1156 O  O   . HOH D 4 .   ? -14.414 -4.922  5.894   1.00 33.83 ? 200 HOH A O   1 
HETATM 1157 O  O   . HOH D 4 .   ? -8.888  2.020   11.792  1.00 36.57 ? 201 HOH A O   1 
HETATM 1158 O  O   A HOH D 4 .   ? 11.666  2.109   17.465  0.30 24.00 ? 202 HOH A O   1 
HETATM 1159 O  O   B HOH D 4 .   ? 12.537  2.800   16.282  0.70 30.83 ? 202 HOH A O   1 
HETATM 1160 O  O   . HOH D 4 .   ? 1.447   17.874  -12.847 1.00 39.80 ? 203 HOH A O   1 
HETATM 1161 O  O   . HOH D 4 .   ? -3.242  12.399  2.799   0.50 35.49 ? 204 HOH A O   1 
HETATM 1162 O  O   . HOH D 4 .   ? 2.196   8.393   -20.708 1.00 26.10 ? 205 HOH A O   1 
HETATM 1163 O  O   . HOH D 4 .   ? -9.444  -7.742  9.216   1.00 28.13 ? 206 HOH A O   1 
HETATM 1164 O  O   A HOH D 4 .   ? 19.570  -9.027  1.367   0.60 22.84 ? 207 HOH A O   1 
HETATM 1165 O  O   B HOH D 4 .   ? 19.226  -9.556  0.244   0.40 21.11 ? 207 HOH A O   1 
HETATM 1166 O  O   . HOH D 4 .   ? 11.639  -1.628  8.558   1.00 35.58 ? 208 HOH A O   1 
HETATM 1167 O  O   . HOH D 4 .   ? -3.679  17.556  -7.597  1.00 48.72 ? 209 HOH A O   1 
HETATM 1168 O  O   A HOH D 4 .   ? 15.892  14.541  16.394  0.50 15.03 ? 210 HOH A O   1 
HETATM 1169 O  O   B HOH D 4 .   ? 14.729  15.815  15.856  0.50 17.97 ? 210 HOH A O   1 
HETATM 1170 O  O   . HOH D 4 .   ? -1.693  6.869   9.756   0.50 34.08 ? 211 HOH A O   1 
HETATM 1171 O  O   . HOH D 4 .   ? -3.759  -9.599  -11.550 1.00 24.35 ? 212 HOH A O   1 
HETATM 1172 O  O   A HOH D 4 .   ? -4.675  7.194   6.434   0.50 34.88 ? 213 HOH A O   1 
HETATM 1173 O  O   B HOH D 4 .   ? -5.592  6.774   7.222   0.50 30.78 ? 213 HOH A O   1 
HETATM 1174 O  O   . HOH D 4 .   ? -17.875 3.212   -5.597  1.00 41.70 ? 214 HOH A O   1 
HETATM 1175 O  O   . HOH D 4 .   ? 4.240   8.609   11.653  1.00 31.84 ? 215 HOH A O   1 
HETATM 1176 O  O   . HOH D 4 .   ? 6.841   -2.538  13.625  1.00 42.60 ? 216 HOH A O   1 
HETATM 1177 O  O   A HOH D 4 .   ? -19.247 -3.336  -4.567  0.50 31.23 ? 217 HOH A O   1 
HETATM 1178 O  O   . HOH D 4 .   ? -4.251  7.905   4.044   0.50 28.14 ? 218 HOH A O   1 
HETATM 1179 O  O   . HOH D 4 .   ? -4.106  -0.231  19.003  1.00 46.68 ? 219 HOH A O   1 
HETATM 1180 O  O   . HOH D 4 .   ? -3.909  -12.203 -4.664  0.50 31.44 ? 220 HOH A O   1 
HETATM 1181 O  O   . HOH D 4 .   ? -1.279  9.125   4.331   1.00 47.40 ? 221 HOH A O   1 
HETATM 1182 O  O   A HOH D 4 .   ? 1.984   -5.633  15.457  0.80 26.78 ? 222 HOH A O   1 
HETATM 1183 O  O   . HOH D 4 .   ? 23.590  -10.979 -8.218  0.50 31.79 ? 223 HOH A O   1 
HETATM 1184 O  O   . HOH D 4 .   ? -11.164 -3.062  8.915   0.50 28.12 ? 224 HOH A O   1 
HETATM 1185 O  O   A HOH D 4 .   ? -10.231 -9.837  8.168   0.50 31.43 ? 225 HOH A O   1 
HETATM 1186 O  O   B HOH D 4 .   ? -8.676  -11.221 8.043   0.50 26.86 ? 225 HOH A O   1 
HETATM 1187 O  O   . HOH D 4 .   ? 1.726   -21.186 7.446   1.00 22.57 ? 226 HOH A O   1 
HETATM 1188 O  O   . HOH D 4 .   ? -11.526 9.332   0.134   0.50 23.39 ? 227 HOH A O   1 
HETATM 1189 O  O   . HOH D 4 .   ? -1.475  -13.774 1.382   0.50 28.85 ? 228 HOH A O   1 
HETATM 1190 O  O   A HOH D 4 .   ? -5.776  -13.141 14.147  0.50 31.52 ? 229 HOH A O   1 
HETATM 1191 O  O   . HOH D 4 .   ? 6.900   -16.583 -0.874  1.00 27.49 ? 230 HOH A O   1 
HETATM 1192 O  O   . HOH D 4 .   ? 9.759   -1.728  0.595   1.00 30.78 ? 231 HOH A O   1 
HETATM 1193 O  O   . HOH D 4 .   ? 14.581  -1.880  1.430   1.00 28.47 ? 232 HOH A O   1 
HETATM 1194 O  O   . HOH D 4 .   ? 1.304   8.144   3.056   1.00 38.86 ? 233 HOH A O   1 
HETATM 1195 O  O   . HOH D 4 .   ? -4.477  5.691   3.193   1.00 41.22 ? 234 HOH A O   1 
HETATM 1196 O  O   A HOH D 4 .   ? -4.163  -9.885  0.237   0.70 24.13 ? 235 HOH A O   1 
HETATM 1197 O  O   . HOH D 4 .   ? -2.602  -11.436 1.047   0.30 20.75 ? 236 HOH A O   1 
HETATM 1198 O  O   . HOH D 4 .   ? -13.589 0.876   5.451   1.00 38.01 ? 237 HOH A O   1 
HETATM 1199 O  O   . HOH D 4 .   ? 3.302   14.757  -4.533  1.00 29.30 ? 238 HOH A O   1 
HETATM 1200 O  O   . HOH D 4 .   ? -12.073 0.107   -16.411 1.00 25.69 ? 239 HOH A O   1 
HETATM 1201 O  O   . HOH D 4 .   ? -14.697 -0.990  -16.437 1.00 27.85 ? 240 HOH A O   1 
HETATM 1202 O  O   . HOH D 4 .   ? -7.290  -4.990  -17.953 1.00 36.45 ? 241 HOH A O   1 
HETATM 1203 O  O   B HOH D 4 .   ? -1.834  -5.685  -16.045 0.60 29.27 ? 242 HOH A O   1 
HETATM 1204 O  O   . HOH D 4 .   ? -8.356  5.656   2.336   1.00 30.67 ? 243 HOH A O   1 
HETATM 1205 O  O   . HOH D 4 .   ? -9.597  2.637   7.511   1.00 28.71 ? 244 HOH A O   1 
HETATM 1206 O  O   . HOH D 4 .   ? -6.351  4.076   8.176   1.00 33.90 ? 245 HOH A O   1 
HETATM 1207 O  O   . HOH D 4 .   ? -17.820 -3.234  -14.613 0.50 26.75 ? 246 HOH A O   1 
HETATM 1208 O  O   . HOH D 4 .   ? -0.624  -9.250  15.826  1.00 38.46 ? 247 HOH A O   1 
HETATM 1209 O  O   . HOH D 4 .   ? 8.794   3.416   18.037  1.00 27.37 ? 248 HOH A O   1 
HETATM 1210 O  O   . HOH D 4 .   ? -4.564  4.106   10.157  1.00 32.05 ? 249 HOH A O   1 
HETATM 1211 O  O   . HOH D 4 .   ? -0.950  -8.960  -5.352  1.00 45.74 ? 250 HOH A O   1 
HETATM 1212 O  O   . HOH D 4 .   ? 15.110  5.260   13.245  1.00 44.30 ? 251 HOH A O   1 
HETATM 1213 O  O   . HOH D 4 .   ? -1.296  -11.809 13.764  0.50 30.06 ? 252 HOH A O   1 
HETATM 1214 O  O   . HOH D 4 .   ? 9.782   -2.763  10.482  1.00 48.22 ? 253 HOH A O   1 
HETATM 1215 O  O   A HOH D 4 .   ? 8.068   -18.776 -2.350  0.70 19.82 ? 254 HOH A O   1 
HETATM 1216 O  O   . HOH D 4 .   ? 4.917   15.374  -3.004  1.00 30.70 ? 255 HOH A O   1 
HETATM 1217 O  O   . HOH D 4 .   ? -16.587 0.684   -16.795 1.00 36.11 ? 256 HOH A O   1 
HETATM 1218 O  O   . HOH D 4 .   ? -15.331 -3.465  -16.056 1.00 33.83 ? 257 HOH A O   1 
HETATM 1219 O  O   . HOH D 4 .   ? 16.314  -10.426 -9.267  1.00 29.25 ? 258 HOH A O   1 
HETATM 1220 O  O   . HOH D 4 .   ? 16.690  -5.717  1.013   1.00 41.57 ? 259 HOH A O   1 
HETATM 1221 O  O   . HOH D 4 .   ? 3.783   -14.986 -6.364  1.00 33.61 ? 260 HOH A O   1 
HETATM 1222 O  O   . HOH D 4 .   ? 5.087   -8.074  8.546   1.00 33.68 ? 261 HOH A O   1 
HETATM 1223 O  O   . HOH D 4 .   ? 12.861  11.318  17.950  1.00 43.84 ? 262 HOH A O   1 
HETATM 1224 O  O   A HOH D 4 .   ? 14.973  -2.123  6.216   0.70 32.95 ? 263 HOH A O   1 
HETATM 1225 O  O   B HOH D 4 .   ? 15.411  0.037   6.485   0.30 14.34 ? 263 HOH A O   1 
HETATM 1226 O  O   . HOH D 4 .   ? -14.019 3.860   -17.522 1.00 39.85 ? 264 HOH A O   1 
HETATM 1227 O  O   . HOH D 4 .   ? 2.404   12.671  -11.905 1.00 38.60 ? 265 HOH A O   1 
HETATM 1228 O  O   . HOH D 4 .   ? 1.973   3.594   -10.818 0.50 25.19 ? 266 HOH A O   1 
HETATM 1229 O  O   . HOH D 4 .   ? 13.910  -3.201  4.045   1.00 37.01 ? 267 HOH A O   1 
HETATM 1230 O  O   . HOH D 4 .   ? 16.454  -3.517  0.328   1.00 33.59 ? 268 HOH A O   1 
HETATM 1231 O  O   . HOH D 4 .   ? 14.202  3.088   11.455  0.50 31.97 ? 269 HOH A O   1 
HETATM 1232 O  O   A HOH D 4 .   ? 1.368   12.047  -19.854 0.40 17.20 ? 270 HOH A O   1 
HETATM 1233 O  O   . HOH D 4 .   ? -17.862 4.128   -1.200  1.00 49.64 ? 271 HOH A O   1 
HETATM 1234 O  O   A HOH D 4 .   ? -11.772 -5.258  5.686   0.50 29.36 ? 272 HOH A O   1 
HETATM 1235 O  O   . HOH D 4 .   ? -5.670  -12.862 -3.363  1.00 45.53 ? 273 HOH A O   1 
HETATM 1236 O  O   . HOH D 4 .   ? 1.287   -20.978 4.683   1.00 47.66 ? 274 HOH A O   1 
HETATM 1237 O  O   A HOH D 4 .   ? -19.108 3.801   -9.668  0.70 31.85 ? 275 HOH A O   1 
HETATM 1238 O  O   . HOH D 4 .   ? 1.826   16.234  -2.527  1.00 41.34 ? 276 HOH A O   1 
HETATM 1239 O  O   . HOH D 4 .   ? 2.377   16.635  -5.489  0.50 28.80 ? 277 HOH A O   1 
HETATM 1240 O  O   . HOH D 4 .   ? -6.670  4.473   4.480   1.00 39.78 ? 278 HOH A O   1 
HETATM 1241 O  O   . HOH D 4 .   ? 5.631   -15.877 -8.135  1.00 43.08 ? 279 HOH A O   1 
HETATM 1242 O  O   . HOH D 4 .   ? -16.455 5.860   -18.705 1.00 47.81 ? 280 HOH A O   1 
HETATM 1243 O  O   . HOH D 4 .   ? 1.333   -10.708 13.594  0.50 32.42 ? 281 HOH A O   1 
HETATM 1244 O  O   . HOH D 4 .   ? -11.577 1.177   7.566   1.00 46.78 ? 282 HOH A O   1 
HETATM 1245 O  O   . HOH D 4 .   ? -19.909 -1.084  -1.084  1.00 45.40 ? 283 HOH A O   1 
HETATM 1246 O  O   A HOH D 4 .   ? -17.423 0.008   4.450   0.50 37.87 ? 284 HOH A O   1 
HETATM 1247 O  O   . HOH D 4 .   ? -12.036 5.035   3.538   1.00 35.01 ? 285 HOH A O   1 
HETATM 1248 O  O   . HOH D 4 .   ? -3.812  -10.905 -13.967 1.00 41.22 ? 286 HOH A O   1 
HETATM 1249 O  O   A HOH D 4 .   ? 1.499   -1.321  -1.623  0.40 7.31  ? 287 HOH A O   1 
HETATM 1250 O  O   . HOH D 4 .   ? -2.064  4.963   13.882  1.00 36.55 ? 288 HOH A O   1 
HETATM 1251 O  O   . HOH D 4 .   ? -16.330 -3.505  -6.298  1.00 42.11 ? 289 HOH A O   1 
HETATM 1252 O  O   . HOH D 4 .   ? -20.078 -1.372  -13.212 1.00 44.52 ? 290 HOH A O   1 
HETATM 1253 O  O   . HOH D 4 .   ? -11.939 1.026   -20.783 1.00 36.82 ? 291 HOH A O   1 
HETATM 1254 O  O   A HOH D 4 .   ? 13.315  16.025  15.443  0.50 22.69 ? 292 HOH A O   1 
HETATM 1255 O  O   . HOH D 4 .   ? -4.335  -12.286 -10.891 1.00 34.76 ? 293 HOH A O   1 
HETATM 1256 O  O   . HOH D 4 .   ? 11.707  -3.792  7.087   0.50 32.53 ? 294 HOH A O   1 
HETATM 1257 O  O   . HOH D 4 .   ? -20.256 -4.374  -15.003 1.00 43.26 ? 295 HOH A O   1 
HETATM 1258 O  O   A HOH D 4 .   ? 7.634   -6.879  6.993   0.70 35.56 ? 296 HOH A O   1 
HETATM 1259 O  O   B HOH D 4 .   ? 9.172   -7.141  6.128   0.30 16.96 ? 296 HOH A O   1 
HETATM 1260 O  O   B HOH D 4 .   ? -7.782  13.707  -2.628  0.40 20.39 ? 297 HOH A O   1 
HETATM 1261 O  O   . HOH D 4 .   ? 1.900   12.901  14.969  0.50 38.41 ? 298 HOH A O   1 
HETATM 1262 O  O   B HOH D 4 .   ? -3.777  13.531  -0.785  0.50 16.12 ? 299 HOH A O   1 
HETATM 1263 O  O   . HOH D 4 .   ? -4.388  15.015  -13.148 0.50 25.05 ? 300 HOH A O   1 
HETATM 1264 O  O   . HOH D 4 .   ? -0.199  14.058  -13.994 0.50 31.26 ? 301 HOH A O   1 
HETATM 1265 O  O   . HOH D 4 .   ? -5.330  -7.635  19.324  0.50 29.82 ? 302 HOH A O   1 
HETATM 1266 O  O   . HOH D 4 .   ? -10.223 2.403   9.775   0.50 25.87 ? 303 HOH A O   1 
HETATM 1267 O  O   . HOH D 4 .   ? 3.318   -6.159  -0.501  0.50 25.64 ? 304 HOH A O   1 
HETATM 1268 O  O   . HOH D 4 .   ? 2.927   -6.771  17.611  1.00 35.43 ? 305 HOH A O   1 
# 
